data_5LY2
#
_entry.id   5LY2
#
_cell.length_a   58.306
_cell.length_b   103.747
_cell.length_c   142.367
_cell.angle_alpha   90.00
_cell.angle_beta   99.14
_cell.angle_gamma   90.00
#
_symmetry.space_group_name_H-M   'P 1 21 1'
#
loop_
_entity.id
_entity.type
_entity.pdbx_description
1 polymer 'Lysine-specific demethylase 4A'
2 polymer CP2_R6Kme3
3 non-polymer 'NICKEL (II) ION'
4 non-polymer 'ZINC ION'
5 non-polymer N-OXALYLGLYCINE
6 non-polymer GLYCEROL
7 non-polymer 'CHLORIDE ION'
8 water water
#
loop_
_entity_poly.entity_id
_entity_poly.type
_entity_poly.pdbx_seq_one_letter_code
_entity_poly.pdbx_strand_id
1 'polypeptide(L)'
;MHHHHHHSSGVDLGTENLYFQSMASESETLNPSARIMTFYPTMEEFRNFSRYIAYIESQGAHRAGLAKVVPPKEWKPRAS
YDDIDDLVIPAPIQQLVTGQSGLFTQYNIQKKAMTVREFRKIANSDKYCTPRYSEFEELERKYWKNLTFNPPIYGADVNG
TLYEKHVDEWNIGRLRTILDLVEKESGITIEGVNTPYLYFGMWKTSFAWHTEDMDLYSINYLHFGEPKSWYSVPPEHGKR
LERLAKGFFPGSAQSCEAFLRHKMTLISPLMLKKYGIPFDKVTQEAGEFMITFPYGYHAGFNHGFNCAESTNFATRRWIE
YGKQAVLCSCRKDMVKISMDVFVRKFQPERYKLWKAGKDNTVIDHTLPTPEAAEFLKESEL
;
A,B,C,D
2 'polypeptide(L)' (48V)(DTY)VYNT(M3L)SGWRWYT E,F,G,H
#
loop_
_chem_comp.id
_chem_comp.type
_chem_comp.name
_chem_comp.formula
48V peptide-like '{[(2R)-2,3-diamino-3-oxopropyl]sulfanyl}acetic acid' 'C5 H10 N2 O3 S'
CL non-polymer 'CHLORIDE ION' 'Cl -1'
GOL non-polymer GLYCEROL 'C3 H8 O3'
NI non-polymer 'NICKEL (II) ION' 'Ni 2'
OGA non-polymer N-OXALYLGLYCINE 'C4 H5 N O5'
ZN non-polymer 'ZINC ION' 'Zn 2'
#
# COMPACT_ATOMS: atom_id res chain seq x y z
N THR A 29 14.50 40.13 -55.79
CA THR A 29 15.92 40.46 -55.75
C THR A 29 16.41 40.72 -54.32
N LEU A 30 15.58 40.36 -53.35
CA LEU A 30 15.82 40.73 -51.96
C LEU A 30 16.22 39.49 -51.18
N ASN A 31 17.38 39.57 -50.53
CA ASN A 31 17.97 38.44 -49.82
C ASN A 31 17.99 37.20 -50.72
N PRO A 32 18.59 37.29 -51.91
CA PRO A 32 18.59 36.14 -52.83
C PRO A 32 19.30 34.92 -52.29
N SER A 33 20.20 35.08 -51.32
CA SER A 33 20.92 33.96 -50.75
C SER A 33 20.15 33.26 -49.63
N ALA A 34 19.00 33.81 -49.24
CA ALA A 34 18.13 33.17 -48.24
C ALA A 34 18.86 32.96 -46.92
N ARG A 35 19.64 33.96 -46.50
CA ARG A 35 20.36 33.88 -45.24
C ARG A 35 19.52 34.47 -44.12
N ILE A 36 19.70 33.91 -42.92
CA ILE A 36 18.92 34.32 -41.76
C ILE A 36 19.26 35.77 -41.40
N MET A 37 18.24 36.60 -41.32
CA MET A 37 18.40 38.02 -41.07
C MET A 37 17.91 38.37 -39.67
N THR A 38 18.51 39.39 -39.08
CA THR A 38 18.16 39.87 -37.75
C THR A 38 17.62 41.30 -37.87
N PHE A 39 16.60 41.60 -37.07
CA PHE A 39 15.98 42.92 -37.10
C PHE A 39 15.98 43.53 -35.70
N TYR A 40 16.11 44.85 -35.67
CA TYR A 40 16.15 45.62 -34.43
C TYR A 40 15.09 46.72 -34.51
N PRO A 41 13.81 46.36 -34.38
CA PRO A 41 12.76 47.38 -34.49
C PRO A 41 12.83 48.39 -33.36
N THR A 42 12.57 49.65 -33.69
CA THR A 42 12.31 50.62 -32.62
C THR A 42 10.99 50.28 -31.96
N MET A 43 10.75 50.89 -30.80
CA MET A 43 9.48 50.66 -30.11
C MET A 43 8.31 51.06 -30.99
N GLU A 44 8.49 52.10 -31.82
CA GLU A 44 7.42 52.51 -32.72
C GLU A 44 7.10 51.41 -33.73
N GLU A 45 8.13 50.79 -34.31
CA GLU A 45 7.91 49.73 -35.29
C GLU A 45 7.39 48.45 -34.65
N PHE A 46 7.51 48.33 -33.33
CA PHE A 46 7.13 47.15 -32.56
C PHE A 46 5.64 47.11 -32.24
N ARG A 47 4.94 48.23 -32.40
N ARG A 47 4.91 48.22 -32.37
CA ARG A 47 3.56 48.37 -31.93
CA ARG A 47 3.55 48.25 -31.85
C ARG A 47 2.62 47.42 -32.64
C ARG A 47 2.59 47.38 -32.64
N ASN A 48 2.79 47.28 -33.95
CA ASN A 48 1.91 46.46 -34.79
C ASN A 48 2.69 45.24 -35.24
N PHE A 49 2.38 44.11 -34.64
CA PHE A 49 3.08 42.86 -34.95
C PHE A 49 2.93 42.48 -36.42
N SER A 50 1.69 42.46 -36.91
CA SER A 50 1.45 42.08 -38.30
C SER A 50 2.21 43.00 -39.26
N ARG A 51 2.21 44.30 -39.00
CA ARG A 51 2.92 45.22 -39.88
C ARG A 51 4.39 44.86 -39.97
N TYR A 52 5.03 44.59 -38.83
CA TYR A 52 6.45 44.31 -38.86
C TYR A 52 6.74 42.97 -39.52
N ILE A 53 5.82 42.01 -39.43
CA ILE A 53 5.99 40.78 -40.21
C ILE A 53 5.94 41.10 -41.70
N ALA A 54 4.99 41.96 -42.11
CA ALA A 54 4.96 42.42 -43.49
C ALA A 54 6.27 43.07 -43.90
N TYR A 55 6.88 43.85 -43.01
CA TYR A 55 8.12 44.55 -43.35
C TYR A 55 9.27 43.56 -43.53
N ILE A 56 9.53 42.73 -42.51
CA ILE A 56 10.65 41.79 -42.63
C ILE A 56 10.47 40.93 -43.87
N GLU A 57 9.22 40.60 -44.23
CA GLU A 57 9.02 39.85 -45.46
C GLU A 57 9.26 40.72 -46.69
N SER A 58 8.95 42.01 -46.62
CA SER A 58 9.31 42.90 -47.71
C SER A 58 10.82 42.95 -47.92
N GLN A 59 11.60 42.56 -46.91
CA GLN A 59 13.06 42.54 -47.04
C GLN A 59 13.61 41.18 -47.47
N GLY A 60 12.78 40.16 -47.64
CA GLY A 60 13.26 38.85 -48.02
C GLY A 60 13.64 37.93 -46.88
N ALA A 61 13.21 38.24 -45.65
CA ALA A 61 13.55 37.39 -44.51
C ALA A 61 12.97 35.99 -44.64
N HIS A 62 11.82 35.87 -45.27
CA HIS A 62 11.10 34.60 -45.38
C HIS A 62 11.82 33.59 -46.26
N ARG A 63 12.75 34.04 -47.11
CA ARG A 63 13.44 33.11 -47.99
C ARG A 63 14.32 32.16 -47.20
N ALA A 64 14.90 32.62 -46.09
CA ALA A 64 15.67 31.74 -45.22
C ALA A 64 14.78 30.77 -44.47
N GLY A 65 13.51 31.14 -44.26
CA GLY A 65 12.59 30.34 -43.49
C GLY A 65 12.64 30.59 -42.00
N LEU A 66 13.65 31.32 -41.52
CA LEU A 66 13.82 31.58 -40.10
C LEU A 66 14.44 32.96 -39.94
N ALA A 67 13.92 33.75 -39.00
CA ALA A 67 14.37 35.10 -38.75
C ALA A 67 14.47 35.36 -37.25
N LYS A 68 15.29 36.35 -36.90
CA LYS A 68 15.43 36.78 -35.51
C LYS A 68 15.05 38.24 -35.38
N VAL A 69 14.31 38.56 -34.32
CA VAL A 69 13.92 39.92 -33.99
C VAL A 69 14.39 40.23 -32.58
N VAL A 70 15.14 41.32 -32.44
CA VAL A 70 15.63 41.81 -31.15
C VAL A 70 14.72 42.96 -30.71
N PRO A 71 13.91 42.80 -29.67
CA PRO A 71 13.04 43.90 -29.23
C PRO A 71 13.83 44.99 -28.54
N PRO A 72 13.25 46.19 -28.40
CA PRO A 72 13.95 47.28 -27.74
C PRO A 72 14.26 46.96 -26.28
N LYS A 73 15.39 47.53 -25.80
CA LYS A 73 15.87 47.20 -24.47
C LYS A 73 14.83 47.50 -23.39
N GLU A 74 14.09 48.60 -23.55
CA GLU A 74 13.14 48.99 -22.52
C GLU A 74 11.96 48.03 -22.41
N TRP A 75 11.66 47.26 -23.45
CA TRP A 75 10.49 46.39 -23.44
C TRP A 75 10.71 45.18 -22.56
N LYS A 76 9.68 44.81 -21.80
CA LYS A 76 9.72 43.64 -20.93
C LYS A 76 8.36 42.95 -20.94
N PRO A 77 8.29 41.65 -21.26
CA PRO A 77 7.00 40.96 -21.18
C PRO A 77 6.57 40.68 -19.75
N ARG A 78 7.53 40.46 -18.84
CA ARG A 78 7.24 40.09 -17.47
C ARG A 78 8.21 40.82 -16.55
N ALA A 79 7.67 41.45 -15.51
CA ALA A 79 8.51 42.23 -14.60
C ALA A 79 9.52 41.35 -13.90
N SER A 80 9.11 40.16 -13.44
CA SER A 80 10.00 39.26 -12.71
C SER A 80 9.64 37.81 -13.01
N TYR A 81 10.63 36.93 -12.91
CA TYR A 81 10.47 35.51 -13.16
C TYR A 81 10.70 34.65 -11.92
N ASP A 82 10.76 35.24 -10.73
CA ASP A 82 11.09 34.50 -9.52
C ASP A 82 9.89 33.88 -8.83
N ASP A 83 8.68 34.06 -9.36
CA ASP A 83 7.48 33.54 -8.73
C ASP A 83 6.85 32.39 -9.53
N ILE A 84 7.67 31.65 -10.29
CA ILE A 84 7.17 30.56 -11.10
C ILE A 84 7.77 29.22 -10.70
N ASP A 85 8.54 29.17 -9.61
CA ASP A 85 9.21 27.93 -9.21
C ASP A 85 8.21 26.79 -8.99
N ASP A 86 6.97 27.09 -8.64
CA ASP A 86 5.97 26.06 -8.39
C ASP A 86 5.04 25.84 -9.58
N LEU A 87 5.33 26.45 -10.72
CA LEU A 87 4.60 26.13 -11.95
C LEU A 87 4.75 24.64 -12.27
N VAL A 88 3.64 24.00 -12.62
CA VAL A 88 3.60 22.56 -12.86
C VAL A 88 3.82 22.29 -14.34
N ILE A 89 4.78 21.41 -14.64
CA ILE A 89 4.98 20.87 -15.98
C ILE A 89 4.24 19.52 -16.05
N PRO A 90 3.10 19.44 -16.76
CA PRO A 90 2.29 18.22 -16.64
C PRO A 90 2.94 16.97 -17.24
N ALA A 91 3.69 17.08 -18.34
CA ALA A 91 4.16 15.90 -19.07
C ALA A 91 5.60 16.09 -19.56
N PRO A 92 6.55 16.16 -18.64
CA PRO A 92 7.97 16.14 -19.04
C PRO A 92 8.26 14.97 -19.95
N ILE A 93 9.18 15.17 -20.91
CA ILE A 93 9.55 14.14 -21.87
C ILE A 93 11.03 13.83 -21.73
N GLN A 94 11.33 12.57 -21.46
CA GLN A 94 12.68 12.02 -21.52
C GLN A 94 12.99 11.70 -22.98
N GLN A 95 14.01 12.36 -23.54
CA GLN A 95 14.26 12.35 -24.98
C GLN A 95 15.29 11.27 -25.31
N LEU A 96 14.79 10.11 -25.74
CA LEU A 96 15.65 9.00 -26.13
C LEU A 96 15.93 9.05 -27.61
N VAL A 97 17.18 8.84 -27.99
CA VAL A 97 17.58 8.96 -29.38
C VAL A 97 18.35 7.72 -29.79
N THR A 98 18.06 7.23 -30.99
CA THR A 98 18.79 6.10 -31.57
C THR A 98 19.31 6.51 -32.94
N GLY A 99 20.48 6.02 -33.30
CA GLY A 99 21.00 6.27 -34.64
C GLY A 99 22.51 6.39 -34.65
N GLN A 100 23.01 6.70 -35.84
CA GLN A 100 24.44 6.72 -36.09
C GLN A 100 24.70 7.54 -37.35
N SER A 101 25.94 8.00 -37.50
CA SER A 101 26.39 8.66 -38.72
C SER A 101 25.43 9.77 -39.12
N GLY A 102 25.10 10.64 -38.15
CA GLY A 102 24.29 11.81 -38.41
C GLY A 102 22.81 11.57 -38.64
N LEU A 103 22.34 10.33 -38.55
CA LEU A 103 20.93 10.02 -38.70
C LEU A 103 20.39 9.52 -37.37
N PHE A 104 19.29 10.12 -36.89
CA PHE A 104 18.74 9.71 -35.62
C PHE A 104 17.22 9.84 -35.58
N THR A 105 16.63 9.03 -34.71
CA THR A 105 15.21 9.05 -34.40
C THR A 105 15.05 9.33 -32.91
N GLN A 106 14.10 10.20 -32.58
CA GLN A 106 13.88 10.66 -31.21
C GLN A 106 12.51 10.18 -30.73
N TYR A 107 12.51 9.52 -29.58
CA TYR A 107 11.32 9.05 -28.89
C TYR A 107 11.16 9.84 -27.60
N ASN A 108 9.98 10.42 -27.41
CA ASN A 108 9.70 11.20 -26.22
C ASN A 108 8.91 10.34 -25.24
N ILE A 109 9.52 10.05 -24.09
CA ILE A 109 8.87 9.20 -23.09
C ILE A 109 8.29 10.09 -22.00
N GLN A 110 6.98 9.97 -21.77
CA GLN A 110 6.31 10.81 -20.80
C GLN A 110 6.79 10.48 -19.40
N LYS A 111 6.92 11.51 -18.57
CA LYS A 111 7.24 11.33 -17.16
C LYS A 111 6.18 12.04 -16.32
N LYS A 112 6.24 11.77 -15.02
CA LYS A 112 5.29 12.34 -14.08
C LYS A 112 5.50 13.85 -13.98
N ALA A 113 4.44 14.57 -13.64
CA ALA A 113 4.52 16.02 -13.58
C ALA A 113 5.56 16.47 -12.55
N MET A 114 6.27 17.54 -12.88
CA MET A 114 7.24 18.11 -11.95
C MET A 114 7.18 19.63 -12.02
N THR A 115 7.56 20.26 -10.92
CA THR A 115 7.58 21.71 -10.85
C THR A 115 8.79 22.26 -11.60
N VAL A 116 8.75 23.56 -11.88
CA VAL A 116 9.87 24.20 -12.56
C VAL A 116 11.12 24.14 -11.70
N ARG A 117 10.97 24.22 -10.37
CA ARG A 117 12.13 24.20 -9.49
C ARG A 117 12.81 22.84 -9.48
N GLU A 118 12.02 21.76 -9.54
CA GLU A 118 12.59 20.42 -9.66
C GLU A 118 13.30 20.26 -11.01
N PHE A 119 12.68 20.76 -12.09
CA PHE A 119 13.30 20.71 -13.40
C PHE A 119 14.64 21.44 -13.41
N ARG A 120 14.66 22.66 -12.86
CA ARG A 120 15.89 23.44 -12.82
C ARG A 120 16.93 22.77 -11.93
N LYS A 121 16.49 22.14 -10.83
CA LYS A 121 17.41 21.41 -9.98
C LYS A 121 18.12 20.33 -10.79
N ILE A 122 17.35 19.55 -11.56
CA ILE A 122 17.95 18.47 -12.35
C ILE A 122 18.83 19.05 -13.46
N ALA A 123 18.40 20.16 -14.07
CA ALA A 123 19.11 20.68 -15.23
C ALA A 123 20.50 21.17 -14.85
N ASN A 124 20.62 21.82 -13.69
CA ASN A 124 21.89 22.40 -13.27
C ASN A 124 22.80 21.40 -12.57
N SER A 125 22.34 20.17 -12.34
CA SER A 125 23.16 19.19 -11.65
C SER A 125 24.30 18.69 -12.55
N ASP A 126 25.24 17.98 -11.94
CA ASP A 126 26.38 17.47 -12.70
C ASP A 126 25.93 16.51 -13.79
N LYS A 127 24.97 15.64 -13.47
CA LYS A 127 24.52 14.64 -14.43
C LYS A 127 24.08 15.28 -15.75
N TYR A 128 23.37 16.40 -15.68
CA TYR A 128 22.76 16.98 -16.87
C TYR A 128 23.24 18.38 -17.23
N CYS A 129 24.12 18.99 -16.44
CA CYS A 129 24.51 20.37 -16.69
C CYS A 129 25.14 20.51 -18.07
N THR A 130 25.24 21.76 -18.53
CA THR A 130 25.93 22.05 -19.78
C THR A 130 27.43 21.79 -19.63
N PRO A 131 28.06 21.05 -20.55
CA PRO A 131 29.51 20.85 -20.45
C PRO A 131 30.28 22.12 -20.75
N ARG A 132 31.41 22.27 -20.06
CA ARG A 132 32.26 23.44 -20.25
C ARG A 132 32.95 23.37 -21.61
N TYR A 133 32.94 24.50 -22.33
CA TYR A 133 33.45 24.54 -23.69
C TYR A 133 33.99 25.94 -23.97
N SER A 134 34.76 26.05 -25.07
CA SER A 134 35.35 27.32 -25.45
C SER A 134 34.46 28.09 -26.42
N GLU A 135 34.12 27.49 -27.57
CA GLU A 135 33.41 28.18 -28.64
C GLU A 135 32.17 27.39 -29.04
N PHE A 136 31.24 28.10 -29.69
CA PHE A 136 29.97 27.49 -30.07
C PHE A 136 30.17 26.21 -30.86
N GLU A 137 31.15 26.20 -31.77
CA GLU A 137 31.41 25.00 -32.56
C GLU A 137 31.73 23.80 -31.67
N GLU A 138 32.35 24.06 -30.52
CA GLU A 138 32.67 22.99 -29.58
C GLU A 138 31.40 22.40 -28.98
N LEU A 139 30.45 23.25 -28.57
CA LEU A 139 29.21 22.75 -28.01
C LEU A 139 28.35 22.06 -29.06
N GLU A 140 28.42 22.52 -30.31
CA GLU A 140 27.69 21.87 -31.39
C GLU A 140 28.26 20.48 -31.67
N ARG A 141 29.59 20.38 -31.74
CA ARG A 141 30.21 19.08 -31.90
C ARG A 141 29.85 18.14 -30.76
N LYS A 142 29.90 18.64 -29.52
CA LYS A 142 29.58 17.77 -28.39
C LYS A 142 28.11 17.36 -28.40
N TYR A 143 27.22 18.26 -28.81
CA TYR A 143 25.81 17.89 -28.93
C TYR A 143 25.64 16.75 -29.93
N TRP A 144 26.21 16.88 -31.13
CA TRP A 144 26.05 15.82 -32.11
C TRP A 144 26.79 14.54 -31.70
N LYS A 145 27.82 14.67 -30.87
CA LYS A 145 28.57 13.49 -30.43
C LYS A 145 27.83 12.74 -29.33
N ASN A 146 27.21 13.47 -28.39
CA ASN A 146 26.63 12.89 -27.19
C ASN A 146 25.10 12.82 -27.25
N LEU A 147 24.53 13.05 -28.44
CA LEU A 147 23.08 13.17 -28.57
C LEU A 147 22.36 11.95 -28.02
N THR A 148 22.86 10.76 -28.34
CA THR A 148 22.22 9.51 -27.90
C THR A 148 22.51 9.18 -26.43
N PHE A 149 23.49 9.82 -25.82
CA PHE A 149 23.90 9.47 -24.47
C PHE A 149 23.18 10.32 -23.42
N ASN A 150 23.02 9.74 -22.23
CA ASN A 150 22.42 10.41 -21.08
C ASN A 150 21.21 11.25 -21.47
N PRO A 151 20.09 10.63 -21.86
CA PRO A 151 18.94 11.39 -22.35
C PRO A 151 18.51 12.46 -21.36
N PRO A 152 18.29 13.70 -21.82
CA PRO A 152 17.79 14.76 -20.94
C PRO A 152 16.27 14.69 -20.83
N ILE A 153 15.71 15.60 -20.03
CA ILE A 153 14.26 15.80 -19.95
C ILE A 153 13.95 17.18 -20.50
N TYR A 154 12.81 17.29 -21.17
CA TYR A 154 12.36 18.53 -21.79
C TYR A 154 10.97 18.87 -21.27
N GLY A 155 10.85 20.02 -20.61
CA GLY A 155 9.57 20.47 -20.12
C GLY A 155 8.75 21.11 -21.22
N ALA A 156 8.24 20.30 -22.14
CA ALA A 156 7.69 20.79 -23.39
C ALA A 156 6.17 20.78 -23.38
N ASP A 157 5.60 21.59 -24.26
CA ASP A 157 4.16 21.60 -24.53
C ASP A 157 3.35 21.94 -23.29
N VAL A 158 3.83 22.89 -22.50
CA VAL A 158 3.14 23.34 -21.30
C VAL A 158 2.17 24.46 -21.67
N ASN A 159 0.89 24.25 -21.37
CA ASN A 159 -0.11 25.30 -21.56
C ASN A 159 0.11 26.41 -20.54
N GLY A 160 0.20 27.64 -21.01
CA GLY A 160 0.40 28.77 -20.13
C GLY A 160 1.15 29.88 -20.84
N THR A 161 1.16 31.04 -20.19
CA THR A 161 1.93 32.18 -20.67
C THR A 161 2.61 32.85 -19.50
N LEU A 162 3.82 33.35 -19.74
CA LEU A 162 4.53 34.19 -18.79
C LEU A 162 4.34 35.68 -19.09
N TYR A 163 3.55 36.02 -20.10
CA TYR A 163 3.23 37.41 -20.38
C TYR A 163 2.28 37.98 -19.34
N GLU A 164 2.56 39.20 -18.91
CA GLU A 164 1.63 39.95 -18.08
C GLU A 164 0.52 40.53 -18.96
N LYS A 165 -0.68 40.66 -18.37
CA LYS A 165 -1.85 40.99 -19.16
C LYS A 165 -1.72 42.32 -19.89
N HIS A 166 -1.00 43.28 -19.32
CA HIS A 166 -0.97 44.64 -19.84
C HIS A 166 -0.03 44.82 -21.03
N VAL A 167 0.63 43.77 -21.51
CA VAL A 167 1.62 43.88 -22.57
C VAL A 167 0.88 43.78 -23.91
N ASP A 168 0.79 44.91 -24.62
CA ASP A 168 0.09 44.95 -25.90
C ASP A 168 1.00 44.68 -27.09
N GLU A 169 2.32 44.62 -26.90
CA GLU A 169 3.26 44.49 -28.00
C GLU A 169 3.76 43.05 -28.09
N TRP A 170 3.52 42.42 -29.24
CA TRP A 170 4.06 41.08 -29.50
C TRP A 170 3.70 40.11 -28.39
N ASN A 171 2.44 40.17 -27.95
CA ASN A 171 1.97 39.27 -26.91
C ASN A 171 1.57 37.94 -27.54
N ILE A 172 2.34 36.89 -27.22
CA ILE A 172 2.07 35.57 -27.78
C ILE A 172 0.66 35.10 -27.42
N GLY A 173 0.08 35.64 -26.35
CA GLY A 173 -1.28 35.24 -25.98
C GLY A 173 -2.32 35.78 -26.93
N ARG A 174 -2.17 37.04 -27.38
CA ARG A 174 -3.16 37.70 -28.22
C ARG A 174 -2.45 38.45 -29.34
N LEU A 175 -2.05 37.72 -30.38
CA LEU A 175 -1.32 38.30 -31.49
C LEU A 175 -2.22 38.97 -32.54
N ARG A 176 -3.53 38.80 -32.46
CA ARG A 176 -4.46 39.40 -33.43
C ARG A 176 -4.02 39.11 -34.85
N THR A 177 -4.07 37.82 -35.20
CA THR A 177 -3.76 37.32 -36.52
C THR A 177 -5.03 36.77 -37.15
N ILE A 178 -5.05 36.70 -38.49
CA ILE A 178 -6.22 36.16 -39.15
C ILE A 178 -6.47 34.71 -38.73
N LEU A 179 -5.43 34.03 -38.24
CA LEU A 179 -5.59 32.67 -37.72
C LEU A 179 -6.67 32.61 -36.65
N ASP A 180 -6.88 33.70 -35.92
CA ASP A 180 -7.89 33.73 -34.87
C ASP A 180 -9.29 33.46 -35.39
N LEU A 181 -9.48 33.47 -36.72
CA LEU A 181 -10.77 33.10 -37.28
C LEU A 181 -11.13 31.65 -36.96
N VAL A 182 -10.14 30.77 -36.87
CA VAL A 182 -10.42 29.35 -36.66
C VAL A 182 -11.28 29.16 -35.42
N GLU A 183 -10.85 29.75 -34.29
CA GLU A 183 -11.66 29.68 -33.08
C GLU A 183 -13.00 30.39 -33.27
N LYS A 184 -12.98 31.56 -33.93
CA LYS A 184 -14.19 32.34 -34.07
C LYS A 184 -15.27 31.58 -34.85
N GLU A 185 -14.86 30.82 -35.87
CA GLU A 185 -15.81 30.07 -36.68
C GLU A 185 -16.14 28.72 -36.02
N SER A 186 -15.15 27.83 -35.97
CA SER A 186 -15.40 26.47 -35.48
C SER A 186 -15.67 26.45 -33.98
N GLY A 187 -15.16 27.43 -33.23
CA GLY A 187 -15.25 27.39 -31.79
C GLY A 187 -14.32 26.39 -31.14
N ILE A 188 -13.40 25.80 -31.90
CA ILE A 188 -12.49 24.78 -31.39
C ILE A 188 -11.08 25.38 -31.32
N THR A 189 -10.40 25.12 -30.21
CA THR A 189 -9.04 25.60 -30.00
C THR A 189 -8.05 24.44 -30.18
N ILE A 190 -6.87 24.78 -30.66
CA ILE A 190 -5.82 23.80 -30.95
C ILE A 190 -4.61 24.15 -30.09
N GLU A 191 -4.40 23.38 -29.03
CA GLU A 191 -3.33 23.68 -28.07
C GLU A 191 -1.99 23.81 -28.76
N GLY A 192 -1.33 24.95 -28.57
CA GLY A 192 -0.05 25.23 -29.18
C GLY A 192 -0.14 25.87 -30.54
N VAL A 193 -1.33 25.89 -31.17
CA VAL A 193 -1.55 26.56 -32.45
C VAL A 193 -2.31 27.86 -32.25
N ASN A 194 -3.54 27.78 -31.74
CA ASN A 194 -4.33 28.94 -31.36
C ASN A 194 -4.04 29.42 -29.95
N THR A 195 -3.17 28.75 -29.21
CA THR A 195 -2.93 29.08 -27.82
C THR A 195 -1.45 28.94 -27.51
N PRO A 196 -0.99 29.55 -26.41
CA PRO A 196 0.45 29.55 -26.10
C PRO A 196 0.94 28.28 -25.44
N TYR A 197 2.22 28.00 -25.65
CA TYR A 197 2.90 26.85 -25.08
C TYR A 197 4.20 27.31 -24.43
N LEU A 198 4.55 26.70 -23.29
CA LEU A 198 5.80 26.97 -22.61
C LEU A 198 6.71 25.76 -22.68
N TYR A 199 8.01 26.03 -22.79
CA TYR A 199 9.04 25.00 -22.92
C TYR A 199 10.14 25.28 -21.92
N PHE A 200 10.38 24.35 -21.01
CA PHE A 200 11.51 24.41 -20.11
C PHE A 200 12.55 23.44 -20.62
N GLY A 201 13.68 23.98 -21.07
CA GLY A 201 14.73 23.18 -21.69
C GLY A 201 15.95 22.99 -20.81
N MET A 202 16.68 21.91 -21.05
CA MET A 202 17.98 21.68 -20.44
C MET A 202 18.96 21.31 -21.54
N TRP A 203 20.23 21.14 -21.15
CA TRP A 203 21.26 20.79 -22.12
C TRP A 203 20.87 19.54 -22.89
N LYS A 204 21.07 19.59 -24.20
CA LYS A 204 20.93 18.47 -25.13
C LYS A 204 19.47 18.18 -25.49
N THR A 205 18.49 18.87 -24.92
CA THR A 205 17.13 18.73 -25.40
C THR A 205 17.00 19.36 -26.77
N SER A 206 16.24 18.73 -27.66
CA SER A 206 16.23 19.15 -29.05
C SER A 206 14.85 18.98 -29.67
N PHE A 207 14.63 19.71 -30.75
CA PHE A 207 13.42 19.62 -31.55
C PHE A 207 13.79 19.19 -32.97
N ALA A 208 13.06 18.21 -33.48
CA ALA A 208 13.42 17.53 -34.72
C ALA A 208 13.02 18.33 -35.94
N TRP A 209 13.55 17.91 -37.09
CA TRP A 209 13.23 18.58 -38.35
C TRP A 209 11.73 18.54 -38.60
N HIS A 210 11.15 19.70 -38.91
CA HIS A 210 9.71 19.80 -39.08
C HIS A 210 9.37 21.17 -39.64
N THR A 211 8.13 21.28 -40.12
CA THR A 211 7.48 22.57 -40.35
C THR A 211 6.28 22.66 -39.42
N GLU A 212 5.77 23.86 -39.25
CA GLU A 212 4.64 24.05 -38.35
C GLU A 212 3.41 23.35 -38.89
N ASP A 213 2.47 23.05 -37.99
CA ASP A 213 1.21 22.46 -38.41
C ASP A 213 0.56 23.31 -39.48
N MET A 214 0.01 22.66 -40.50
CA MET A 214 -0.61 23.34 -41.64
C MET A 214 0.36 24.27 -42.35
N ASP A 215 1.66 24.14 -42.09
CA ASP A 215 2.70 25.01 -42.66
C ASP A 215 2.46 26.46 -42.26
N LEU A 216 2.07 26.67 -41.00
CA LEU A 216 1.80 28.00 -40.47
C LEU A 216 3.10 28.73 -40.16
N TYR A 217 2.95 29.96 -39.66
CA TYR A 217 4.04 30.70 -39.06
C TYR A 217 4.23 30.30 -37.61
N SER A 218 5.47 30.44 -37.12
CA SER A 218 5.76 30.19 -35.72
C SER A 218 6.41 31.41 -35.09
N ILE A 219 6.08 31.63 -33.82
CA ILE A 219 6.75 32.64 -33.01
C ILE A 219 7.28 31.97 -31.76
N ASN A 220 8.56 32.23 -31.45
CA ASN A 220 9.26 31.70 -30.29
C ASN A 220 9.95 32.86 -29.58
N TYR A 221 9.75 32.97 -28.27
CA TYR A 221 10.40 34.00 -27.47
C TYR A 221 11.11 33.34 -26.31
N LEU A 222 12.42 33.59 -26.16
CA LEU A 222 13.14 33.01 -25.04
C LEU A 222 13.00 33.94 -23.83
N HIS A 223 12.26 33.50 -22.82
CA HIS A 223 12.02 34.32 -21.63
C HIS A 223 13.28 34.48 -20.79
N PHE A 224 13.97 33.38 -20.48
CA PHE A 224 15.18 33.48 -19.67
C PHE A 224 16.06 32.25 -19.90
N GLY A 225 17.28 32.31 -19.36
CA GLY A 225 18.17 31.16 -19.34
C GLY A 225 19.14 31.12 -20.52
N GLU A 226 19.60 29.91 -20.80
CA GLU A 226 20.65 29.69 -21.78
C GLU A 226 20.10 29.82 -23.20
N PRO A 227 20.98 29.86 -24.20
CA PRO A 227 20.52 30.08 -25.58
C PRO A 227 19.88 28.83 -26.17
N LYS A 228 19.28 29.04 -27.36
CA LYS A 228 18.68 27.97 -28.15
C LYS A 228 19.22 28.06 -29.57
N SER A 229 19.90 27.00 -30.02
CA SER A 229 20.48 26.95 -31.35
C SER A 229 19.50 26.35 -32.35
N TRP A 230 19.47 26.95 -33.54
CA TRP A 230 18.60 26.54 -34.62
C TRP A 230 19.38 26.29 -35.90
N TYR A 231 18.84 25.38 -36.71
CA TYR A 231 19.20 25.14 -38.09
C TYR A 231 17.96 25.38 -38.94
N SER A 232 18.16 25.99 -40.12
CA SER A 232 17.06 26.39 -40.98
C SER A 232 17.34 26.07 -42.43
N VAL A 233 16.38 25.43 -43.07
CA VAL A 233 16.40 25.15 -44.51
C VAL A 233 15.42 26.09 -45.20
N PRO A 234 15.85 26.85 -46.20
CA PRO A 234 14.92 27.79 -46.86
C PRO A 234 13.79 27.05 -47.54
N PRO A 235 12.56 27.57 -47.45
CA PRO A 235 11.41 26.86 -48.05
C PRO A 235 11.63 26.44 -49.50
N GLU A 236 12.35 27.23 -50.29
CA GLU A 236 12.56 26.90 -51.70
C GLU A 236 13.28 25.57 -51.89
N HIS A 237 13.94 25.06 -50.85
CA HIS A 237 14.63 23.79 -50.92
C HIS A 237 14.02 22.75 -49.98
N GLY A 238 12.87 23.07 -49.38
CA GLY A 238 12.23 22.11 -48.49
C GLY A 238 12.12 20.74 -49.10
N LYS A 239 11.64 20.67 -50.35
CA LYS A 239 11.44 19.38 -51.00
C LYS A 239 12.71 18.56 -50.97
N ARG A 240 13.86 19.19 -51.26
N ARG A 240 13.86 19.18 -51.25
CA ARG A 240 15.13 18.46 -51.24
CA ARG A 240 15.11 18.40 -51.25
C ARG A 240 15.30 17.72 -49.92
C ARG A 240 15.29 17.70 -49.91
N LEU A 241 15.17 18.45 -48.81
CA LEU A 241 15.27 17.82 -47.50
C LEU A 241 14.31 16.63 -47.44
N GLU A 242 13.04 16.88 -47.77
CA GLU A 242 12.07 15.79 -47.78
C GLU A 242 12.61 14.62 -48.56
N ARG A 243 13.04 14.86 -49.80
CA ARG A 243 13.52 13.75 -50.62
C ARG A 243 14.57 12.98 -49.85
N LEU A 244 15.60 13.70 -49.38
CA LEU A 244 16.68 13.07 -48.65
C LEU A 244 16.14 12.26 -47.48
N ALA A 245 15.26 12.87 -46.68
CA ALA A 245 14.75 12.18 -45.51
C ALA A 245 14.10 10.86 -45.91
N LYS A 246 13.30 10.88 -46.98
CA LYS A 246 12.62 9.67 -47.39
C LYS A 246 13.62 8.60 -47.81
N GLY A 247 14.72 9.02 -48.43
CA GLY A 247 15.76 8.08 -48.78
C GLY A 247 16.38 7.42 -47.56
N PHE A 248 16.53 8.18 -46.47
CA PHE A 248 17.20 7.68 -45.29
C PHE A 248 16.27 6.96 -44.34
N PHE A 249 14.97 7.17 -44.47
CA PHE A 249 13.97 6.49 -43.66
C PHE A 249 12.89 5.95 -44.58
N PRO A 250 13.24 5.01 -45.47
CA PRO A 250 12.27 4.55 -46.47
C PRO A 250 11.00 3.96 -45.85
N GLY A 251 11.15 3.11 -44.84
CA GLY A 251 10.00 2.50 -44.21
C GLY A 251 9.02 3.53 -43.66
N SER A 252 9.54 4.55 -42.98
CA SER A 252 8.68 5.58 -42.42
C SER A 252 7.90 6.29 -43.51
N ALA A 253 8.54 6.59 -44.65
CA ALA A 253 7.83 7.24 -45.74
C ALA A 253 6.76 6.35 -46.34
N GLN A 254 7.00 5.04 -46.39
CA GLN A 254 5.92 4.13 -46.77
C GLN A 254 4.75 4.24 -45.81
N SER A 255 5.04 4.30 -44.50
CA SER A 255 3.96 4.30 -43.51
C SER A 255 3.16 5.60 -43.49
N CYS A 256 3.77 6.74 -43.82
CA CYS A 256 3.07 8.02 -43.76
C CYS A 256 3.54 8.94 -44.87
N GLU A 257 2.63 9.82 -45.32
CA GLU A 257 2.92 10.76 -46.39
C GLU A 257 3.79 11.92 -45.92
N ALA A 258 3.76 12.24 -44.63
CA ALA A 258 4.50 13.36 -44.06
C ALA A 258 5.04 12.90 -42.71
N PHE A 259 5.96 11.93 -42.73
CA PHE A 259 6.45 11.38 -41.48
C PHE A 259 7.27 12.39 -40.69
N LEU A 260 7.78 13.45 -41.33
CA LEU A 260 8.49 14.48 -40.58
C LEU A 260 7.58 15.21 -39.60
N ARG A 261 6.27 15.23 -39.86
CA ARG A 261 5.35 15.85 -38.90
C ARG A 261 5.24 15.06 -37.61
N HIS A 262 5.79 13.85 -37.54
CA HIS A 262 5.88 13.17 -36.25
C HIS A 262 6.91 13.82 -35.34
N LYS A 263 7.77 14.69 -35.89
CA LYS A 263 8.80 15.41 -35.13
C LYS A 263 9.72 14.45 -34.39
N MET A 264 10.11 13.36 -35.07
CA MET A 264 11.02 12.38 -34.49
C MET A 264 12.36 12.30 -35.22
N THR A 265 12.52 13.01 -36.33
CA THR A 265 13.66 12.81 -37.22
C THR A 265 14.71 13.90 -37.00
N LEU A 266 15.91 13.47 -36.61
CA LEU A 266 17.04 14.36 -36.44
C LEU A 266 18.11 14.03 -37.48
N ILE A 267 18.63 15.07 -38.15
CA ILE A 267 19.59 14.91 -39.23
C ILE A 267 20.70 15.95 -39.01
N SER A 268 21.93 15.48 -38.87
CA SER A 268 23.01 16.39 -38.53
C SER A 268 23.33 17.31 -39.71
N PRO A 269 23.85 18.51 -39.43
CA PRO A 269 24.19 19.44 -40.52
C PRO A 269 25.19 18.86 -41.51
N LEU A 270 26.11 18.01 -41.06
CA LEU A 270 27.09 17.44 -41.97
C LEU A 270 26.45 16.55 -43.00
N MET A 271 25.35 15.88 -42.65
CA MET A 271 24.60 15.13 -43.65
C MET A 271 24.02 16.05 -44.72
N LEU A 272 23.55 17.23 -44.31
CA LEU A 272 23.02 18.20 -45.25
C LEU A 272 24.10 18.70 -46.20
N LYS A 273 25.29 19.02 -45.66
CA LYS A 273 26.41 19.36 -46.52
C LYS A 273 26.72 18.23 -47.50
N LYS A 274 26.79 17.00 -46.98
CA LYS A 274 27.15 15.88 -47.83
C LYS A 274 26.17 15.69 -48.98
N TYR A 275 24.90 16.09 -48.78
CA TYR A 275 23.89 15.87 -49.81
C TYR A 275 23.34 17.16 -50.42
N GLY A 276 24.02 18.28 -50.21
CA GLY A 276 23.68 19.49 -50.93
C GLY A 276 22.41 20.19 -50.52
N ILE A 277 21.92 19.94 -49.31
CA ILE A 277 20.75 20.68 -48.82
C ILE A 277 21.25 22.01 -48.25
N PRO A 278 20.79 23.15 -48.76
CA PRO A 278 21.22 24.43 -48.20
C PRO A 278 20.62 24.68 -46.82
N PHE A 279 21.43 25.22 -45.92
CA PHE A 279 20.93 25.57 -44.59
C PHE A 279 21.77 26.69 -44.00
N ASP A 280 21.26 27.27 -42.93
CA ASP A 280 22.00 28.23 -42.13
C ASP A 280 21.69 27.94 -40.66
N LYS A 281 22.52 28.45 -39.76
CA LYS A 281 22.29 28.25 -38.34
C LYS A 281 22.31 29.59 -37.62
N VAL A 282 21.56 29.66 -36.51
CA VAL A 282 21.35 30.90 -35.77
C VAL A 282 21.15 30.55 -34.31
N THR A 283 21.74 31.33 -33.41
CA THR A 283 21.59 31.11 -31.98
C THR A 283 20.77 32.23 -31.35
N GLN A 284 19.73 31.83 -30.63
CA GLN A 284 18.78 32.76 -30.01
C GLN A 284 19.14 32.93 -28.54
N GLU A 285 19.41 34.19 -28.16
N GLU A 285 19.37 34.18 -28.13
CA GLU A 285 19.73 34.55 -26.78
CA GLU A 285 19.71 34.48 -26.76
C GLU A 285 18.48 34.95 -26.02
C GLU A 285 18.48 34.99 -26.02
N ALA A 286 18.58 35.00 -24.69
CA ALA A 286 17.45 35.40 -23.86
C ALA A 286 16.99 36.80 -24.24
N GLY A 287 15.67 36.98 -24.22
CA GLY A 287 15.07 38.24 -24.60
C GLY A 287 14.87 38.42 -26.09
N GLU A 288 15.00 37.35 -26.87
CA GLU A 288 14.95 37.46 -28.33
C GLU A 288 13.83 36.59 -28.91
N PHE A 289 13.37 37.04 -30.09
CA PHE A 289 12.30 36.41 -30.85
C PHE A 289 12.86 35.69 -32.06
N MET A 290 12.29 34.53 -32.36
CA MET A 290 12.54 33.81 -33.61
C MET A 290 11.21 33.60 -34.31
N ILE A 291 11.17 33.93 -35.59
CA ILE A 291 9.99 33.74 -36.44
C ILE A 291 10.33 32.66 -37.44
N THR A 292 9.46 31.65 -37.56
CA THR A 292 9.56 30.68 -38.64
C THR A 292 8.47 30.96 -39.65
N PHE A 293 8.84 30.92 -40.92
CA PHE A 293 7.96 31.24 -42.01
C PHE A 293 7.40 29.98 -42.66
N PRO A 294 6.22 30.08 -43.25
CA PRO A 294 5.56 28.91 -43.83
C PRO A 294 6.49 27.99 -44.61
N TYR A 295 6.37 26.69 -44.34
CA TYR A 295 7.11 25.64 -45.03
C TYR A 295 8.62 25.77 -44.85
N GLY A 296 9.06 26.51 -43.83
CA GLY A 296 10.47 26.54 -43.49
C GLY A 296 10.86 25.47 -42.50
N TYR A 297 11.51 24.42 -42.98
CA TYR A 297 11.97 23.34 -42.11
C TYR A 297 13.08 23.84 -41.18
N HIS A 298 12.98 23.48 -39.90
CA HIS A 298 14.00 23.87 -38.94
C HIS A 298 14.19 22.78 -37.90
N ALA A 299 15.30 22.89 -37.16
CA ALA A 299 15.61 21.98 -36.06
C ALA A 299 16.51 22.72 -35.08
N GLY A 300 16.87 22.08 -33.98
CA GLY A 300 17.83 22.67 -33.07
C GLY A 300 17.81 22.03 -31.69
N PHE A 301 18.47 22.73 -30.77
CA PHE A 301 18.65 22.21 -29.41
C PHE A 301 18.88 23.38 -28.46
N ASN A 302 18.81 23.09 -27.16
CA ASN A 302 19.01 24.10 -26.11
C ASN A 302 20.38 23.91 -25.47
N HIS A 303 21.04 25.04 -25.17
CA HIS A 303 22.36 24.96 -24.55
C HIS A 303 22.27 24.54 -23.08
N GLY A 304 21.21 24.95 -22.40
CA GLY A 304 21.07 24.63 -21.00
C GLY A 304 19.70 24.97 -20.49
N PHE A 305 19.60 25.11 -19.17
CA PHE A 305 18.33 25.47 -18.55
C PHE A 305 17.80 26.76 -19.15
N ASN A 306 16.59 26.71 -19.71
CA ASN A 306 15.97 27.93 -20.24
C ASN A 306 14.46 27.74 -20.30
N CYS A 307 13.78 28.83 -20.65
CA CYS A 307 12.33 28.83 -20.80
C CYS A 307 12.00 29.63 -22.05
N ALA A 308 11.19 29.05 -22.93
CA ALA A 308 10.73 29.74 -24.13
C ALA A 308 9.22 29.59 -24.24
N GLU A 309 8.59 30.57 -24.86
CA GLU A 309 7.15 30.55 -25.11
C GLU A 309 6.93 30.58 -26.61
N SER A 310 5.88 29.90 -27.08
CA SER A 310 5.70 29.81 -28.51
C SER A 310 4.23 29.62 -28.88
N THR A 311 3.94 29.92 -30.14
CA THR A 311 2.62 29.60 -30.70
C THR A 311 2.72 29.76 -32.21
N ASN A 312 1.62 29.42 -32.88
CA ASN A 312 1.48 29.56 -34.33
C ASN A 312 0.73 30.84 -34.66
N PHE A 313 0.86 31.26 -35.91
CA PHE A 313 0.12 32.42 -36.41
C PHE A 313 0.15 32.39 -37.93
N ALA A 314 -0.58 33.32 -38.54
CA ALA A 314 -0.72 33.31 -40.00
C ALA A 314 -0.81 34.72 -40.55
N THR A 315 -0.59 34.81 -41.87
CA THR A 315 -0.82 36.02 -42.66
C THR A 315 -1.55 35.62 -43.93
N ARG A 316 -1.95 36.63 -44.72
CA ARG A 316 -2.62 36.35 -45.98
C ARG A 316 -1.84 35.35 -46.83
N ARG A 317 -0.54 35.57 -46.94
CA ARG A 317 0.33 34.71 -47.73
C ARG A 317 0.22 33.24 -47.30
N TRP A 318 -0.04 33.00 -46.01
CA TRP A 318 -0.10 31.62 -45.55
C TRP A 318 -1.24 30.84 -46.18
N ILE A 319 -2.33 31.53 -46.56
CA ILE A 319 -3.53 30.81 -46.97
C ILE A 319 -3.17 29.76 -48.01
N GLU A 320 -2.47 30.17 -49.07
CA GLU A 320 -2.14 29.24 -50.15
C GLU A 320 -1.33 28.06 -49.61
N TYR A 321 -0.31 28.34 -48.80
CA TYR A 321 0.44 27.26 -48.15
C TYR A 321 -0.51 26.29 -47.47
N GLY A 322 -1.39 26.82 -46.61
CA GLY A 322 -2.29 25.95 -45.87
C GLY A 322 -3.23 25.15 -46.75
N LYS A 323 -3.47 25.63 -47.97
CA LYS A 323 -4.35 24.90 -48.88
C LYS A 323 -3.64 23.68 -49.45
N GLN A 324 -2.34 23.77 -49.70
N GLN A 324 -2.34 23.78 -49.70
CA GLN A 324 -1.62 22.68 -50.33
CA GLN A 324 -1.57 22.73 -50.35
C GLN A 324 -0.73 21.92 -49.36
C GLN A 324 -0.70 21.95 -49.36
N ALA A 325 -0.86 22.17 -48.06
CA ALA A 325 -0.02 21.52 -47.07
C ALA A 325 -0.27 20.02 -47.04
N VAL A 326 0.81 19.24 -47.04
CA VAL A 326 0.74 17.78 -47.03
C VAL A 326 0.83 17.32 -45.58
N LEU A 327 -0.24 16.73 -45.08
CA LEU A 327 -0.37 16.43 -43.67
C LEU A 327 -0.15 14.95 -43.39
N CYS A 328 0.04 14.64 -42.11
CA CYS A 328 0.24 13.28 -41.67
C CYS A 328 -1.02 12.46 -41.92
N SER A 329 -0.90 11.39 -42.69
CA SER A 329 -2.04 10.55 -43.03
C SER A 329 -2.14 9.29 -42.18
N CYS A 330 -1.19 9.04 -41.28
CA CYS A 330 -1.21 7.84 -40.46
C CYS A 330 -1.89 8.04 -39.11
N ARG A 331 -2.39 9.24 -38.83
CA ARG A 331 -3.05 9.53 -37.56
C ARG A 331 -4.35 10.28 -37.81
N LYS A 332 -5.40 9.88 -37.10
CA LYS A 332 -6.69 10.55 -37.23
C LYS A 332 -6.73 11.87 -36.47
N ASP A 333 -5.95 12.01 -35.40
CA ASP A 333 -6.02 13.18 -34.54
C ASP A 333 -4.92 14.20 -34.82
N MET A 334 -4.32 14.15 -36.01
CA MET A 334 -3.34 15.16 -36.39
C MET A 334 -4.03 16.50 -36.64
N VAL A 335 -3.27 17.58 -36.56
CA VAL A 335 -3.85 18.91 -36.68
C VAL A 335 -4.32 19.12 -38.11
N LYS A 336 -5.61 19.41 -38.25
CA LYS A 336 -6.22 19.72 -39.54
C LYS A 336 -7.06 20.98 -39.36
N ILE A 337 -6.73 22.03 -40.11
CA ILE A 337 -7.51 23.26 -40.11
C ILE A 337 -8.28 23.31 -41.42
N SER A 338 -9.58 23.59 -41.32
CA SER A 338 -10.40 23.74 -42.51
C SER A 338 -10.11 25.08 -43.16
N MET A 339 -9.77 25.06 -44.46
CA MET A 339 -9.40 26.28 -45.18
C MET A 339 -10.58 26.98 -45.82
N ASP A 340 -11.77 26.37 -45.80
CA ASP A 340 -12.89 26.93 -46.54
C ASP A 340 -13.21 28.36 -46.11
N VAL A 341 -13.09 28.66 -44.82
CA VAL A 341 -13.43 30.00 -44.36
C VAL A 341 -12.38 31.01 -44.82
N PHE A 342 -11.11 30.61 -44.80
CA PHE A 342 -10.06 31.51 -45.30
C PHE A 342 -10.23 31.79 -46.79
N VAL A 343 -10.49 30.74 -47.57
CA VAL A 343 -10.69 30.93 -49.01
C VAL A 343 -11.93 31.78 -49.26
N ARG A 344 -13.02 31.49 -48.55
CA ARG A 344 -14.27 32.24 -48.74
C ARG A 344 -14.07 33.71 -48.42
N LYS A 345 -13.29 34.01 -47.38
CA LYS A 345 -13.17 35.39 -46.91
C LYS A 345 -12.09 36.18 -47.64
N PHE A 346 -11.02 35.53 -48.10
CA PHE A 346 -9.92 36.21 -48.76
C PHE A 346 -9.69 35.80 -50.20
N GLN A 347 -10.26 34.68 -50.64
CA GLN A 347 -10.09 34.20 -52.02
C GLN A 347 -11.46 33.92 -52.64
N PRO A 348 -12.36 34.91 -52.68
CA PRO A 348 -13.63 34.69 -53.40
C PRO A 348 -13.45 34.23 -54.83
N GLU A 349 -12.32 34.56 -55.45
CA GLU A 349 -12.15 34.34 -56.89
C GLU A 349 -12.06 32.85 -57.22
N ARG A 350 -11.47 32.05 -56.34
CA ARG A 350 -11.16 30.66 -56.65
C ARG A 350 -11.83 29.68 -55.71
N TYR A 351 -12.75 30.13 -54.85
CA TYR A 351 -13.51 29.18 -54.06
C TYR A 351 -14.17 28.15 -54.96
N LYS A 352 -14.72 28.58 -56.09
CA LYS A 352 -15.29 27.63 -57.04
C LYS A 352 -14.23 26.74 -57.64
N LEU A 353 -13.15 27.33 -58.15
CA LEU A 353 -12.09 26.55 -58.80
C LEU A 353 -11.45 25.57 -57.83
N TRP A 354 -10.97 26.08 -56.69
CA TRP A 354 -10.29 25.24 -55.70
C TRP A 354 -11.25 24.25 -55.06
N LYS A 355 -12.46 24.70 -54.69
CA LYS A 355 -13.45 23.82 -54.09
C LYS A 355 -13.86 22.70 -55.04
N ALA A 356 -13.62 22.87 -56.34
CA ALA A 356 -13.86 21.84 -57.34
C ALA A 356 -12.58 21.09 -57.69
N GLY A 357 -11.54 21.21 -56.87
CA GLY A 357 -10.29 20.51 -57.13
C GLY A 357 -9.64 20.89 -58.42
N LYS A 358 -9.71 22.16 -58.80
CA LYS A 358 -9.14 22.62 -60.06
C LYS A 358 -8.22 23.83 -59.90
N ASP A 359 -8.00 24.31 -58.67
CA ASP A 359 -7.03 25.39 -58.41
C ASP A 359 -5.63 24.79 -58.45
N ASN A 360 -5.00 24.87 -59.61
CA ASN A 360 -3.66 24.33 -59.79
C ASN A 360 -2.58 25.36 -59.48
N THR A 361 -2.93 26.46 -58.82
CA THR A 361 -1.98 27.53 -58.57
C THR A 361 -0.69 27.00 -57.98
N VAL A 362 0.42 27.47 -58.51
CA VAL A 362 1.74 27.17 -57.97
C VAL A 362 2.07 28.22 -56.93
N ILE A 363 2.94 27.85 -55.98
CA ILE A 363 3.39 28.76 -54.94
C ILE A 363 4.81 29.22 -55.28
N ASP A 364 5.00 30.53 -55.34
CA ASP A 364 6.33 31.13 -55.41
C ASP A 364 6.78 31.41 -53.98
N HIS A 365 7.74 30.62 -53.49
CA HIS A 365 8.24 30.82 -52.14
C HIS A 365 8.92 32.17 -51.99
N THR A 366 9.34 32.78 -53.11
CA THR A 366 10.03 34.06 -53.06
C THR A 366 9.10 35.20 -52.66
N LEU A 367 7.83 35.14 -53.07
CA LEU A 367 7.03 36.35 -53.03
C LEU A 367 6.66 36.71 -51.60
N PRO A 368 6.84 37.97 -51.18
CA PRO A 368 6.42 38.39 -49.83
C PRO A 368 4.92 38.39 -49.61
N THR A 369 4.53 38.68 -48.36
CA THR A 369 3.13 38.71 -48.03
C THR A 369 2.45 39.88 -48.75
N PRO A 370 1.21 39.70 -49.23
CA PRO A 370 0.51 40.82 -49.88
C PRO A 370 0.62 42.13 -49.12
N GLU A 371 0.49 42.07 -47.79
CA GLU A 371 0.46 43.27 -46.96
C GLU A 371 1.73 44.11 -47.09
N ALA A 372 2.78 43.57 -47.71
CA ALA A 372 4.02 44.31 -47.94
C ALA A 372 3.88 45.34 -49.07
N ALA A 373 2.68 45.52 -49.62
CA ALA A 373 2.51 46.51 -50.68
C ALA A 373 2.85 47.91 -50.20
N GLU A 374 2.53 48.21 -48.95
CA GLU A 374 2.79 49.54 -48.38
C GLU A 374 4.28 49.82 -48.26
N PHE A 375 5.11 48.77 -48.24
CA PHE A 375 6.55 48.89 -48.14
C PHE A 375 7.27 48.66 -49.46
N LEU A 376 6.61 48.00 -50.42
CA LEU A 376 7.20 47.71 -51.73
C LEU A 376 6.51 48.50 -52.83
N PRO B 32 32.91 -29.83 -10.95
CA PRO B 32 31.89 -28.80 -10.81
C PRO B 32 32.19 -27.55 -11.64
N SER B 33 33.02 -26.67 -11.10
CA SER B 33 33.47 -25.43 -11.72
C SER B 33 32.39 -24.36 -11.78
N ALA B 34 31.19 -24.63 -11.26
CA ALA B 34 30.08 -23.67 -11.30
C ALA B 34 29.67 -23.31 -12.71
N ARG B 35 29.97 -24.18 -13.68
CA ARG B 35 29.54 -23.99 -15.06
C ARG B 35 28.10 -24.44 -15.24
N ILE B 36 27.42 -23.85 -16.23
CA ILE B 36 26.05 -24.23 -16.53
C ILE B 36 26.02 -25.69 -16.96
N MET B 37 25.06 -26.45 -16.43
CA MET B 37 24.91 -27.87 -16.71
C MET B 37 23.62 -28.13 -17.48
N THR B 38 23.66 -29.17 -18.30
CA THR B 38 22.52 -29.63 -19.08
C THR B 38 22.19 -31.06 -18.69
N PHE B 39 20.89 -31.38 -18.63
CA PHE B 39 20.41 -32.69 -18.18
C PHE B 39 19.40 -33.26 -19.17
N TYR B 40 19.42 -34.59 -19.32
CA TYR B 40 18.57 -35.28 -20.29
C TYR B 40 17.78 -36.38 -19.59
N PRO B 41 16.76 -36.01 -18.82
CA PRO B 41 16.00 -37.02 -18.06
C PRO B 41 15.26 -38.01 -18.93
N THR B 42 15.07 -39.20 -18.37
CA THR B 42 14.12 -40.17 -18.91
C THR B 42 12.70 -39.70 -18.63
N MET B 43 11.75 -40.27 -19.36
N MET B 43 11.73 -40.26 -19.35
CA MET B 43 10.35 -39.91 -19.16
CA MET B 43 10.35 -39.84 -19.10
C MET B 43 9.91 -40.19 -17.74
C MET B 43 9.95 -40.15 -17.67
N GLU B 44 10.39 -41.29 -17.15
CA GLU B 44 10.02 -41.64 -15.78
C GLU B 44 10.58 -40.63 -14.78
N GLU B 45 11.83 -40.20 -14.98
CA GLU B 45 12.40 -39.15 -14.14
C GLU B 45 11.65 -37.83 -14.31
N PHE B 46 11.25 -37.56 -15.55
CA PHE B 46 10.67 -36.26 -15.92
C PHE B 46 9.31 -36.02 -15.29
N ARG B 47 8.57 -37.10 -14.98
CA ARG B 47 7.17 -36.95 -14.58
C ARG B 47 7.02 -36.11 -13.32
N ASN B 48 7.93 -36.25 -12.37
CA ASN B 48 7.85 -35.54 -11.09
C ASN B 48 8.77 -34.32 -11.15
N PHE B 49 8.17 -33.13 -11.27
CA PHE B 49 8.93 -31.90 -11.43
C PHE B 49 9.79 -31.61 -10.19
N SER B 50 9.14 -31.39 -9.05
CA SER B 50 9.88 -31.02 -7.84
C SER B 50 11.02 -32.00 -7.55
N ARG B 51 10.74 -33.28 -7.73
CA ARG B 51 11.77 -34.30 -7.48
C ARG B 51 12.97 -34.10 -8.39
N TYR B 52 12.72 -33.86 -9.68
CA TYR B 52 13.83 -33.72 -10.61
C TYR B 52 14.61 -32.44 -10.36
N ILE B 53 13.92 -31.33 -10.05
CA ILE B 53 14.63 -30.12 -9.64
C ILE B 53 15.57 -30.44 -8.48
N ALA B 54 15.03 -31.12 -7.47
CA ALA B 54 15.85 -31.49 -6.32
C ALA B 54 17.05 -32.34 -6.75
N TYR B 55 16.87 -33.19 -7.77
CA TYR B 55 17.96 -34.04 -8.24
C TYR B 55 19.06 -33.20 -8.88
N ILE B 56 18.70 -32.35 -9.85
CA ILE B 56 19.72 -31.56 -10.52
C ILE B 56 20.46 -30.70 -9.51
N GLU B 57 19.78 -30.27 -8.44
CA GLU B 57 20.51 -29.54 -7.41
C GLU B 57 21.44 -30.46 -6.63
N SER B 58 21.03 -31.70 -6.38
CA SER B 58 21.96 -32.66 -5.80
C SER B 58 23.18 -32.85 -6.69
N GLN B 59 23.10 -32.48 -7.97
CA GLN B 59 24.26 -32.52 -8.85
C GLN B 59 25.03 -31.20 -8.92
N GLY B 60 24.65 -30.18 -8.14
CA GLY B 60 25.33 -28.91 -8.19
C GLY B 60 24.85 -27.96 -9.25
N ALA B 61 23.75 -28.28 -9.94
CA ALA B 61 23.25 -27.42 -11.01
C ALA B 61 22.97 -26.01 -10.53
N HIS B 62 22.60 -25.84 -9.26
CA HIS B 62 22.20 -24.55 -8.71
C HIS B 62 23.37 -23.59 -8.49
N ARG B 63 24.61 -24.06 -8.59
CA ARG B 63 25.74 -23.18 -8.32
C ARG B 63 26.01 -22.23 -9.48
N ALA B 64 25.71 -22.64 -10.71
CA ALA B 64 25.86 -21.74 -11.84
C ALA B 64 24.80 -20.65 -11.83
N GLY B 65 23.66 -20.91 -11.19
CA GLY B 65 22.52 -20.02 -11.25
C GLY B 65 21.57 -20.29 -12.39
N LEU B 66 21.91 -21.22 -13.27
CA LEU B 66 21.15 -21.50 -14.48
C LEU B 66 21.41 -22.94 -14.87
N ALA B 67 20.36 -23.66 -15.25
CA ALA B 67 20.49 -25.06 -15.65
C ALA B 67 19.58 -25.32 -16.84
N LYS B 68 20.04 -26.15 -17.77
CA LYS B 68 19.24 -26.52 -18.93
C LYS B 68 18.72 -27.94 -18.76
N VAL B 69 17.42 -28.11 -19.01
CA VAL B 69 16.79 -29.42 -19.02
C VAL B 69 16.28 -29.69 -20.43
N VAL B 70 16.77 -30.75 -21.04
CA VAL B 70 16.26 -31.21 -22.34
C VAL B 70 15.24 -32.30 -22.06
N PRO B 71 13.99 -32.15 -22.49
CA PRO B 71 12.97 -33.16 -22.18
C PRO B 71 13.05 -34.34 -23.14
N PRO B 72 12.49 -35.48 -22.76
CA PRO B 72 12.37 -36.60 -23.70
C PRO B 72 11.77 -36.15 -25.03
N LYS B 73 12.28 -36.73 -26.12
CA LYS B 73 11.85 -36.32 -27.46
C LYS B 73 10.36 -36.58 -27.65
N GLU B 74 9.87 -37.70 -27.10
N GLU B 74 9.82 -37.69 -27.13
CA GLU B 74 8.46 -38.08 -27.19
CA GLU B 74 8.41 -37.95 -27.37
C GLU B 74 7.55 -36.99 -26.64
C GLU B 74 7.53 -36.91 -26.69
N TRP B 75 7.99 -36.31 -25.58
CA TRP B 75 7.15 -35.35 -24.87
C TRP B 75 6.91 -34.12 -25.72
N LYS B 76 5.64 -33.79 -25.92
CA LYS B 76 5.24 -32.60 -26.66
C LYS B 76 4.24 -31.81 -25.82
N PRO B 77 4.49 -30.53 -25.55
CA PRO B 77 3.54 -29.78 -24.74
C PRO B 77 2.27 -29.43 -25.50
N ARG B 78 2.37 -29.25 -26.81
CA ARG B 78 1.27 -28.83 -27.66
C ARG B 78 1.36 -29.58 -28.98
N ALA B 79 0.21 -30.03 -29.48
CA ALA B 79 0.20 -30.82 -30.70
C ALA B 79 0.61 -29.98 -31.91
N SER B 80 0.25 -28.71 -31.94
CA SER B 80 0.55 -27.86 -33.08
C SER B 80 0.67 -26.41 -32.63
N TYR B 81 1.34 -25.60 -33.46
CA TYR B 81 1.48 -24.17 -33.26
C TYR B 81 0.92 -23.38 -34.43
N ASP B 82 -0.17 -23.87 -35.02
CA ASP B 82 -0.80 -23.18 -36.14
C ASP B 82 -2.09 -22.46 -35.76
N ASP B 83 -2.67 -22.78 -34.60
CA ASP B 83 -3.92 -22.18 -34.18
C ASP B 83 -3.73 -21.00 -33.22
N ILE B 84 -2.51 -20.45 -33.13
CA ILE B 84 -2.22 -19.33 -32.23
C ILE B 84 -1.89 -18.06 -33.00
N ASP B 85 -2.17 -18.02 -34.31
CA ASP B 85 -1.74 -16.87 -35.11
C ASP B 85 -2.51 -15.61 -34.76
N ASP B 86 -3.77 -15.74 -34.41
CA ASP B 86 -4.60 -14.58 -34.10
C ASP B 86 -4.55 -14.20 -32.62
N LEU B 87 -3.67 -14.83 -31.85
CA LEU B 87 -3.45 -14.42 -30.47
C LEU B 87 -3.00 -12.97 -30.43
N VAL B 88 -3.48 -12.22 -29.44
CA VAL B 88 -3.25 -10.79 -29.35
C VAL B 88 -2.11 -10.51 -28.37
N ILE B 89 -1.20 -9.63 -28.77
CA ILE B 89 -0.17 -9.10 -27.87
C ILE B 89 -0.64 -7.72 -27.42
N PRO B 90 -1.21 -7.59 -26.22
CA PRO B 90 -1.85 -6.32 -25.84
C PRO B 90 -0.88 -5.14 -25.78
N ALA B 91 0.32 -5.31 -25.23
CA ALA B 91 1.20 -4.19 -24.91
C ALA B 91 2.63 -4.48 -25.34
N PRO B 92 2.84 -4.75 -26.64
CA PRO B 92 4.21 -4.89 -27.14
C PRO B 92 5.05 -3.68 -26.79
N ILE B 93 6.34 -3.91 -26.55
CA ILE B 93 7.24 -2.85 -26.13
C ILE B 93 8.40 -2.76 -27.11
N GLN B 94 8.70 -1.55 -27.55
CA GLN B 94 9.86 -1.24 -28.36
C GLN B 94 11.01 -0.91 -27.41
N GLN B 95 12.11 -1.64 -27.55
CA GLN B 95 13.22 -1.60 -26.59
C GLN B 95 14.27 -0.61 -27.09
N LEU B 96 14.26 0.59 -26.53
CA LEU B 96 15.28 1.58 -26.83
C LEU B 96 16.41 1.48 -25.82
N VAL B 97 17.64 1.47 -26.31
CA VAL B 97 18.80 1.26 -25.46
C VAL B 97 19.77 2.40 -25.67
N THR B 98 20.19 3.02 -24.57
CA THR B 98 21.20 4.07 -24.60
C THR B 98 22.40 3.62 -23.78
N GLY B 99 23.60 3.97 -24.21
CA GLY B 99 24.78 3.63 -23.46
C GLY B 99 25.99 3.42 -24.36
N GLN B 100 27.09 3.05 -23.71
CA GLN B 100 28.37 2.88 -24.40
C GLN B 100 29.30 2.08 -23.51
N SER B 101 30.42 1.63 -24.10
CA SER B 101 31.48 0.95 -23.35
C SER B 101 30.92 -0.19 -22.52
N GLY B 102 29.97 -0.93 -23.08
CA GLY B 102 29.42 -2.09 -22.43
C GLY B 102 28.38 -1.81 -21.36
N LEU B 103 28.14 -0.56 -21.00
CA LEU B 103 27.15 -0.19 -20.00
C LEU B 103 25.96 0.46 -20.71
N PHE B 104 24.78 -0.13 -20.55
CA PHE B 104 23.59 0.34 -21.25
C PHE B 104 22.38 0.35 -20.32
N THR B 105 21.47 1.25 -20.60
CA THR B 105 20.17 1.34 -19.94
C THR B 105 19.09 1.13 -20.99
N GLN B 106 18.09 0.29 -20.65
CA GLN B 106 17.03 -0.08 -21.56
C GLN B 106 15.71 0.52 -21.12
N TYR B 107 14.96 1.03 -22.10
CA TYR B 107 13.65 1.67 -21.91
C TYR B 107 12.64 0.96 -22.79
N ASN B 108 11.58 0.42 -22.18
CA ASN B 108 10.54 -0.34 -22.87
C ASN B 108 9.35 0.57 -23.14
N ILE B 109 9.17 0.98 -24.40
CA ILE B 109 8.11 1.92 -24.77
C ILE B 109 6.92 1.14 -25.33
N GLN B 110 5.74 1.39 -24.77
CA GLN B 110 4.56 0.63 -25.17
C GLN B 110 4.11 1.02 -26.57
N LYS B 111 3.66 0.03 -27.33
CA LYS B 111 3.21 0.22 -28.71
C LYS B 111 1.79 -0.32 -28.85
N LYS B 112 1.22 -0.06 -30.03
CA LYS B 112 -0.11 -0.55 -30.36
C LYS B 112 -0.17 -2.08 -30.25
N ALA B 113 -1.29 -2.59 -29.76
CA ALA B 113 -1.51 -4.04 -29.73
C ALA B 113 -1.48 -4.61 -31.14
N MET B 114 -1.00 -5.83 -31.27
CA MET B 114 -0.93 -6.50 -32.55
C MET B 114 -1.12 -8.00 -32.35
N THR B 115 -1.46 -8.69 -33.44
CA THR B 115 -1.59 -10.13 -33.38
C THR B 115 -0.22 -10.80 -33.50
N VAL B 116 -0.20 -12.10 -33.20
CA VAL B 116 1.02 -12.87 -33.43
C VAL B 116 1.42 -12.82 -34.90
N ARG B 117 0.44 -12.82 -35.80
CA ARG B 117 0.75 -12.77 -37.23
C ARG B 117 1.50 -11.49 -37.58
N GLU B 118 0.96 -10.34 -37.17
CA GLU B 118 1.62 -9.07 -37.46
C GLU B 118 3.03 -9.04 -36.89
N PHE B 119 3.20 -9.54 -35.66
CA PHE B 119 4.52 -9.60 -35.04
C PHE B 119 5.47 -10.45 -35.86
N ARG B 120 5.01 -11.63 -36.30
CA ARG B 120 5.82 -12.51 -37.13
C ARG B 120 6.26 -11.80 -38.41
N LYS B 121 5.31 -11.12 -39.07
CA LYS B 121 5.64 -10.41 -40.29
C LYS B 121 6.69 -9.34 -40.05
N ILE B 122 6.59 -8.62 -38.93
CA ILE B 122 7.58 -7.59 -38.64
C ILE B 122 8.93 -8.21 -38.33
N ALA B 123 8.94 -9.32 -37.56
CA ALA B 123 10.18 -9.88 -37.08
C ALA B 123 10.98 -10.55 -38.20
N ASN B 124 10.29 -11.19 -39.13
CA ASN B 124 10.99 -11.85 -40.24
C ASN B 124 11.28 -10.91 -41.40
N SER B 125 10.87 -9.65 -41.31
CA SER B 125 11.16 -8.66 -42.35
C SER B 125 12.64 -8.27 -42.34
N ASP B 126 13.09 -7.70 -43.46
CA ASP B 126 14.49 -7.36 -43.62
C ASP B 126 14.95 -6.39 -42.53
N LYS B 127 14.13 -5.38 -42.21
CA LYS B 127 14.56 -4.35 -41.29
C LYS B 127 14.87 -4.90 -39.90
N TYR B 128 14.19 -5.97 -39.49
CA TYR B 128 14.34 -6.49 -38.13
C TYR B 128 14.90 -7.91 -38.05
N CYS B 129 15.14 -8.58 -39.19
CA CYS B 129 15.53 -9.98 -39.15
C CYS B 129 16.97 -10.16 -38.70
N THR B 130 17.28 -11.38 -38.27
CA THR B 130 18.61 -11.74 -37.80
C THR B 130 19.66 -11.52 -38.89
N PRO B 131 20.71 -10.72 -38.64
CA PRO B 131 21.77 -10.60 -39.65
C PRO B 131 22.38 -11.95 -39.96
N ARG B 132 23.12 -11.99 -41.06
CA ARG B 132 23.82 -13.21 -41.45
C ARG B 132 25.01 -13.44 -40.54
N TYR B 133 25.17 -14.68 -40.09
CA TYR B 133 26.26 -15.05 -39.19
C TYR B 133 26.61 -16.52 -39.42
N SER B 134 27.86 -16.86 -39.09
CA SER B 134 28.35 -18.23 -39.23
C SER B 134 28.34 -18.99 -37.91
N GLU B 135 28.91 -18.41 -36.87
CA GLU B 135 28.99 -19.06 -35.57
C GLU B 135 28.46 -18.12 -34.49
N PHE B 136 28.11 -18.69 -33.35
CA PHE B 136 27.48 -17.90 -32.29
C PHE B 136 28.30 -16.68 -31.94
N GLU B 137 29.62 -16.83 -31.82
CA GLU B 137 30.46 -15.72 -31.38
C GLU B 137 30.26 -14.49 -32.26
N GLU B 138 30.10 -14.71 -33.58
CA GLU B 138 29.84 -13.59 -34.48
C GLU B 138 28.50 -12.93 -34.18
N LEU B 139 27.46 -13.73 -33.98
CA LEU B 139 26.14 -13.17 -33.70
C LEU B 139 26.14 -12.36 -32.41
N GLU B 140 26.75 -12.91 -31.36
CA GLU B 140 26.90 -12.20 -30.09
C GLU B 140 27.63 -10.87 -30.29
N ARG B 141 28.72 -10.91 -31.06
CA ARG B 141 29.44 -9.70 -31.42
C ARG B 141 28.50 -8.66 -32.05
N LYS B 142 27.71 -9.09 -33.03
CA LYS B 142 26.78 -8.18 -33.70
C LYS B 142 25.73 -7.65 -32.73
N TYR B 143 25.34 -8.44 -31.74
CA TYR B 143 24.37 -7.95 -30.76
C TYR B 143 24.95 -6.82 -29.93
N TRP B 144 26.12 -7.06 -29.31
CA TRP B 144 26.69 -6.02 -28.46
C TRP B 144 27.17 -4.83 -29.27
N LYS B 145 27.41 -5.00 -30.57
N LYS B 145 27.40 -5.00 -30.58
CA LYS B 145 27.79 -3.87 -31.41
CA LYS B 145 27.78 -3.88 -31.42
C LYS B 145 26.57 -3.03 -31.80
C LYS B 145 26.58 -3.03 -31.82
N ASN B 146 25.46 -3.68 -32.12
CA ASN B 146 24.28 -3.00 -32.66
C ASN B 146 23.15 -2.86 -31.64
N LEU B 147 23.50 -2.82 -30.36
CA LEU B 147 22.48 -2.89 -29.32
C LEU B 147 21.62 -1.65 -29.25
N THR B 148 22.18 -0.48 -29.56
CA THR B 148 21.45 0.77 -29.47
C THR B 148 20.76 1.16 -30.78
N PHE B 149 20.84 0.32 -31.81
CA PHE B 149 20.33 0.66 -33.14
C PHE B 149 19.08 -0.16 -33.46
N ASN B 150 18.25 0.41 -34.31
CA ASN B 150 17.07 -0.27 -34.86
C ASN B 150 16.28 -0.96 -33.75
N PRO B 151 15.73 -0.21 -32.80
CA PRO B 151 15.07 -0.81 -31.63
C PRO B 151 13.98 -1.80 -32.04
N PRO B 152 14.06 -3.04 -31.60
CA PRO B 152 13.06 -4.05 -31.97
C PRO B 152 11.88 -4.07 -31.00
N ILE B 153 10.86 -4.83 -31.39
CA ILE B 153 9.63 -4.94 -30.61
C ILE B 153 9.60 -6.29 -29.94
N TYR B 154 9.22 -6.30 -28.66
CA TYR B 154 9.23 -7.51 -27.85
C TYR B 154 7.81 -7.75 -27.34
N GLY B 155 7.25 -8.91 -27.67
CA GLY B 155 5.91 -9.25 -27.21
C GLY B 155 5.95 -9.91 -25.85
N ALA B 156 6.46 -9.20 -24.86
CA ALA B 156 6.67 -9.76 -23.53
C ALA B 156 5.40 -9.66 -22.68
N ASP B 157 5.38 -10.44 -21.61
CA ASP B 157 4.38 -10.32 -20.55
C ASP B 157 2.96 -10.52 -21.07
N VAL B 158 2.75 -11.59 -21.82
CA VAL B 158 1.44 -11.92 -22.37
C VAL B 158 0.83 -13.00 -21.49
N ASN B 159 -0.27 -12.67 -20.82
CA ASN B 159 -0.97 -13.65 -19.99
C ASN B 159 -1.52 -14.76 -20.88
N GLY B 160 -1.14 -15.99 -20.56
CA GLY B 160 -1.57 -17.14 -21.34
C GLY B 160 -0.61 -18.29 -21.16
N THR B 161 -1.02 -19.42 -21.74
CA THR B 161 -0.23 -20.64 -21.75
C THR B 161 -0.37 -21.29 -23.13
N LEU B 162 0.62 -22.07 -23.51
CA LEU B 162 0.54 -22.83 -24.76
C LEU B 162 0.50 -24.33 -24.55
N TYR B 163 0.59 -24.79 -23.31
CA TYR B 163 0.36 -26.19 -22.99
C TYR B 163 -1.09 -26.57 -23.26
N GLU B 164 -1.29 -27.78 -23.78
CA GLU B 164 -2.64 -28.30 -23.90
C GLU B 164 -3.20 -28.67 -22.52
N LYS B 165 -4.51 -28.93 -22.49
CA LYS B 165 -5.24 -28.92 -21.22
C LYS B 165 -4.84 -30.07 -20.30
N HIS B 166 -4.44 -31.22 -20.84
CA HIS B 166 -4.26 -32.42 -20.03
C HIS B 166 -2.80 -32.85 -19.90
N VAL B 167 -1.85 -31.99 -20.29
CA VAL B 167 -0.43 -32.29 -20.16
C VAL B 167 -0.04 -32.15 -18.69
N ASP B 168 0.26 -33.27 -18.03
N ASP B 168 0.27 -33.26 -18.03
CA ASP B 168 0.55 -33.30 -16.60
CA ASP B 168 0.55 -33.25 -16.59
C ASP B 168 2.05 -33.24 -16.27
C ASP B 168 2.04 -33.17 -16.27
N GLU B 169 2.92 -33.09 -17.26
CA GLU B 169 4.36 -33.08 -17.03
C GLU B 169 4.92 -31.69 -17.35
N TRP B 170 5.53 -31.06 -16.35
CA TRP B 170 6.23 -29.79 -16.53
C TRP B 170 5.32 -28.73 -17.11
N ASN B 171 4.10 -28.66 -16.60
CA ASN B 171 3.11 -27.69 -17.06
C ASN B 171 3.33 -26.38 -16.29
N ILE B 172 3.75 -25.34 -17.01
CA ILE B 172 4.06 -24.06 -16.40
C ILE B 172 2.81 -23.49 -15.72
N GLY B 173 1.64 -23.77 -16.26
CA GLY B 173 0.42 -23.28 -15.65
C GLY B 173 0.16 -23.83 -14.25
N ARG B 174 0.59 -25.08 -13.98
CA ARG B 174 0.25 -25.75 -12.72
C ARG B 174 1.42 -26.62 -12.23
N LEU B 175 2.52 -25.98 -11.83
CA LEU B 175 3.72 -26.72 -11.45
C LEU B 175 3.61 -27.39 -10.08
N ARG B 176 2.75 -26.90 -9.20
CA ARG B 176 2.47 -27.57 -7.93
C ARG B 176 3.71 -27.59 -7.04
N THR B 177 4.21 -26.41 -6.71
CA THR B 177 5.28 -26.25 -5.73
C THR B 177 4.75 -25.52 -4.51
N ILE B 178 5.59 -25.43 -3.47
CA ILE B 178 5.16 -24.81 -2.22
C ILE B 178 4.82 -23.34 -2.42
N LEU B 179 5.25 -22.75 -3.54
CA LEU B 179 4.86 -21.37 -3.86
C LEU B 179 3.34 -21.21 -3.83
N ASP B 180 2.59 -22.27 -4.14
CA ASP B 180 1.15 -22.19 -4.17
C ASP B 180 0.55 -21.83 -2.80
N LEU B 181 1.30 -22.03 -1.72
CA LEU B 181 0.72 -21.85 -0.39
C LEU B 181 0.08 -20.47 -0.24
N VAL B 182 0.74 -19.43 -0.75
CA VAL B 182 0.17 -18.09 -0.60
C VAL B 182 -1.24 -18.05 -1.18
N GLU B 183 -1.40 -18.52 -2.43
CA GLU B 183 -2.73 -18.49 -3.03
C GLU B 183 -3.70 -19.37 -2.29
N LYS B 184 -3.21 -20.44 -1.67
CA LYS B 184 -4.11 -21.34 -0.96
C LYS B 184 -4.61 -20.73 0.34
N GLU B 185 -3.87 -19.78 0.92
CA GLU B 185 -4.27 -19.23 2.20
C GLU B 185 -5.03 -17.92 2.06
N SER B 186 -4.76 -17.15 1.01
CA SER B 186 -5.40 -15.87 0.80
C SER B 186 -6.09 -15.74 -0.55
N GLY B 187 -5.71 -16.56 -1.54
CA GLY B 187 -6.28 -16.42 -2.87
C GLY B 187 -5.61 -15.36 -3.72
N ILE B 188 -4.54 -14.74 -3.23
CA ILE B 188 -3.84 -13.71 -3.99
C ILE B 188 -3.07 -14.35 -5.12
N THR B 189 -3.09 -13.72 -6.30
CA THR B 189 -2.31 -14.18 -7.44
C THR B 189 -1.57 -13.01 -8.07
N ILE B 190 -0.29 -13.22 -8.33
CA ILE B 190 0.57 -12.25 -9.01
C ILE B 190 0.85 -12.78 -10.41
N GLU B 191 0.42 -12.03 -11.42
CA GLU B 191 0.58 -12.51 -12.79
C GLU B 191 2.06 -12.55 -13.16
N GLY B 192 2.48 -13.66 -13.78
CA GLY B 192 3.86 -13.90 -14.09
C GLY B 192 4.65 -14.61 -13.00
N VAL B 193 4.19 -14.52 -11.75
CA VAL B 193 4.82 -15.18 -10.62
C VAL B 193 4.06 -16.47 -10.33
N ASN B 194 2.76 -16.34 -10.06
CA ASN B 194 1.88 -17.48 -9.84
C ASN B 194 1.15 -17.92 -11.09
N THR B 195 1.30 -17.19 -12.19
CA THR B 195 0.59 -17.50 -13.42
C THR B 195 1.57 -17.45 -14.60
N PRO B 196 1.21 -18.07 -15.71
CA PRO B 196 2.15 -18.20 -16.83
C PRO B 196 2.21 -16.94 -17.69
N TYR B 197 3.41 -16.67 -18.21
CA TYR B 197 3.62 -15.59 -19.15
C TYR B 197 4.20 -16.14 -20.46
N LEU B 198 3.72 -15.58 -21.57
CA LEU B 198 4.23 -15.87 -22.91
C LEU B 198 5.05 -14.68 -23.41
N TYR B 199 6.14 -14.98 -24.11
CA TYR B 199 7.06 -13.98 -24.64
C TYR B 199 7.32 -14.30 -26.11
N PHE B 200 6.96 -13.38 -26.99
CA PHE B 200 7.22 -13.52 -28.42
C PHE B 200 8.39 -12.63 -28.76
N GLY B 201 9.50 -13.24 -29.16
CA GLY B 201 10.74 -12.50 -29.36
C GLY B 201 11.11 -12.36 -30.81
N MET B 202 12.00 -11.40 -31.10
CA MET B 202 12.60 -11.24 -32.42
C MET B 202 14.09 -10.95 -32.22
N TRP B 203 14.80 -10.73 -33.33
CA TRP B 203 16.22 -10.42 -33.25
C TRP B 203 16.47 -9.19 -32.39
N LYS B 204 17.47 -9.30 -31.51
CA LYS B 204 18.01 -8.22 -30.69
C LYS B 204 17.14 -7.85 -29.48
N THR B 205 15.99 -8.50 -29.28
CA THR B 205 15.24 -8.28 -28.06
C THR B 205 15.97 -8.93 -26.89
N SER B 206 16.03 -8.24 -25.75
CA SER B 206 16.86 -8.70 -24.65
C SER B 206 16.20 -8.46 -23.31
N PHE B 207 16.57 -9.29 -22.34
CA PHE B 207 16.17 -9.11 -20.95
C PHE B 207 17.41 -8.77 -20.14
N ALA B 208 17.27 -7.77 -19.27
CA ALA B 208 18.40 -7.19 -18.58
C ALA B 208 18.81 -8.02 -17.38
N TRP B 209 19.99 -7.70 -16.84
CA TRP B 209 20.49 -8.38 -15.65
C TRP B 209 19.49 -8.23 -14.52
N HIS B 210 19.18 -9.35 -13.85
CA HIS B 210 18.14 -9.36 -12.83
C HIS B 210 18.12 -10.73 -12.17
N THR B 211 17.53 -10.77 -10.98
CA THR B 211 17.09 -12.01 -10.35
C THR B 211 15.57 -12.00 -10.31
N GLU B 212 14.99 -13.17 -10.07
CA GLU B 212 13.54 -13.25 -10.02
C GLU B 212 13.01 -12.46 -8.82
N ASP B 213 11.75 -12.04 -8.93
CA ASP B 213 11.09 -11.37 -7.83
C ASP B 213 11.20 -12.22 -6.57
N MET B 214 11.46 -11.57 -5.43
CA MET B 214 11.61 -12.27 -4.17
C MET B 214 12.71 -13.33 -4.25
N ASP B 215 13.57 -13.26 -5.26
CA ASP B 215 14.65 -14.23 -5.48
C ASP B 215 14.10 -15.65 -5.63
N LEU B 216 13.03 -15.80 -6.39
CA LEU B 216 12.38 -17.08 -6.63
C LEU B 216 13.11 -17.89 -7.70
N TYR B 217 12.67 -19.14 -7.89
CA TYR B 217 13.10 -19.94 -9.02
C TYR B 217 12.33 -19.52 -10.28
N SER B 218 12.93 -19.79 -11.44
CA SER B 218 12.30 -19.49 -12.71
C SER B 218 12.33 -20.72 -13.59
N ILE B 219 11.26 -20.92 -14.36
CA ILE B 219 11.22 -21.95 -15.40
C ILE B 219 10.82 -21.29 -16.71
N ASN B 220 11.58 -21.59 -17.75
CA ASN B 220 11.41 -21.03 -19.09
C ASN B 220 11.44 -22.18 -20.08
N TYR B 221 10.51 -22.17 -21.03
CA TYR B 221 10.41 -23.21 -22.04
C TYR B 221 10.32 -22.54 -23.40
N LEU B 222 11.15 -22.96 -24.35
CA LEU B 222 11.07 -22.39 -25.69
C LEU B 222 10.16 -23.27 -26.56
N HIS B 223 8.98 -22.75 -26.88
CA HIS B 223 7.99 -23.50 -27.66
C HIS B 223 8.44 -23.68 -29.10
N PHE B 224 8.80 -22.59 -29.79
CA PHE B 224 9.16 -22.71 -31.19
C PHE B 224 9.99 -21.50 -31.61
N GLY B 225 10.62 -21.63 -32.77
CA GLY B 225 11.38 -20.55 -33.37
C GLY B 225 12.86 -20.59 -33.02
N GLU B 226 13.48 -19.43 -33.19
CA GLU B 226 14.92 -19.31 -33.05
C GLU B 226 15.36 -19.36 -31.59
N PRO B 227 16.66 -19.54 -31.35
CA PRO B 227 17.15 -19.74 -29.98
C PRO B 227 17.19 -18.45 -29.16
N LYS B 228 17.34 -18.65 -27.84
CA LYS B 228 17.48 -17.58 -26.85
C LYS B 228 18.79 -17.77 -26.12
N SER B 229 19.69 -16.78 -26.20
CA SER B 229 20.98 -16.85 -25.51
C SER B 229 20.93 -16.23 -24.12
N TRP B 230 21.66 -16.85 -23.19
CA TRP B 230 21.66 -16.48 -21.77
C TRP B 230 23.08 -16.32 -21.24
N TYR B 231 23.19 -15.38 -20.30
CA TYR B 231 24.35 -15.20 -19.43
C TYR B 231 23.88 -15.41 -18.00
N SER B 232 24.70 -16.14 -17.24
CA SER B 232 24.41 -16.43 -15.84
C SER B 232 25.63 -16.11 -15.00
N VAL B 233 25.41 -15.42 -13.90
CA VAL B 233 26.42 -15.20 -12.87
C VAL B 233 26.09 -16.11 -11.69
N PRO B 234 27.05 -16.84 -11.13
CA PRO B 234 26.76 -17.72 -10.01
C PRO B 234 26.25 -16.95 -8.80
N PRO B 235 25.19 -17.46 -8.14
CA PRO B 235 24.72 -16.83 -6.90
C PRO B 235 25.82 -16.50 -5.90
N GLU B 236 26.83 -17.37 -5.75
CA GLU B 236 27.92 -17.09 -4.80
C GLU B 236 28.56 -15.74 -5.06
N HIS B 237 28.58 -15.30 -6.33
CA HIS B 237 29.22 -14.06 -6.71
C HIS B 237 28.21 -12.93 -6.96
N GLY B 238 26.94 -13.17 -6.66
CA GLY B 238 25.92 -12.16 -6.90
C GLY B 238 26.28 -10.79 -6.37
N LYS B 239 26.67 -10.71 -5.09
CA LYS B 239 26.94 -9.41 -4.49
C LYS B 239 27.92 -8.62 -5.34
N ARG B 240 28.94 -9.29 -5.87
CA ARG B 240 29.93 -8.55 -6.66
C ARG B 240 29.25 -7.80 -7.79
N LEU B 241 28.42 -8.50 -8.56
CA LEU B 241 27.72 -7.86 -9.66
C LEU B 241 27.00 -6.61 -9.18
N GLU B 242 26.28 -6.72 -8.06
CA GLU B 242 25.55 -5.57 -7.55
C GLU B 242 26.50 -4.42 -7.30
N ARG B 243 27.58 -4.68 -6.55
CA ARG B 243 28.56 -3.63 -6.31
C ARG B 243 28.94 -2.97 -7.62
N LEU B 244 29.32 -3.79 -8.61
CA LEU B 244 29.72 -3.26 -9.90
C LEU B 244 28.63 -2.36 -10.46
N ALA B 245 27.40 -2.89 -10.54
CA ALA B 245 26.29 -2.10 -11.06
C ALA B 245 26.19 -0.79 -10.28
N LYS B 246 26.18 -0.90 -8.95
CA LYS B 246 26.01 0.29 -8.13
C LYS B 246 27.09 1.31 -8.43
N GLY B 247 28.32 0.85 -8.67
CA GLY B 247 29.40 1.78 -8.96
C GLY B 247 29.21 2.47 -10.31
N PHE B 248 28.71 1.73 -11.30
CA PHE B 248 28.55 2.29 -12.63
C PHE B 248 27.28 3.10 -12.78
N PHE B 249 26.30 2.93 -11.89
CA PHE B 249 25.06 3.69 -11.93
C PHE B 249 24.80 4.28 -10.55
N PRO B 250 25.64 5.21 -10.10
CA PRO B 250 25.52 5.72 -8.72
C PRO B 250 24.18 6.37 -8.43
N GLY B 251 23.67 7.20 -9.33
CA GLY B 251 22.38 7.84 -9.10
C GLY B 251 21.27 6.82 -8.95
N SER B 252 21.21 5.86 -9.88
CA SER B 252 20.21 4.80 -9.80
C SER B 252 20.26 4.12 -8.44
N ALA B 253 21.47 3.84 -7.95
CA ALA B 253 21.61 3.15 -6.66
C ALA B 253 21.19 4.03 -5.51
N GLN B 254 21.35 5.35 -5.64
CA GLN B 254 20.83 6.24 -4.60
C GLN B 254 19.31 6.18 -4.54
N SER B 255 18.64 6.22 -5.68
CA SER B 255 17.18 6.24 -5.67
C SER B 255 16.60 4.94 -5.12
N CYS B 256 17.06 3.79 -5.63
CA CYS B 256 16.49 2.50 -5.24
C CYS B 256 17.56 1.56 -4.70
N GLU B 257 17.22 0.87 -3.60
CA GLU B 257 18.14 -0.11 -3.00
C GLU B 257 18.42 -1.28 -3.94
N ALA B 258 17.45 -1.66 -4.77
CA ALA B 258 17.58 -2.81 -5.66
C ALA B 258 17.24 -2.39 -7.08
N PHE B 259 18.00 -1.44 -7.62
CA PHE B 259 17.63 -0.82 -8.90
C PHE B 259 17.65 -1.81 -10.04
N LEU B 260 18.47 -2.87 -9.95
CA LEU B 260 18.47 -3.89 -10.99
C LEU B 260 17.11 -4.54 -11.16
N ARG B 261 16.25 -4.48 -10.13
CA ARG B 261 14.92 -5.06 -10.24
C ARG B 261 14.01 -4.29 -11.18
N HIS B 262 14.40 -3.08 -11.61
CA HIS B 262 13.66 -2.44 -12.69
C HIS B 262 13.94 -3.11 -14.02
N LYS B 263 15.00 -3.92 -14.09
CA LYS B 263 15.34 -4.70 -15.28
C LYS B 263 15.61 -3.77 -16.47
N MET B 264 16.41 -2.74 -16.23
CA MET B 264 16.79 -1.79 -17.26
C MET B 264 18.29 -1.71 -17.49
N THR B 265 19.11 -2.51 -16.80
CA THR B 265 20.56 -2.41 -16.88
C THR B 265 21.13 -3.58 -17.70
N LEU B 266 21.83 -3.25 -18.77
CA LEU B 266 22.53 -4.21 -19.61
C LEU B 266 24.03 -4.02 -19.47
N ILE B 267 24.77 -5.11 -19.28
CA ILE B 267 26.21 -5.08 -19.10
C ILE B 267 26.84 -6.18 -19.94
N SER B 268 27.82 -5.81 -20.76
CA SER B 268 28.40 -6.73 -21.72
C SER B 268 29.30 -7.75 -21.03
N PRO B 269 29.48 -8.94 -21.64
CA PRO B 269 30.43 -9.92 -21.08
C PRO B 269 31.83 -9.37 -20.95
N LEU B 270 32.29 -8.60 -21.94
CA LEU B 270 33.61 -7.98 -21.85
C LEU B 270 33.74 -7.17 -20.57
N MET B 271 32.69 -6.44 -20.20
CA MET B 271 32.74 -5.61 -19.01
C MET B 271 32.76 -6.45 -17.73
N LEU B 272 32.07 -7.59 -17.74
CA LEU B 272 32.15 -8.50 -16.60
C LEU B 272 33.56 -9.08 -16.46
N LYS B 273 34.16 -9.46 -17.58
CA LYS B 273 35.52 -10.01 -17.56
C LYS B 273 36.52 -8.96 -17.07
N LYS B 274 36.43 -7.75 -17.61
CA LYS B 274 37.36 -6.69 -17.23
C LYS B 274 37.36 -6.48 -15.72
N TYR B 275 36.20 -6.56 -15.09
CA TYR B 275 36.06 -6.32 -13.67
C TYR B 275 36.01 -7.60 -12.86
N GLY B 276 36.29 -8.75 -13.48
CA GLY B 276 36.51 -9.98 -12.75
C GLY B 276 35.25 -10.71 -12.32
N ILE B 277 34.09 -10.36 -12.84
CA ILE B 277 32.86 -11.07 -12.50
C ILE B 277 32.86 -12.41 -13.24
N PRO B 278 32.90 -13.55 -12.55
CA PRO B 278 32.80 -14.83 -13.27
C PRO B 278 31.38 -15.05 -13.79
N PHE B 279 31.29 -15.54 -15.02
CA PHE B 279 30.01 -15.76 -15.66
C PHE B 279 30.12 -16.88 -16.68
N ASP B 280 28.98 -17.49 -16.99
CA ASP B 280 28.90 -18.51 -18.02
C ASP B 280 27.78 -18.13 -18.98
N LYS B 281 27.77 -18.77 -20.15
CA LYS B 281 26.77 -18.51 -21.17
C LYS B 281 26.22 -19.83 -21.69
N VAL B 282 25.04 -19.76 -22.31
CA VAL B 282 24.40 -20.95 -22.86
C VAL B 282 23.32 -20.49 -23.81
N THR B 283 23.08 -21.27 -24.87
CA THR B 283 22.02 -20.98 -25.82
C THR B 283 20.91 -22.02 -25.72
N GLN B 284 19.68 -21.54 -25.62
CA GLN B 284 18.49 -22.35 -25.49
C GLN B 284 17.85 -22.53 -26.86
N GLU B 285 17.53 -23.79 -27.20
CA GLU B 285 16.93 -24.15 -28.47
C GLU B 285 15.47 -24.53 -28.26
N ALA B 286 14.71 -24.49 -29.36
CA ALA B 286 13.30 -24.86 -29.31
C ALA B 286 13.14 -26.23 -28.68
N GLY B 287 12.12 -26.36 -27.82
CA GLY B 287 11.87 -27.59 -27.10
C GLY B 287 12.69 -27.77 -25.85
N GLU B 288 13.50 -26.77 -25.47
CA GLU B 288 14.37 -26.88 -24.32
C GLU B 288 13.89 -26.02 -23.16
N PHE B 289 14.19 -26.52 -21.96
CA PHE B 289 13.89 -25.87 -20.70
C PHE B 289 15.13 -25.18 -20.14
N MET B 290 14.93 -24.00 -19.57
CA MET B 290 15.91 -23.32 -18.76
C MET B 290 15.33 -23.08 -17.37
N ILE B 291 16.16 -23.23 -16.35
CA ILE B 291 15.78 -23.08 -14.96
C ILE B 291 16.73 -22.07 -14.34
N THR B 292 16.18 -20.99 -13.76
CA THR B 292 16.99 -20.09 -12.97
C THR B 292 16.80 -20.38 -11.50
N PHE B 293 17.87 -20.22 -10.74
CA PHE B 293 17.90 -20.57 -9.34
C PHE B 293 17.96 -19.32 -8.46
N PRO B 294 17.49 -19.39 -7.22
CA PRO B 294 17.45 -18.21 -6.35
C PRO B 294 18.77 -17.44 -6.33
N TYR B 295 18.66 -16.13 -6.51
CA TYR B 295 19.76 -15.18 -6.49
C TYR B 295 20.75 -15.41 -7.63
N GLY B 296 20.29 -16.01 -8.72
CA GLY B 296 21.11 -16.14 -9.91
C GLY B 296 20.84 -15.03 -10.89
N TYR B 297 21.73 -14.04 -10.95
CA TYR B 297 21.60 -12.97 -11.92
C TYR B 297 21.77 -13.53 -13.33
N HIS B 298 20.89 -13.12 -14.23
CA HIS B 298 20.95 -13.60 -15.60
C HIS B 298 20.44 -12.54 -16.56
N ALA B 299 20.92 -12.62 -17.80
CA ALA B 299 20.49 -11.70 -18.86
C ALA B 299 20.53 -12.49 -20.16
N GLY B 300 20.02 -11.90 -21.24
CA GLY B 300 20.09 -12.60 -22.50
C GLY B 300 19.48 -11.84 -23.65
N PHE B 301 19.42 -12.52 -24.79
CA PHE B 301 18.85 -11.93 -26.01
C PHE B 301 18.39 -13.01 -26.95
N ASN B 302 17.38 -12.68 -27.76
CA ASN B 302 16.81 -13.60 -28.72
C ASN B 302 17.53 -13.52 -30.06
N HIS B 303 17.66 -14.67 -30.73
CA HIS B 303 18.28 -14.75 -32.05
C HIS B 303 17.31 -14.34 -33.15
N GLY B 304 16.05 -14.68 -32.99
CA GLY B 304 15.07 -14.41 -34.02
C GLY B 304 13.67 -14.57 -33.47
N PHE B 305 12.71 -14.70 -34.38
CA PHE B 305 11.33 -14.83 -33.97
C PHE B 305 11.10 -16.14 -33.23
N ASN B 306 10.55 -16.06 -32.02
CA ASN B 306 10.30 -17.27 -31.24
C ASN B 306 9.24 -16.99 -30.17
N CYS B 307 8.96 -18.01 -29.36
CA CYS B 307 7.93 -17.93 -28.32
C CYS B 307 8.37 -18.74 -27.12
N ALA B 308 8.45 -18.11 -25.96
CA ALA B 308 8.81 -18.77 -24.70
C ALA B 308 7.70 -18.60 -23.68
N GLU B 309 7.58 -19.57 -22.78
CA GLU B 309 6.61 -19.50 -21.70
C GLU B 309 7.36 -19.70 -20.39
N SER B 310 6.97 -18.97 -19.35
CA SER B 310 7.71 -19.09 -18.11
C SER B 310 6.88 -18.67 -16.92
N THR B 311 7.41 -18.96 -15.74
CA THR B 311 6.78 -18.60 -14.48
C THR B 311 7.78 -18.87 -13.37
N ASN B 312 7.44 -18.45 -12.16
CA ASN B 312 8.27 -18.66 -10.98
C ASN B 312 7.80 -19.87 -10.20
N PHE B 313 8.73 -20.47 -9.46
CA PHE B 313 8.37 -21.56 -8.54
C PHE B 313 9.34 -21.53 -7.36
N ALA B 314 9.05 -22.32 -6.34
CA ALA B 314 9.83 -22.32 -5.13
C ALA B 314 10.11 -23.75 -4.67
N THR B 315 11.13 -23.85 -3.83
CA THR B 315 11.45 -25.03 -3.06
C THR B 315 11.63 -24.59 -1.62
N ARG B 316 11.85 -25.55 -0.73
CA ARG B 316 12.10 -25.20 0.67
C ARG B 316 13.37 -24.36 0.79
N ARG B 317 14.39 -24.67 -0.01
CA ARG B 317 15.61 -23.89 0.01
C ARG B 317 15.33 -22.41 -0.26
N TRP B 318 14.28 -22.11 -1.04
CA TRP B 318 13.99 -20.72 -1.37
C TRP B 318 13.56 -19.90 -0.16
N ILE B 319 13.03 -20.54 0.89
CA ILE B 319 12.38 -19.77 1.94
C ILE B 319 13.34 -18.72 2.51
N GLU B 320 14.54 -19.14 2.90
CA GLU B 320 15.53 -18.18 3.39
C GLU B 320 15.77 -17.06 2.40
N TYR B 321 15.94 -17.40 1.12
CA TYR B 321 16.16 -16.40 0.09
C TYR B 321 15.06 -15.35 0.09
N GLY B 322 13.80 -15.77 0.28
CA GLY B 322 12.72 -14.81 0.31
C GLY B 322 12.77 -13.91 1.54
N LYS B 323 13.19 -14.48 2.67
CA LYS B 323 13.29 -13.70 3.89
C LYS B 323 14.36 -12.62 3.78
N GLN B 324 15.40 -12.86 2.99
CA GLN B 324 16.54 -11.97 2.90
C GLN B 324 16.57 -11.14 1.63
N ALA B 325 15.59 -11.29 0.74
CA ALA B 325 15.64 -10.61 -0.55
C ALA B 325 15.57 -9.10 -0.36
N VAL B 326 16.47 -8.38 -1.03
CA VAL B 326 16.47 -6.93 -1.03
C VAL B 326 15.58 -6.48 -2.19
N LEU B 327 14.46 -5.84 -1.86
CA LEU B 327 13.44 -5.50 -2.84
C LEU B 327 13.52 -4.03 -3.24
N CYS B 328 12.97 -3.74 -4.42
CA CYS B 328 12.84 -2.36 -4.88
C CYS B 328 12.13 -1.53 -3.83
N SER B 329 12.67 -0.33 -3.56
CA SER B 329 12.13 0.55 -2.54
C SER B 329 11.52 1.83 -3.09
N CYS B 330 11.51 2.02 -4.40
CA CYS B 330 11.04 3.25 -5.00
C CYS B 330 9.63 3.16 -5.58
N ARG B 331 9.03 1.99 -5.62
CA ARG B 331 7.70 1.82 -6.21
C ARG B 331 6.84 0.94 -5.33
N LYS B 332 5.60 1.38 -5.07
CA LYS B 332 4.66 0.62 -4.28
C LYS B 332 4.04 -0.54 -5.05
N ASP B 333 4.05 -0.47 -6.39
CA ASP B 333 3.46 -1.51 -7.23
C ASP B 333 4.36 -2.73 -7.38
N MET B 334 5.50 -2.77 -6.69
CA MET B 334 6.45 -3.84 -6.89
C MET B 334 5.96 -5.13 -6.20
N VAL B 335 6.55 -6.25 -6.61
CA VAL B 335 6.12 -7.56 -6.17
C VAL B 335 6.69 -7.86 -4.80
N LYS B 336 5.80 -8.08 -3.82
CA LYS B 336 6.17 -8.56 -2.49
C LYS B 336 5.30 -9.74 -2.13
N ILE B 337 5.92 -10.77 -1.56
CA ILE B 337 5.20 -11.94 -1.05
C ILE B 337 5.46 -12.03 0.45
N SER B 338 4.40 -12.22 1.22
CA SER B 338 4.54 -12.38 2.66
C SER B 338 5.07 -13.78 2.96
N MET B 339 6.17 -13.83 3.71
CA MET B 339 6.79 -15.09 4.08
C MET B 339 6.20 -15.72 5.33
N ASP B 340 5.29 -15.01 6.02
CA ASP B 340 4.71 -15.53 7.25
C ASP B 340 4.29 -16.98 7.11
N VAL B 341 3.50 -17.26 6.06
CA VAL B 341 3.01 -18.62 5.83
C VAL B 341 4.16 -19.59 5.67
N PHE B 342 5.16 -19.22 4.85
CA PHE B 342 6.29 -20.09 4.61
C PHE B 342 7.07 -20.34 5.89
N VAL B 343 7.41 -19.27 6.62
CA VAL B 343 8.24 -19.43 7.81
C VAL B 343 7.51 -20.27 8.85
N ARG B 344 6.24 -19.95 9.12
CA ARG B 344 5.55 -20.69 10.18
C ARG B 344 5.33 -22.15 9.80
N LYS B 345 5.05 -22.43 8.52
CA LYS B 345 4.78 -23.82 8.14
C LYS B 345 6.06 -24.64 7.99
N PHE B 346 7.16 -24.03 7.55
CA PHE B 346 8.40 -24.74 7.29
C PHE B 346 9.54 -24.39 8.25
N GLN B 347 9.47 -23.25 8.92
CA GLN B 347 10.47 -22.87 9.92
C GLN B 347 9.79 -22.43 11.21
N PRO B 348 8.92 -23.28 11.77
CA PRO B 348 8.29 -22.91 13.05
C PRO B 348 9.30 -22.48 14.10
N GLU B 349 10.45 -23.14 14.15
CA GLU B 349 11.41 -22.94 15.24
C GLU B 349 11.85 -21.48 15.35
N ARG B 350 11.99 -20.78 14.23
CA ARG B 350 12.46 -19.41 14.23
C ARG B 350 11.33 -18.39 14.12
N TYR B 351 10.09 -18.84 13.94
CA TYR B 351 9.03 -17.95 13.51
C TYR B 351 8.94 -16.72 14.40
N LYS B 352 8.57 -16.90 15.68
CA LYS B 352 8.56 -15.78 16.61
C LYS B 352 9.85 -14.98 16.49
N LEU B 353 10.99 -15.66 16.63
CA LEU B 353 12.28 -14.98 16.47
C LEU B 353 12.30 -14.18 15.18
N TRP B 354 12.03 -14.85 14.05
CA TRP B 354 11.96 -14.15 12.77
C TRP B 354 10.95 -13.02 12.83
N LYS B 355 9.74 -13.31 13.31
CA LYS B 355 8.72 -12.26 13.39
C LYS B 355 9.22 -11.10 14.24
N ALA B 356 10.02 -11.40 15.27
CA ALA B 356 10.63 -10.35 16.06
C ALA B 356 11.73 -9.63 15.28
N GLY B 357 12.25 -10.24 14.24
CA GLY B 357 13.32 -9.67 13.46
C GLY B 357 14.72 -10.11 13.85
N LYS B 358 14.84 -11.16 14.67
CA LYS B 358 16.12 -11.55 15.26
C LYS B 358 16.82 -12.68 14.51
N ASP B 359 16.16 -13.30 13.53
CA ASP B 359 16.79 -14.37 12.77
C ASP B 359 17.96 -13.82 11.95
N ASN B 360 19.12 -14.49 12.06
CA ASN B 360 20.33 -14.09 11.33
C ASN B 360 20.94 -15.35 10.70
N THR B 361 20.23 -15.92 9.73
CA THR B 361 20.77 -17.05 8.98
C THR B 361 21.64 -16.52 7.84
N VAL B 362 22.78 -17.17 7.63
CA VAL B 362 23.64 -16.85 6.51
C VAL B 362 23.45 -17.92 5.45
N ILE B 363 23.05 -17.49 4.26
CA ILE B 363 22.83 -18.43 3.17
C ILE B 363 24.18 -18.84 2.59
N ASP B 364 24.41 -20.14 2.55
CA ASP B 364 25.52 -20.72 1.81
C ASP B 364 24.95 -21.17 0.47
N HIS B 365 25.29 -20.44 -0.59
CA HIS B 365 24.71 -20.72 -1.89
C HIS B 365 25.16 -22.06 -2.44
N THR B 366 26.14 -22.71 -1.82
CA THR B 366 26.63 -23.98 -2.33
C THR B 366 25.65 -25.12 -2.03
N LEU B 367 24.85 -24.99 -0.97
CA LEU B 367 24.10 -26.15 -0.48
C LEU B 367 22.87 -26.43 -1.35
N PRO B 368 22.57 -27.70 -1.62
CA PRO B 368 21.37 -28.06 -2.38
C PRO B 368 20.10 -27.99 -1.54
N THR B 369 18.99 -28.37 -2.17
CA THR B 369 17.69 -28.31 -1.52
C THR B 369 17.53 -29.44 -0.50
N PRO B 370 16.81 -29.20 0.59
CA PRO B 370 16.47 -30.31 1.50
C PRO B 370 15.88 -31.53 0.81
N GLU B 371 14.84 -31.34 -0.02
CA GLU B 371 14.14 -32.46 -0.65
C GLU B 371 15.07 -33.40 -1.42
N ALA B 372 16.31 -33.00 -1.65
CA ALA B 372 17.25 -33.81 -2.41
C ALA B 372 17.89 -34.91 -1.56
N ALA B 373 17.54 -35.02 -0.28
CA ALA B 373 18.21 -35.96 0.62
C ALA B 373 18.28 -37.36 0.03
N GLU B 374 17.24 -37.79 -0.68
CA GLU B 374 17.17 -39.17 -1.12
C GLU B 374 18.30 -39.53 -2.10
N PHE B 375 18.92 -38.55 -2.74
CA PHE B 375 19.99 -38.85 -3.69
C PHE B 375 21.36 -38.94 -3.04
N LEU B 376 21.58 -38.22 -1.94
CA LEU B 376 22.89 -38.18 -1.29
C LEU B 376 23.07 -39.40 -0.39
N SER C 27 -28.08 19.52 -10.25
CA SER C 27 -27.58 18.39 -9.47
C SER C 27 -28.33 18.27 -8.16
N GLU C 28 -28.88 19.38 -7.67
CA GLU C 28 -29.77 19.35 -6.52
C GLU C 28 -31.16 18.80 -6.87
N THR C 29 -31.47 18.69 -8.16
CA THR C 29 -32.74 18.13 -8.60
C THR C 29 -32.73 16.60 -8.53
N LEU C 30 -31.58 15.98 -8.74
CA LEU C 30 -31.47 14.52 -8.69
C LEU C 30 -31.45 14.06 -7.24
N ASN C 31 -32.20 12.99 -6.96
CA ASN C 31 -32.30 12.38 -5.64
C ASN C 31 -32.45 13.48 -4.56
N PRO C 32 -33.54 14.24 -4.60
CA PRO C 32 -33.69 15.31 -3.60
C PRO C 32 -33.77 14.80 -2.16
N SER C 33 -34.42 13.66 -1.97
CA SER C 33 -34.56 13.08 -0.63
C SER C 33 -33.25 12.50 -0.11
N ALA C 34 -32.24 12.34 -0.95
CA ALA C 34 -30.97 11.74 -0.55
C ALA C 34 -31.17 10.31 -0.07
N ARG C 35 -31.96 9.55 -0.80
CA ARG C 35 -32.27 8.18 -0.41
C ARG C 35 -31.33 7.20 -1.11
N ILE C 36 -31.17 6.03 -0.48
CA ILE C 36 -30.30 4.98 -1.02
C ILE C 36 -30.92 4.40 -2.28
N MET C 37 -30.16 4.39 -3.36
CA MET C 37 -30.64 3.88 -4.64
C MET C 37 -30.04 2.52 -4.94
N THR C 38 -30.83 1.69 -5.62
CA THR C 38 -30.41 0.35 -6.02
C THR C 38 -30.41 0.29 -7.54
N PHE C 39 -29.31 -0.21 -8.11
CA PHE C 39 -29.13 -0.23 -9.55
C PHE C 39 -29.06 -1.65 -10.08
N TYR C 40 -29.50 -1.81 -11.33
CA TYR C 40 -29.57 -3.10 -12.01
C TYR C 40 -28.93 -2.97 -13.39
N PRO C 41 -27.61 -2.86 -13.44
CA PRO C 41 -26.94 -2.70 -14.74
C PRO C 41 -27.08 -3.97 -15.58
N THR C 42 -27.05 -3.77 -16.90
CA THR C 42 -26.91 -4.91 -17.79
C THR C 42 -25.44 -5.30 -17.86
N MET C 43 -25.18 -6.42 -18.54
CA MET C 43 -23.80 -6.86 -18.73
C MET C 43 -23.00 -5.80 -19.49
N GLU C 44 -23.57 -5.31 -20.60
CA GLU C 44 -22.94 -4.25 -21.37
C GLU C 44 -22.55 -3.08 -20.48
N GLU C 45 -23.49 -2.60 -19.65
CA GLU C 45 -23.18 -1.52 -18.74
C GLU C 45 -22.20 -1.93 -17.67
N PHE C 46 -22.28 -3.19 -17.22
CA PHE C 46 -21.46 -3.65 -16.11
C PHE C 46 -19.97 -3.67 -16.47
N ARG C 47 -19.64 -3.90 -17.74
CA ARG C 47 -18.23 -4.17 -18.07
C ARG C 47 -17.29 -3.03 -17.70
N ASN C 48 -17.76 -1.79 -17.68
CA ASN C 48 -16.91 -0.63 -17.41
C ASN C 48 -17.24 -0.09 -16.03
N PHE C 49 -16.35 -0.32 -15.05
CA PHE C 49 -16.65 -0.03 -13.66
C PHE C 49 -16.73 1.47 -13.39
N SER C 50 -15.70 2.22 -13.80
CA SER C 50 -15.66 3.65 -13.53
C SER C 50 -16.80 4.37 -14.24
N ARG C 51 -17.14 3.95 -15.46
CA ARG C 51 -18.22 4.59 -16.18
C ARG C 51 -19.55 4.40 -15.45
N TYR C 52 -19.78 3.21 -14.88
CA TYR C 52 -21.03 3.02 -14.16
C TYR C 52 -21.05 3.80 -12.85
N ILE C 53 -19.91 3.94 -12.17
CA ILE C 53 -19.90 4.80 -10.99
C ILE C 53 -20.30 6.22 -11.38
N ALA C 54 -19.70 6.75 -12.46
CA ALA C 54 -20.09 8.08 -12.91
C ALA C 54 -21.57 8.12 -13.26
N TYR C 55 -22.09 7.04 -13.83
CA TYR C 55 -23.51 7.01 -14.19
C TYR C 55 -24.41 7.09 -12.97
N ILE C 56 -24.14 6.27 -11.95
CA ILE C 56 -24.98 6.29 -10.76
C ILE C 56 -24.87 7.64 -10.06
N GLU C 57 -23.71 8.30 -10.17
CA GLU C 57 -23.63 9.65 -9.63
C GLU C 57 -24.42 10.64 -10.46
N SER C 58 -24.54 10.40 -11.77
CA SER C 58 -25.39 11.25 -12.59
C SER C 58 -26.86 11.13 -12.21
N GLN C 59 -27.23 10.08 -11.50
CA GLN C 59 -28.58 9.90 -10.99
C GLN C 59 -28.71 10.34 -9.53
N GLY C 60 -27.65 10.89 -8.94
CA GLY C 60 -27.70 11.38 -7.59
C GLY C 60 -27.55 10.33 -6.50
N ALA C 61 -27.05 9.14 -6.83
CA ALA C 61 -26.91 8.11 -5.80
C ALA C 61 -26.02 8.58 -4.65
N HIS C 62 -24.94 9.29 -4.98
CA HIS C 62 -23.96 9.66 -3.98
C HIS C 62 -24.54 10.52 -2.87
N ARG C 63 -25.62 11.26 -3.15
CA ARG C 63 -26.21 12.10 -2.11
C ARG C 63 -26.58 11.29 -0.89
N ALA C 64 -26.87 9.99 -1.06
CA ALA C 64 -27.22 9.17 0.08
C ALA C 64 -26.00 8.75 0.89
N GLY C 65 -24.80 8.82 0.30
CA GLY C 65 -23.61 8.28 0.91
C GLY C 65 -23.44 6.79 0.70
N LEU C 66 -24.50 6.10 0.26
CA LEU C 66 -24.49 4.66 0.12
C LEU C 66 -25.38 4.31 -1.06
N ALA C 67 -24.99 3.31 -1.83
CA ALA C 67 -25.79 2.84 -2.96
C ALA C 67 -25.57 1.34 -3.13
N LYS C 68 -26.52 0.68 -3.81
CA LYS C 68 -26.48 -0.75 -4.04
C LYS C 68 -26.49 -1.06 -5.53
N VAL C 69 -25.56 -1.90 -5.97
CA VAL C 69 -25.47 -2.34 -7.35
C VAL C 69 -25.74 -3.85 -7.39
N VAL C 70 -26.72 -4.25 -8.18
CA VAL C 70 -27.08 -5.66 -8.36
C VAL C 70 -26.54 -6.10 -9.72
N PRO C 71 -25.53 -6.97 -9.78
CA PRO C 71 -24.99 -7.38 -11.07
C PRO C 71 -25.96 -8.31 -11.77
N PRO C 72 -25.83 -8.48 -13.09
CA PRO C 72 -26.74 -9.37 -13.81
C PRO C 72 -26.59 -10.81 -13.35
N LYS C 73 -27.72 -11.54 -13.32
CA LYS C 73 -27.72 -12.90 -12.76
C LYS C 73 -26.63 -13.78 -13.40
N GLU C 74 -26.28 -13.49 -14.66
CA GLU C 74 -25.33 -14.32 -15.38
C GLU C 74 -23.92 -14.23 -14.78
N TRP C 75 -23.54 -13.08 -14.25
CA TRP C 75 -22.17 -12.84 -13.80
C TRP C 75 -21.90 -13.53 -12.48
N LYS C 76 -20.68 -14.06 -12.33
CA LYS C 76 -20.24 -14.68 -11.10
C LYS C 76 -18.75 -14.43 -10.93
N PRO C 77 -18.31 -13.96 -9.76
CA PRO C 77 -16.86 -13.84 -9.52
C PRO C 77 -16.17 -15.17 -9.31
N ARG C 78 -16.92 -16.23 -9.01
CA ARG C 78 -16.33 -17.51 -8.62
C ARG C 78 -17.35 -18.61 -8.88
N ALA C 79 -16.86 -19.77 -9.32
CA ALA C 79 -17.77 -20.86 -9.66
C ALA C 79 -18.42 -21.46 -8.44
N SER C 80 -17.67 -21.60 -7.34
CA SER C 80 -18.24 -22.10 -6.10
C SER C 80 -17.35 -21.70 -4.95
N TYR C 81 -17.93 -21.71 -3.74
CA TYR C 81 -17.23 -21.34 -2.53
C TYR C 81 -17.03 -22.53 -1.61
N ASP C 82 -16.83 -23.71 -2.19
CA ASP C 82 -16.64 -24.94 -1.43
C ASP C 82 -15.18 -25.33 -1.30
N ASP C 83 -14.26 -24.56 -1.87
CA ASP C 83 -12.84 -24.85 -1.79
C ASP C 83 -12.07 -23.77 -1.00
N ILE C 84 -12.76 -23.07 -0.09
CA ILE C 84 -12.16 -21.96 0.63
C ILE C 84 -11.91 -22.30 2.10
N ASP C 85 -12.03 -23.57 2.49
CA ASP C 85 -11.89 -23.92 3.90
C ASP C 85 -10.46 -23.73 4.42
N ASP C 86 -9.46 -23.86 3.55
CA ASP C 86 -8.07 -23.72 3.95
C ASP C 86 -7.64 -22.27 4.13
N LEU C 87 -8.49 -21.30 3.80
CA LEU C 87 -8.14 -19.90 3.99
C LEU C 87 -7.89 -19.62 5.47
N VAL C 88 -6.94 -18.71 5.73
CA VAL C 88 -6.51 -18.41 7.09
C VAL C 88 -6.93 -16.98 7.44
N ILE C 89 -7.49 -16.84 8.63
CA ILE C 89 -7.74 -15.53 9.24
C ILE C 89 -6.61 -15.28 10.22
N PRO C 90 -5.61 -14.46 9.88
CA PRO C 90 -4.45 -14.33 10.77
C PRO C 90 -4.77 -13.70 12.11
N ALA C 91 -5.61 -12.67 12.15
CA ALA C 91 -5.87 -11.90 13.37
C ALA C 91 -7.37 -11.69 13.56
N PRO C 92 -8.11 -12.75 13.85
CA PRO C 92 -9.52 -12.57 14.23
C PRO C 92 -9.63 -11.64 15.43
N ILE C 93 -10.76 -10.93 15.51
CA ILE C 93 -11.01 -10.01 16.62
C ILE C 93 -12.32 -10.40 17.30
N GLN C 94 -12.29 -10.43 18.63
CA GLN C 94 -13.51 -10.52 19.43
C GLN C 94 -14.00 -9.12 19.74
N GLN C 95 -15.29 -8.88 19.50
CA GLN C 95 -15.88 -7.54 19.58
C GLN C 95 -16.58 -7.39 20.93
N LEU C 96 -15.87 -6.81 21.90
CA LEU C 96 -16.45 -6.49 23.20
C LEU C 96 -17.05 -5.09 23.14
N VAL C 97 -18.33 -4.98 23.46
CA VAL C 97 -19.04 -3.71 23.34
C VAL C 97 -19.54 -3.29 24.71
N THR C 98 -19.26 -2.05 25.09
CA THR C 98 -19.73 -1.48 26.34
C THR C 98 -20.56 -0.24 26.06
N GLY C 99 -21.73 -0.14 26.67
CA GLY C 99 -22.53 1.05 26.54
C GLY C 99 -23.98 0.81 26.89
N GLN C 100 -24.79 1.84 26.65
CA GLN C 100 -26.21 1.82 26.99
C GLN C 100 -26.90 2.95 26.23
N SER C 101 -28.23 2.88 26.18
CA SER C 101 -29.06 3.96 25.63
C SER C 101 -28.64 4.33 24.21
N GLY C 102 -28.25 3.33 23.43
CA GLY C 102 -27.87 3.56 22.05
C GLY C 102 -26.47 4.09 21.84
N LEU C 103 -25.69 4.26 22.92
CA LEU C 103 -24.33 4.77 22.85
C LEU C 103 -23.38 3.68 23.31
N PHE C 104 -22.53 3.22 22.39
CA PHE C 104 -21.65 2.10 22.68
C PHE C 104 -20.26 2.33 22.13
N THR C 105 -19.30 1.66 22.76
CA THR C 105 -17.90 1.69 22.36
C THR C 105 -17.48 0.24 22.18
N GLN C 106 -16.97 -0.06 20.99
CA GLN C 106 -16.58 -1.41 20.62
C GLN C 106 -15.06 -1.52 20.69
N TYR C 107 -14.58 -2.61 21.29
CA TYR C 107 -13.16 -2.90 21.43
C TYR C 107 -12.89 -4.23 20.74
N ASN C 108 -11.97 -4.23 19.78
CA ASN C 108 -11.64 -5.41 18.99
C ASN C 108 -10.38 -6.03 19.56
N ILE C 109 -10.51 -7.20 20.16
CA ILE C 109 -9.38 -7.88 20.81
C ILE C 109 -8.84 -8.95 19.86
N GLN C 110 -7.54 -8.87 19.59
CA GLN C 110 -6.90 -9.80 18.67
C GLN C 110 -6.88 -11.21 19.27
N LYS C 111 -7.26 -12.20 18.47
CA LYS C 111 -7.29 -13.60 18.89
C LYS C 111 -6.33 -14.42 18.04
N LYS C 112 -6.27 -15.70 18.38
CA LYS C 112 -5.43 -16.66 17.69
C LYS C 112 -5.89 -16.84 16.24
N ALA C 113 -4.94 -17.16 15.37
CA ALA C 113 -5.26 -17.39 13.96
C ALA C 113 -6.15 -18.63 13.82
N MET C 114 -6.95 -18.66 12.76
CA MET C 114 -7.80 -19.80 12.49
C MET C 114 -8.16 -19.85 11.01
N THR C 115 -8.56 -21.03 10.55
CA THR C 115 -8.96 -21.22 9.18
C THR C 115 -10.44 -20.89 9.00
N VAL C 116 -10.85 -20.66 7.75
CA VAL C 116 -12.26 -20.39 7.48
C VAL C 116 -13.11 -21.53 8.00
N ARG C 117 -12.66 -22.76 7.85
CA ARG C 117 -13.40 -23.92 8.33
C ARG C 117 -13.72 -23.81 9.82
N GLU C 118 -12.69 -23.50 10.63
CA GLU C 118 -12.91 -23.32 12.06
C GLU C 118 -13.93 -22.22 12.33
N PHE C 119 -13.73 -21.06 11.69
CA PHE C 119 -14.64 -19.94 11.89
C PHE C 119 -16.07 -20.34 11.56
N ARG C 120 -16.27 -21.03 10.44
N ARG C 120 -16.27 -21.05 10.44
CA ARG C 120 -17.61 -21.47 10.07
CA ARG C 120 -17.62 -21.47 10.06
C ARG C 120 -18.21 -22.37 11.14
C ARG C 120 -18.23 -22.38 11.12
N LYS C 121 -17.40 -23.25 11.72
CA LYS C 121 -17.91 -24.11 12.78
C LYS C 121 -18.39 -23.27 13.96
N ILE C 122 -17.55 -22.35 14.44
CA ILE C 122 -17.92 -21.55 15.61
C ILE C 122 -19.16 -20.70 15.30
N ALA C 123 -19.16 -20.01 14.16
CA ALA C 123 -20.25 -19.09 13.82
C ALA C 123 -21.59 -19.81 13.70
N ASN C 124 -21.57 -21.10 13.35
CA ASN C 124 -22.81 -21.87 13.26
C ASN C 124 -23.20 -22.53 14.57
N SER C 125 -22.36 -22.43 15.60
CA SER C 125 -22.65 -23.07 16.89
C SER C 125 -23.87 -22.43 17.54
N ASP C 126 -24.50 -23.19 18.43
CA ASP C 126 -25.69 -22.70 19.12
C ASP C 126 -25.40 -21.48 19.98
N LYS C 127 -24.15 -21.27 20.37
CA LYS C 127 -23.81 -20.12 21.21
C LYS C 127 -23.73 -18.84 20.41
N TYR C 128 -23.30 -18.91 19.14
CA TYR C 128 -23.10 -17.73 18.32
C TYR C 128 -24.08 -17.59 17.15
N CYS C 129 -24.93 -18.59 16.91
CA CYS C 129 -25.70 -18.60 15.68
C CYS C 129 -26.79 -17.52 15.69
N THR C 130 -27.31 -17.24 14.51
CA THR C 130 -28.32 -16.22 14.32
C THR C 130 -29.60 -16.57 15.08
N PRO C 131 -30.07 -15.73 16.01
CA PRO C 131 -31.34 -16.04 16.69
C PRO C 131 -32.48 -16.18 15.70
N ARG C 132 -33.58 -16.75 16.20
CA ARG C 132 -34.77 -16.94 15.39
C ARG C 132 -35.56 -15.65 15.27
N TYR C 133 -35.94 -15.31 14.05
CA TYR C 133 -36.71 -14.11 13.77
C TYR C 133 -37.55 -14.35 12.52
N SER C 134 -38.62 -13.58 12.39
CA SER C 134 -39.48 -13.61 11.21
C SER C 134 -39.18 -12.48 10.24
N GLU C 135 -39.20 -11.23 10.72
CA GLU C 135 -38.98 -10.06 9.89
C GLU C 135 -37.69 -9.35 10.29
N PHE C 136 -37.21 -8.48 9.40
CA PHE C 136 -35.94 -7.80 9.64
C PHE C 136 -36.00 -6.91 10.88
N GLU C 137 -37.14 -6.25 11.10
CA GLU C 137 -37.24 -5.33 12.23
C GLU C 137 -36.99 -6.06 13.55
N GLU C 138 -37.46 -7.31 13.65
CA GLU C 138 -37.22 -8.11 14.85
C GLU C 138 -35.74 -8.41 15.03
N LEU C 139 -35.06 -8.78 13.94
CA LEU C 139 -33.65 -9.12 14.03
C LEU C 139 -32.82 -7.90 14.43
N GLU C 140 -33.14 -6.75 13.84
CA GLU C 140 -32.48 -5.50 14.23
C GLU C 140 -32.71 -5.21 15.71
N ARG C 141 -33.96 -5.36 16.17
CA ARG C 141 -34.27 -5.16 17.58
C ARG C 141 -33.37 -6.01 18.46
N LYS C 142 -33.25 -7.31 18.13
CA LYS C 142 -32.40 -8.19 18.92
C LYS C 142 -30.95 -7.73 18.87
N TYR C 143 -30.50 -7.22 17.73
CA TYR C 143 -29.12 -6.77 17.63
C TYR C 143 -28.87 -5.62 18.60
N TRP C 144 -29.73 -4.60 18.59
CA TRP C 144 -29.50 -3.46 19.47
C TRP C 144 -29.72 -3.83 20.93
N LYS C 145 -30.54 -4.83 21.20
CA LYS C 145 -30.79 -5.27 22.58
C LYS C 145 -29.65 -6.12 23.14
N ASN C 146 -28.94 -6.87 22.30
CA ASN C 146 -28.02 -7.89 22.80
C ASN C 146 -26.56 -7.71 22.33
N LEU C 147 -26.23 -6.62 21.65
CA LEU C 147 -24.88 -6.52 21.09
C LEU C 147 -23.80 -6.44 22.15
N THR C 148 -24.17 -6.09 23.39
CA THR C 148 -23.21 -6.04 24.50
C THR C 148 -22.85 -7.43 25.00
N PHE C 149 -23.76 -8.38 24.86
CA PHE C 149 -23.61 -9.70 25.47
C PHE C 149 -23.01 -10.70 24.48
N ASN C 150 -22.39 -11.73 25.03
CA ASN C 150 -21.85 -12.85 24.25
C ASN C 150 -21.02 -12.33 23.07
N PRO C 151 -19.91 -11.64 23.35
CA PRO C 151 -19.17 -10.96 22.29
C PRO C 151 -18.77 -11.93 21.17
N PRO C 152 -19.06 -11.57 19.91
CA PRO C 152 -18.79 -12.48 18.79
C PRO C 152 -17.38 -12.36 18.24
N ILE C 153 -17.07 -13.15 17.22
CA ILE C 153 -15.74 -13.14 16.58
C ILE C 153 -15.91 -12.73 15.14
N TYR C 154 -15.09 -11.79 14.69
CA TYR C 154 -15.15 -11.25 13.33
C TYR C 154 -13.82 -11.47 12.64
N GLY C 155 -13.85 -12.16 11.51
CA GLY C 155 -12.66 -12.34 10.70
C GLY C 155 -12.48 -11.20 9.71
N ALA C 156 -12.03 -10.07 10.21
CA ALA C 156 -11.96 -8.85 9.41
C ALA C 156 -10.53 -8.57 8.95
N ASP C 157 -10.43 -7.67 7.98
CA ASP C 157 -9.13 -7.13 7.55
C ASP C 157 -8.17 -8.24 7.12
N VAL C 158 -8.67 -9.21 6.34
CA VAL C 158 -7.84 -10.29 5.82
C VAL C 158 -7.43 -9.93 4.39
N ASN C 159 -6.13 -9.78 4.18
CA ASN C 159 -5.61 -9.55 2.84
C ASN C 159 -5.87 -10.80 1.99
N GLY C 160 -6.67 -10.64 0.94
CA GLY C 160 -7.00 -11.76 0.10
C GLY C 160 -8.13 -11.43 -0.86
N THR C 161 -8.58 -12.45 -1.57
CA THR C 161 -9.61 -12.30 -2.58
C THR C 161 -10.24 -13.65 -2.87
N LEU C 162 -11.51 -13.62 -3.28
CA LEU C 162 -12.20 -14.83 -3.71
C LEU C 162 -12.52 -14.81 -5.20
N TYR C 163 -12.20 -13.72 -5.89
CA TYR C 163 -12.38 -13.64 -7.33
C TYR C 163 -11.44 -14.60 -8.05
N GLU C 164 -11.97 -15.32 -9.04
CA GLU C 164 -11.11 -16.11 -9.91
C GLU C 164 -10.25 -15.19 -10.76
N LYS C 165 -9.08 -15.71 -11.16
CA LYS C 165 -8.07 -14.88 -11.80
C LYS C 165 -8.60 -14.22 -13.07
N HIS C 166 -9.48 -14.88 -13.81
CA HIS C 166 -9.89 -14.42 -15.13
C HIS C 166 -10.96 -13.33 -15.10
N VAL C 167 -11.58 -13.07 -13.94
CA VAL C 167 -12.67 -12.11 -13.89
C VAL C 167 -12.11 -10.70 -14.09
N ASP C 168 -12.59 -10.03 -15.14
CA ASP C 168 -12.16 -8.67 -15.43
C ASP C 168 -13.22 -7.63 -15.12
N GLU C 169 -14.43 -8.03 -14.75
CA GLU C 169 -15.51 -7.10 -14.44
C GLU C 169 -15.60 -6.91 -12.93
N TRP C 170 -15.42 -5.67 -12.47
CA TRP C 170 -15.64 -5.30 -11.08
C TRP C 170 -14.76 -6.15 -10.15
N ASN C 171 -13.52 -6.38 -10.56
CA ASN C 171 -12.58 -7.18 -9.76
C ASN C 171 -12.03 -6.28 -8.66
N ILE C 172 -12.56 -6.45 -7.45
CA ILE C 172 -12.17 -5.63 -6.32
C ILE C 172 -10.65 -5.65 -6.12
N GLY C 173 -9.98 -6.70 -6.62
CA GLY C 173 -8.54 -6.77 -6.47
C GLY C 173 -7.80 -5.74 -7.30
N ARG C 174 -8.26 -5.49 -8.54
N ARG C 174 -8.24 -5.52 -8.54
CA ARG C 174 -7.56 -4.64 -9.49
CA ARG C 174 -7.55 -4.63 -9.48
C ARG C 174 -8.56 -3.70 -10.16
C ARG C 174 -8.58 -3.72 -10.15
N LEU C 175 -9.14 -2.78 -9.38
CA LEU C 175 -10.13 -1.87 -9.94
C LEU C 175 -9.50 -0.82 -10.84
N ARG C 176 -8.23 -0.50 -10.61
CA ARG C 176 -7.46 0.35 -11.52
C ARG C 176 -8.06 1.74 -11.67
N THR C 177 -8.49 2.32 -10.56
CA THR C 177 -8.92 3.71 -10.55
C THR C 177 -7.72 4.62 -10.35
N ILE C 178 -7.94 5.93 -10.39
CA ILE C 178 -6.86 6.88 -10.18
C ILE C 178 -6.22 6.74 -8.81
N LEU C 179 -6.85 6.01 -7.89
CA LEU C 179 -6.21 5.78 -6.59
C LEU C 179 -4.83 5.17 -6.78
N ASP C 180 -4.67 4.34 -7.81
CA ASP C 180 -3.39 3.68 -8.06
C ASP C 180 -2.25 4.67 -8.29
N LEU C 181 -2.53 5.96 -8.39
CA LEU C 181 -1.45 6.92 -8.53
C LEU C 181 -0.59 7.03 -7.28
N VAL C 182 -1.09 6.58 -6.12
CA VAL C 182 -0.21 6.57 -4.96
C VAL C 182 0.81 5.43 -5.05
N GLU C 183 0.58 4.46 -5.94
CA GLU C 183 1.48 3.34 -6.12
C GLU C 183 2.39 3.57 -7.33
N GLY C 192 -1.83 -0.83 0.72
CA GLY C 192 -2.96 -0.85 1.63
C GLY C 192 -4.31 -0.58 0.98
N VAL C 193 -4.51 0.64 0.49
CA VAL C 193 -5.85 1.10 0.16
C VAL C 193 -6.42 0.36 -1.05
N ASN C 194 -5.63 0.23 -2.11
CA ASN C 194 -6.15 -0.35 -3.34
C ASN C 194 -6.07 -1.88 -3.34
N THR C 195 -5.85 -2.49 -2.16
CA THR C 195 -5.76 -3.94 -2.06
C THR C 195 -7.08 -4.54 -1.61
N PRO C 196 -7.34 -5.79 -1.97
CA PRO C 196 -8.59 -6.45 -1.57
C PRO C 196 -8.54 -7.01 -0.15
N TYR C 197 -9.69 -6.97 0.51
CA TYR C 197 -9.81 -7.49 1.87
C TYR C 197 -11.04 -8.37 2.00
N LEU C 198 -10.94 -9.37 2.89
CA LEU C 198 -12.00 -10.32 3.13
C LEU C 198 -12.52 -10.19 4.55
N TYR C 199 -13.83 -10.39 4.71
CA TYR C 199 -14.52 -10.20 5.97
C TYR C 199 -15.43 -11.40 6.19
N PHE C 200 -15.05 -12.24 7.14
CA PHE C 200 -15.84 -13.40 7.50
C PHE C 200 -16.65 -13.03 8.74
N GLY C 201 -17.96 -12.93 8.58
CA GLY C 201 -18.83 -12.42 9.61
C GLY C 201 -19.68 -13.52 10.20
N MET C 202 -20.03 -13.35 11.47
CA MET C 202 -21.04 -14.14 12.16
C MET C 202 -22.02 -13.19 12.82
N TRP C 203 -23.04 -13.75 13.45
CA TRP C 203 -24.14 -12.95 13.96
C TRP C 203 -23.67 -11.85 14.93
N LYS C 204 -24.23 -10.66 14.72
CA LYS C 204 -24.01 -9.41 15.48
C LYS C 204 -22.54 -8.99 15.59
N THR C 205 -21.67 -9.48 14.71
CA THR C 205 -20.47 -8.72 14.41
C THR C 205 -20.86 -7.43 13.71
N SER C 206 -20.14 -6.34 13.98
CA SER C 206 -20.59 -5.04 13.52
C SER C 206 -19.41 -4.16 13.15
N PHE C 207 -19.71 -3.09 12.40
CA PHE C 207 -18.76 -2.05 12.08
C PHE C 207 -19.30 -0.71 12.54
N ALA C 208 -18.43 0.09 13.15
CA ALA C 208 -18.78 1.35 13.77
C ALA C 208 -19.00 2.44 12.73
N TRP C 209 -19.64 3.53 13.16
CA TRP C 209 -19.83 4.69 12.31
C TRP C 209 -18.49 5.25 11.85
N HIS C 210 -18.36 5.45 10.54
CA HIS C 210 -17.11 5.95 10.00
C HIS C 210 -17.33 6.41 8.57
N THR C 211 -16.41 7.24 8.09
CA THR C 211 -16.16 7.41 6.67
C THR C 211 -14.90 6.64 6.32
N GLU C 212 -14.59 6.59 5.03
CA GLU C 212 -13.37 5.91 4.62
C GLU C 212 -12.16 6.77 4.92
N ASP C 213 -11.01 6.11 5.06
CA ASP C 213 -9.75 6.84 5.21
C ASP C 213 -9.59 7.78 4.02
N MET C 214 -9.22 9.02 4.30
CA MET C 214 -9.09 10.07 3.29
C MET C 214 -10.41 10.33 2.58
N ASP C 215 -11.52 10.01 3.23
CA ASP C 215 -12.86 10.19 2.66
C ASP C 215 -12.93 9.65 1.24
N LEU C 216 -12.34 8.47 1.04
CA LEU C 216 -12.35 7.76 -0.22
C LEU C 216 -13.70 7.09 -0.46
N TYR C 217 -13.82 6.48 -1.65
CA TYR C 217 -14.90 5.55 -1.93
C TYR C 217 -14.57 4.18 -1.35
N SER C 218 -15.62 3.37 -1.17
CA SER C 218 -15.42 1.97 -0.86
C SER C 218 -16.38 1.11 -1.66
N ILE C 219 -15.94 -0.10 -1.98
CA ILE C 219 -16.76 -1.09 -2.67
C ILE C 219 -16.76 -2.36 -1.82
N ASN C 220 -17.94 -2.96 -1.68
CA ASN C 220 -18.17 -4.15 -0.86
C ASN C 220 -19.01 -5.12 -1.66
N TYR C 221 -18.58 -6.37 -1.73
CA TYR C 221 -19.33 -7.42 -2.41
C TYR C 221 -19.56 -8.56 -1.44
N LEU C 222 -20.81 -9.00 -1.33
CA LEU C 222 -21.11 -10.14 -0.46
C LEU C 222 -21.07 -11.42 -1.28
N HIS C 223 -20.01 -12.23 -1.09
CA HIS C 223 -19.84 -13.43 -1.89
C HIS C 223 -20.91 -14.47 -1.56
N PHE C 224 -21.09 -14.77 -0.28
CA PHE C 224 -22.06 -15.78 0.11
C PHE C 224 -22.53 -15.51 1.53
N GLY C 225 -23.52 -16.30 1.95
CA GLY C 225 -23.91 -16.34 3.33
C GLY C 225 -25.03 -15.37 3.67
N GLU C 226 -25.18 -15.20 4.98
CA GLU C 226 -26.26 -14.39 5.52
C GLU C 226 -26.06 -12.91 5.16
N PRO C 227 -27.12 -12.11 5.24
CA PRO C 227 -27.05 -10.73 4.77
C PRO C 227 -26.24 -9.84 5.70
N LYS C 228 -26.03 -8.60 5.25
CA LYS C 228 -25.27 -7.59 5.98
C LYS C 228 -26.04 -6.28 5.94
N SER C 229 -26.48 -5.80 7.10
CA SER C 229 -27.29 -4.58 7.16
C SER C 229 -26.45 -3.34 7.41
N TRP C 230 -26.87 -2.24 6.77
CA TRP C 230 -26.14 -0.98 6.73
C TRP C 230 -27.03 0.18 7.15
N TYR C 231 -26.38 1.18 7.74
CA TYR C 231 -26.94 2.47 8.12
C TYR C 231 -26.07 3.55 7.48
N SER C 232 -26.70 4.60 6.95
CA SER C 232 -25.95 5.64 6.24
C SER C 232 -26.52 7.02 6.51
N VAL C 233 -25.64 8.00 6.59
CA VAL C 233 -26.01 9.41 6.72
C VAL C 233 -25.58 10.13 5.45
N PRO C 234 -26.47 10.85 4.78
CA PRO C 234 -26.07 11.58 3.58
C PRO C 234 -24.88 12.49 3.86
N PRO C 235 -23.85 12.46 3.01
CA PRO C 235 -22.70 13.35 3.23
C PRO C 235 -23.10 14.79 3.56
N GLU C 236 -24.18 15.30 2.96
CA GLU C 236 -24.63 16.66 3.24
C GLU C 236 -24.85 16.89 4.72
N HIS C 237 -25.27 15.85 5.42
CA HIS C 237 -25.56 15.92 6.84
C HIS C 237 -24.47 15.32 7.74
N GLY C 238 -23.35 14.91 7.15
CA GLY C 238 -22.29 14.32 7.94
C GLY C 238 -21.90 15.16 9.14
N LYS C 239 -21.74 16.47 8.94
CA LYS C 239 -21.33 17.33 10.04
C LYS C 239 -22.21 17.15 11.25
N ARG C 240 -23.53 17.07 11.05
CA ARG C 240 -24.43 16.93 12.17
C ARG C 240 -24.10 15.67 12.98
N LEU C 241 -23.88 14.55 12.28
CA LEU C 241 -23.46 13.35 13.01
C LEU C 241 -22.25 13.66 13.86
N GLU C 242 -21.21 14.25 13.26
CA GLU C 242 -20.00 14.55 14.02
C GLU C 242 -20.35 15.36 15.25
N ARG C 243 -21.16 16.41 15.07
CA ARG C 243 -21.56 17.22 16.22
C ARG C 243 -22.16 16.34 17.29
N LEU C 244 -23.19 15.58 16.92
CA LEU C 244 -23.84 14.73 17.92
C LEU C 244 -22.81 13.82 18.58
N ALA C 245 -21.92 13.23 17.79
CA ALA C 245 -20.94 12.30 18.36
C ALA C 245 -20.07 13.02 19.37
N LYS C 246 -19.59 14.21 19.01
CA LYS C 246 -18.78 14.98 19.95
C LYS C 246 -19.57 15.31 21.21
N GLY C 247 -20.89 15.47 21.09
CA GLY C 247 -21.71 15.71 22.25
C GLY C 247 -21.79 14.53 23.19
N PHE C 248 -21.72 13.31 22.64
CA PHE C 248 -21.87 12.11 23.46
C PHE C 248 -20.57 11.59 24.00
N PHE C 249 -19.46 11.86 23.32
CA PHE C 249 -18.13 11.44 23.77
C PHE C 249 -17.22 12.67 23.79
N PRO C 250 -17.37 13.54 24.80
CA PRO C 250 -16.53 14.74 24.84
C PRO C 250 -15.07 14.43 25.09
N GLY C 251 -14.78 13.46 25.96
CA GLY C 251 -13.40 13.09 26.22
C GLY C 251 -12.68 12.60 24.97
N SER C 252 -13.36 11.79 24.15
CA SER C 252 -12.77 11.34 22.90
C SER C 252 -12.49 12.52 21.97
N ALA C 253 -13.40 13.50 21.96
CA ALA C 253 -13.25 14.64 21.05
C ALA C 253 -12.10 15.54 21.48
N GLN C 254 -11.94 15.76 22.78
CA GLN C 254 -10.77 16.49 23.27
C GLN C 254 -9.50 15.72 22.96
N SER C 255 -9.54 14.40 23.13
CA SER C 255 -8.37 13.57 22.83
C SER C 255 -8.00 13.64 21.36
N CYS C 256 -8.99 13.61 20.47
CA CYS C 256 -8.74 13.51 19.04
C CYS C 256 -9.78 14.30 18.27
N GLU C 257 -9.32 15.00 17.23
CA GLU C 257 -10.24 15.75 16.37
C GLU C 257 -11.19 14.80 15.64
N ALA C 258 -10.68 13.69 15.13
CA ALA C 258 -11.49 12.78 14.31
C ALA C 258 -11.58 11.39 14.95
N PHE C 259 -12.06 11.33 16.20
CA PHE C 259 -12.06 10.06 16.94
C PHE C 259 -12.91 9.00 16.27
N LEU C 260 -13.87 9.39 15.43
CA LEU C 260 -14.62 8.40 14.66
C LEU C 260 -13.72 7.60 13.74
N ARG C 261 -12.55 8.13 13.38
CA ARG C 261 -11.61 7.35 12.58
C ARG C 261 -11.12 6.12 13.31
N HIS C 262 -11.20 6.10 14.65
CA HIS C 262 -10.84 4.91 15.40
C HIS C 262 -11.78 3.75 15.12
N LYS C 263 -12.99 4.03 14.62
CA LYS C 263 -13.99 3.01 14.29
C LYS C 263 -14.34 2.17 15.52
N MET C 264 -14.53 2.85 16.66
CA MET C 264 -14.96 2.20 17.88
C MET C 264 -16.31 2.72 18.36
N THR C 265 -16.97 3.62 17.62
CA THR C 265 -18.17 4.29 18.07
C THR C 265 -19.40 3.69 17.44
N LEU C 266 -20.32 3.19 18.26
CA LEU C 266 -21.60 2.65 17.78
C LEU C 266 -22.74 3.50 18.32
N ILE C 267 -23.66 3.85 17.42
CA ILE C 267 -24.80 4.71 17.74
C ILE C 267 -26.03 4.12 17.05
N SER C 268 -27.09 3.87 17.81
CA SER C 268 -28.26 3.21 17.26
C SER C 268 -29.10 4.17 16.43
N PRO C 269 -29.89 3.64 15.49
CA PRO C 269 -30.81 4.51 14.72
C PRO C 269 -31.77 5.28 15.60
N LEU C 270 -32.18 4.71 16.74
CA LEU C 270 -33.13 5.40 17.60
C LEU C 270 -32.54 6.68 18.17
N MET C 271 -31.23 6.72 18.41
CA MET C 271 -30.59 7.96 18.84
C MET C 271 -30.53 8.97 17.70
N LEU C 272 -30.12 8.51 16.51
CA LEU C 272 -30.10 9.38 15.35
C LEU C 272 -31.45 10.06 15.15
N LYS C 273 -32.52 9.25 15.14
CA LYS C 273 -33.86 9.79 14.94
C LYS C 273 -34.28 10.64 16.13
N LYS C 274 -33.81 10.30 17.33
CA LYS C 274 -34.16 11.08 18.52
C LYS C 274 -33.61 12.50 18.43
N TYR C 275 -32.48 12.71 17.74
CA TYR C 275 -31.93 14.07 17.62
C TYR C 275 -32.04 14.63 16.21
N GLY C 276 -32.96 14.12 15.39
CA GLY C 276 -33.28 14.76 14.13
C GLY C 276 -32.24 14.60 13.04
N ILE C 277 -31.50 13.49 13.04
CA ILE C 277 -30.40 13.29 12.12
C ILE C 277 -30.90 12.43 10.96
N PRO C 278 -30.79 12.89 9.71
CA PRO C 278 -31.28 12.07 8.60
C PRO C 278 -30.38 10.86 8.38
N PHE C 279 -31.01 9.71 8.18
CA PHE C 279 -30.27 8.48 7.95
C PHE C 279 -31.18 7.53 7.20
N ASP C 280 -30.57 6.47 6.67
CA ASP C 280 -31.31 5.46 5.94
C ASP C 280 -30.69 4.11 6.26
N LYS C 281 -31.42 3.05 5.89
CA LYS C 281 -30.98 1.70 6.14
C LYS C 281 -31.18 0.85 4.89
N VAL C 282 -30.31 -0.14 4.74
CA VAL C 282 -30.37 -1.04 3.60
C VAL C 282 -29.79 -2.37 4.02
N THR C 283 -30.36 -3.46 3.53
CA THR C 283 -29.83 -4.80 3.81
C THR C 283 -29.24 -5.35 2.53
N GLN C 284 -27.95 -5.71 2.60
CA GLN C 284 -27.20 -6.25 1.47
C GLN C 284 -27.27 -7.78 1.49
N GLU C 285 -27.66 -8.36 0.35
CA GLU C 285 -27.80 -9.80 0.22
C GLU C 285 -26.58 -10.37 -0.52
N ALA C 286 -26.41 -11.69 -0.43
CA ALA C 286 -25.28 -12.34 -1.09
C ALA C 286 -25.41 -12.18 -2.60
N GLY C 287 -24.30 -11.81 -3.24
CA GLY C 287 -24.30 -11.51 -4.66
C GLY C 287 -24.52 -10.06 -4.98
N GLU C 288 -24.55 -9.18 -3.98
CA GLU C 288 -24.81 -7.77 -4.19
C GLU C 288 -23.62 -6.91 -3.79
N PHE C 289 -23.48 -5.80 -4.53
CA PHE C 289 -22.44 -4.80 -4.32
C PHE C 289 -23.02 -3.62 -3.56
N MET C 290 -22.22 -3.03 -2.69
CA MET C 290 -22.53 -1.79 -2.01
C MET C 290 -21.38 -0.82 -2.26
N ILE C 291 -21.74 0.40 -2.66
CA ILE C 291 -20.78 1.47 -2.89
C ILE C 291 -21.00 2.53 -1.82
N THR C 292 -19.94 2.88 -1.11
CA THR C 292 -19.98 4.03 -0.22
C THR C 292 -19.20 5.17 -0.87
N PHE C 293 -19.73 6.38 -0.73
CA PHE C 293 -19.22 7.57 -1.38
C PHE C 293 -18.41 8.42 -0.42
N PRO C 294 -17.58 9.32 -0.93
CA PRO C 294 -16.72 10.12 -0.06
C PRO C 294 -17.54 10.89 0.99
N TYR C 295 -17.03 10.86 2.22
CA TYR C 295 -17.61 11.53 3.38
C TYR C 295 -18.99 10.97 3.76
N GLY C 296 -19.30 9.75 3.36
CA GLY C 296 -20.54 9.13 3.77
C GLY C 296 -20.39 8.24 5.00
N TYR C 297 -20.94 8.68 6.13
CA TYR C 297 -20.86 7.88 7.35
C TYR C 297 -21.79 6.67 7.26
N HIS C 298 -21.25 5.50 7.55
CA HIS C 298 -22.02 4.27 7.54
C HIS C 298 -21.60 3.39 8.71
N ALA C 299 -22.50 2.48 9.08
CA ALA C 299 -22.22 1.47 10.11
C ALA C 299 -23.15 0.29 9.82
N GLY C 300 -23.01 -0.78 10.58
CA GLY C 300 -23.91 -1.90 10.38
C GLY C 300 -23.46 -3.16 11.09
N PHE C 301 -24.08 -4.27 10.68
CA PHE C 301 -23.85 -5.55 11.35
C PHE C 301 -24.22 -6.69 10.42
N ASN C 302 -23.62 -7.85 10.70
CA ASN C 302 -23.88 -9.07 9.95
C ASN C 302 -24.95 -9.91 10.64
N HIS C 303 -25.80 -10.55 9.83
CA HIS C 303 -26.87 -11.41 10.35
C HIS C 303 -26.35 -12.77 10.79
N GLY C 304 -25.36 -13.29 10.10
CA GLY C 304 -24.86 -14.60 10.39
C GLY C 304 -23.58 -14.85 9.63
N PHE C 305 -23.28 -16.12 9.44
CA PHE C 305 -22.06 -16.49 8.72
C PHE C 305 -22.12 -15.97 7.28
N ASN C 306 -21.12 -15.16 6.91
CA ASN C 306 -21.03 -14.69 5.54
C ASN C 306 -19.58 -14.31 5.25
N CYS C 307 -19.32 -13.96 3.99
CA CYS C 307 -18.02 -13.47 3.58
C CYS C 307 -18.18 -12.35 2.57
N ALA C 308 -17.52 -11.23 2.81
CA ALA C 308 -17.55 -10.08 1.92
C ALA C 308 -16.12 -9.72 1.52
N GLU C 309 -15.99 -9.04 0.40
CA GLU C 309 -14.71 -8.58 -0.10
C GLU C 309 -14.83 -7.10 -0.39
N SER C 310 -13.76 -6.34 -0.15
CA SER C 310 -13.93 -4.89 -0.25
C SER C 310 -12.59 -4.21 -0.49
N THR C 311 -12.69 -2.97 -0.94
CA THR C 311 -11.51 -2.13 -1.12
C THR C 311 -11.94 -0.67 -1.14
N ASN C 312 -10.95 0.21 -1.10
CA ASN C 312 -11.14 1.64 -1.30
C ASN C 312 -10.86 1.97 -2.76
N PHE C 313 -11.50 3.02 -3.26
CA PHE C 313 -11.16 3.51 -4.58
C PHE C 313 -11.48 4.99 -4.67
N ALA C 314 -11.12 5.59 -5.80
CA ALA C 314 -11.29 7.01 -6.00
C ALA C 314 -11.79 7.29 -7.41
N THR C 315 -12.32 8.49 -7.58
CA THR C 315 -12.58 9.11 -8.87
C THR C 315 -12.04 10.53 -8.79
N ARG C 316 -12.15 11.29 -9.89
CA ARG C 316 -11.67 12.67 -9.86
C ARG C 316 -12.38 13.47 -8.77
N ARG C 317 -13.69 13.24 -8.60
CA ARG C 317 -14.45 13.99 -7.60
C ARG C 317 -13.90 13.80 -6.18
N TRP C 318 -13.23 12.67 -5.92
CA TRP C 318 -12.71 12.46 -4.57
C TRP C 318 -11.57 13.40 -4.24
N ILE C 319 -10.86 13.93 -5.26
CA ILE C 319 -9.61 14.65 -4.97
C ILE C 319 -9.86 15.76 -3.96
N GLU C 320 -10.89 16.58 -4.18
CA GLU C 320 -11.16 17.67 -3.24
C GLU C 320 -11.43 17.13 -1.84
N TYR C 321 -12.24 16.07 -1.73
CA TYR C 321 -12.46 15.44 -0.43
C TYR C 321 -11.14 15.03 0.19
N GLY C 322 -10.22 14.46 -0.60
CA GLY C 322 -8.94 14.07 -0.05
C GLY C 322 -8.17 15.26 0.49
N LYS C 323 -8.30 16.41 -0.16
CA LYS C 323 -7.57 17.59 0.29
C LYS C 323 -8.15 18.12 1.60
N GLN C 324 -9.46 18.04 1.78
CA GLN C 324 -10.14 18.64 2.92
C GLN C 324 -10.41 17.66 4.05
N ALA C 325 -9.85 16.45 3.99
CA ALA C 325 -10.13 15.43 4.98
C ALA C 325 -9.51 15.77 6.34
N VAL C 326 -10.29 15.56 7.40
CA VAL C 326 -9.84 15.77 8.77
C VAL C 326 -9.39 14.43 9.32
N LEU C 327 -8.11 14.29 9.66
CA LEU C 327 -7.51 13.01 9.98
C LEU C 327 -7.28 12.84 11.47
N CYS C 328 -7.06 11.58 11.86
CA CYS C 328 -6.74 11.25 13.24
C CYS C 328 -5.38 11.80 13.61
N SER C 329 -5.29 12.40 14.80
CA SER C 329 -4.07 13.08 15.23
C SER C 329 -3.23 12.28 16.22
N CYS C 330 -3.83 11.38 17.00
CA CYS C 330 -3.19 10.92 18.23
C CYS C 330 -2.20 9.75 18.06
N ARG C 331 -1.92 9.27 16.85
CA ARG C 331 -0.89 8.24 16.74
C ARG C 331 -0.24 8.26 15.36
N LYS C 332 0.82 7.47 15.24
CA LYS C 332 1.72 7.52 14.09
C LYS C 332 1.20 6.72 12.90
N ASP C 333 0.48 5.63 13.12
CA ASP C 333 0.12 4.70 12.06
C ASP C 333 -1.31 4.91 11.54
N MET C 334 -1.86 6.11 11.71
CA MET C 334 -3.13 6.44 11.08
C MET C 334 -2.95 6.62 9.57
N VAL C 335 -3.96 6.19 8.80
CA VAL C 335 -3.86 6.22 7.34
C VAL C 335 -3.80 7.67 6.88
N LYS C 336 -2.74 8.01 6.14
CA LYS C 336 -2.59 9.34 5.57
C LYS C 336 -2.03 9.20 4.16
N ILE C 337 -2.69 9.81 3.19
CA ILE C 337 -2.26 9.78 1.80
C ILE C 337 -1.88 11.19 1.37
N SER C 338 -0.73 11.32 0.72
CA SER C 338 -0.29 12.59 0.20
C SER C 338 -1.08 12.96 -1.05
N MET C 339 -1.70 14.14 -1.03
CA MET C 339 -2.52 14.61 -2.14
C MET C 339 -1.70 15.38 -3.19
N ASP C 340 -0.41 15.59 -2.95
CA ASP C 340 0.40 16.40 -3.85
C ASP C 340 0.38 15.85 -5.28
N VAL C 341 0.44 14.52 -5.42
CA VAL C 341 0.48 13.90 -6.74
C VAL C 341 -0.81 14.17 -7.51
N PHE C 342 -1.95 14.06 -6.81
CA PHE C 342 -3.24 14.28 -7.47
C PHE C 342 -3.43 15.75 -7.82
N VAL C 343 -2.95 16.65 -6.97
CA VAL C 343 -3.09 18.07 -7.28
C VAL C 343 -2.25 18.42 -8.48
N ARG C 344 -1.04 17.87 -8.58
CA ARG C 344 -0.23 18.12 -9.75
C ARG C 344 -0.90 17.61 -11.02
N LYS C 345 -1.36 16.35 -11.01
CA LYS C 345 -1.89 15.78 -12.24
C LYS C 345 -3.20 16.45 -12.67
N PHE C 346 -4.12 16.68 -11.72
CA PHE C 346 -5.47 17.09 -12.09
C PHE C 346 -5.81 18.54 -11.79
N GLN C 347 -5.01 19.26 -11.01
CA GLN C 347 -5.27 20.67 -10.73
C GLN C 347 -3.97 21.47 -10.78
N PRO C 348 -3.20 21.37 -11.87
CA PRO C 348 -1.95 22.14 -11.94
C PRO C 348 -2.14 23.60 -11.63
N GLU C 349 -3.19 24.22 -12.18
CA GLU C 349 -3.41 25.65 -12.01
C GLU C 349 -3.61 26.04 -10.56
N ARG C 350 -4.05 25.11 -9.72
CA ARG C 350 -4.24 25.39 -8.30
C ARG C 350 -3.10 24.91 -7.42
N TYR C 351 -2.05 24.33 -8.00
CA TYR C 351 -0.99 23.76 -7.17
C TYR C 351 -0.39 24.80 -6.24
N LYS C 352 0.13 25.89 -6.81
CA LYS C 352 0.67 26.98 -6.00
C LYS C 352 -0.30 27.37 -4.90
N LEU C 353 -1.53 27.73 -5.29
CA LEU C 353 -2.55 28.14 -4.32
C LEU C 353 -2.67 27.11 -3.20
N TRP C 354 -2.64 25.82 -3.55
CA TRP C 354 -2.83 24.77 -2.56
C TRP C 354 -1.63 24.66 -1.62
N LYS C 355 -0.42 24.94 -2.10
CA LYS C 355 0.76 24.83 -1.25
C LYS C 355 0.80 25.95 -0.21
N ALA C 356 0.35 27.14 -0.59
CA ALA C 356 0.36 28.30 0.29
C ALA C 356 -0.71 28.25 1.38
N GLY C 357 -1.54 27.20 1.41
CA GLY C 357 -2.64 27.16 2.36
C GLY C 357 -3.78 28.09 2.03
N LYS C 358 -3.81 28.64 0.82
CA LYS C 358 -4.84 29.60 0.42
C LYS C 358 -5.92 28.99 -0.45
N ASP C 359 -6.00 27.65 -0.53
CA ASP C 359 -6.95 26.98 -1.42
C ASP C 359 -8.19 26.55 -0.62
N ASN C 360 -8.97 27.56 -0.23
CA ASN C 360 -10.21 27.35 0.52
C ASN C 360 -11.35 27.28 -0.47
N THR C 361 -11.73 26.06 -0.87
CA THR C 361 -12.86 25.86 -1.77
C THR C 361 -13.90 24.97 -1.11
N VAL C 362 -15.16 25.30 -1.34
CA VAL C 362 -16.28 24.63 -0.68
C VAL C 362 -16.74 23.46 -1.53
N ILE C 363 -16.94 22.32 -0.88
CA ILE C 363 -17.41 21.11 -1.55
C ILE C 363 -18.93 21.14 -1.60
N ASP C 364 -19.49 20.91 -2.79
CA ASP C 364 -20.93 20.74 -2.97
C ASP C 364 -21.21 19.25 -3.05
N HIS C 365 -21.85 18.71 -2.02
CA HIS C 365 -22.00 17.26 -1.90
C HIS C 365 -22.98 16.70 -2.94
N THR C 366 -23.94 17.50 -3.40
CA THR C 366 -24.90 17.00 -4.39
C THR C 366 -24.29 16.85 -5.77
N LEU C 367 -23.23 17.61 -6.06
CA LEU C 367 -22.69 17.64 -7.42
C LEU C 367 -22.07 16.28 -7.78
N PRO C 368 -22.33 15.78 -8.98
CA PRO C 368 -21.77 14.49 -9.41
C PRO C 368 -20.33 14.60 -9.92
N THR C 369 -19.70 13.44 -10.09
CA THR C 369 -18.31 13.44 -10.47
C THR C 369 -18.15 14.02 -11.88
N PRO C 370 -17.04 14.75 -12.14
CA PRO C 370 -16.83 15.33 -13.49
C PRO C 370 -17.13 14.34 -14.61
N GLU C 371 -16.62 13.11 -14.46
CA GLU C 371 -16.80 12.09 -15.51
C GLU C 371 -18.26 11.91 -15.91
N ALA C 372 -19.19 12.34 -15.07
CA ALA C 372 -20.62 12.13 -15.32
C ALA C 372 -21.19 13.05 -16.39
N ALA C 373 -20.37 13.92 -17.01
CA ALA C 373 -20.93 14.90 -17.94
C ALA C 373 -21.74 14.23 -19.06
N GLU C 374 -21.27 13.10 -19.58
CA GLU C 374 -21.97 12.43 -20.67
C GLU C 374 -23.36 11.96 -20.29
N PHE C 375 -23.69 11.91 -19.00
CA PHE C 375 -25.00 11.49 -18.53
C PHE C 375 -25.85 12.66 -18.04
N LEU C 376 -25.31 13.88 -18.03
CA LEU C 376 -26.02 15.04 -17.50
C LEU C 376 -26.24 16.08 -18.61
N LEU D 30 -23.29 -16.75 55.61
CA LEU D 30 -24.50 -17.19 56.31
C LEU D 30 -24.13 -17.89 57.62
N ASN D 31 -22.84 -18.17 57.80
CA ASN D 31 -22.36 -18.93 58.95
C ASN D 31 -21.70 -18.02 59.95
N PRO D 32 -22.18 -17.96 61.20
CA PRO D 32 -21.50 -17.12 62.21
C PRO D 32 -20.02 -17.41 62.37
N SER D 33 -19.60 -18.67 62.28
CA SER D 33 -18.22 -19.03 62.56
C SER D 33 -17.29 -18.85 61.36
N ALA D 34 -17.81 -18.45 60.20
CA ALA D 34 -17.01 -18.20 59.01
C ALA D 34 -16.90 -16.70 58.74
N ARG D 35 -16.98 -15.91 59.79
CA ARG D 35 -17.22 -14.48 59.71
C ARG D 35 -15.90 -13.73 59.75
N ILE D 36 -15.80 -12.65 58.99
CA ILE D 36 -14.52 -11.99 58.81
C ILE D 36 -14.13 -11.28 60.10
N MET D 37 -12.94 -11.57 60.61
N MET D 37 -12.93 -11.57 60.60
CA MET D 37 -12.43 -11.01 61.84
CA MET D 37 -12.43 -11.01 61.84
C MET D 37 -11.36 -9.97 61.54
C MET D 37 -11.34 -9.98 61.55
N THR D 38 -11.29 -8.96 62.40
CA THR D 38 -10.29 -7.92 62.31
C THR D 38 -9.54 -7.87 63.63
N PHE D 39 -8.24 -7.55 63.54
CA PHE D 39 -7.32 -7.69 64.66
C PHE D 39 -6.54 -6.39 64.84
N TYR D 40 -6.15 -6.12 66.09
CA TYR D 40 -5.46 -4.88 66.47
C TYR D 40 -4.23 -5.24 67.29
N PRO D 41 -3.19 -5.78 66.65
CA PRO D 41 -2.00 -6.19 67.40
C PRO D 41 -1.26 -5.02 68.04
N THR D 42 -0.57 -5.33 69.12
CA THR D 42 0.42 -4.43 69.70
C THR D 42 1.68 -4.43 68.85
N MET D 43 2.53 -3.41 69.06
CA MET D 43 3.81 -3.40 68.36
C MET D 43 4.60 -4.67 68.66
N GLU D 44 4.64 -5.06 69.93
CA GLU D 44 5.37 -6.26 70.33
C GLU D 44 4.83 -7.49 69.59
N GLU D 45 3.51 -7.62 69.52
CA GLU D 45 2.91 -8.71 68.75
C GLU D 45 3.22 -8.58 67.26
N PHE D 46 3.30 -7.35 66.77
CA PHE D 46 3.44 -7.08 65.35
C PHE D 46 4.82 -7.46 64.81
N ARG D 47 5.83 -7.53 65.67
CA ARG D 47 7.21 -7.67 65.19
C ARG D 47 7.47 -9.03 64.57
N ASN D 48 6.77 -10.08 65.00
CA ASN D 48 6.95 -11.42 64.43
C ASN D 48 5.71 -11.77 63.60
N PHE D 49 5.90 -11.80 62.27
CA PHE D 49 4.79 -11.99 61.35
C PHE D 49 4.21 -13.40 61.42
N SER D 50 5.05 -14.41 61.21
CA SER D 50 4.58 -15.79 61.13
C SER D 50 3.86 -16.19 62.42
N ARG D 51 4.42 -15.81 63.58
CA ARG D 51 3.78 -16.10 64.86
C ARG D 51 2.39 -15.52 64.91
N TYR D 52 2.23 -14.25 64.52
CA TYR D 52 0.91 -13.61 64.63
C TYR D 52 -0.08 -14.22 63.63
N ILE D 53 0.38 -14.64 62.45
CA ILE D 53 -0.51 -15.37 61.56
C ILE D 53 -1.00 -16.65 62.25
N ALA D 54 -0.07 -17.37 62.88
CA ALA D 54 -0.48 -18.54 63.67
C ALA D 54 -1.51 -18.14 64.73
N TYR D 55 -1.31 -16.99 65.35
CA TYR D 55 -2.21 -16.55 66.42
C TYR D 55 -3.63 -16.30 65.88
N ILE D 56 -3.74 -15.61 64.74
CA ILE D 56 -5.08 -15.35 64.23
C ILE D 56 -5.71 -16.66 63.79
N GLU D 57 -4.92 -17.66 63.40
CA GLU D 57 -5.52 -18.96 63.12
C GLU D 57 -5.99 -19.64 64.39
N SER D 58 -5.35 -19.39 65.53
CA SER D 58 -5.87 -19.93 66.79
C SER D 58 -7.15 -19.24 67.23
N GLN D 59 -7.42 -18.04 66.73
CA GLN D 59 -8.67 -17.34 66.99
C GLN D 59 -9.76 -17.68 66.00
N GLY D 60 -9.50 -18.60 65.06
CA GLY D 60 -10.47 -18.99 64.05
C GLY D 60 -10.51 -18.13 62.82
N ALA D 61 -9.69 -17.07 62.74
CA ALA D 61 -9.77 -16.12 61.63
C ALA D 61 -9.78 -16.84 60.28
N HIS D 62 -8.87 -17.80 60.12
CA HIS D 62 -8.73 -18.51 58.85
C HIS D 62 -10.04 -19.11 58.36
N ARG D 63 -11.01 -19.31 59.27
CA ARG D 63 -12.23 -19.99 58.88
C ARG D 63 -13.08 -19.13 57.94
N ALA D 64 -12.97 -17.81 58.03
CA ALA D 64 -13.70 -16.97 57.09
C ALA D 64 -13.03 -16.87 55.74
N GLY D 65 -11.79 -17.35 55.62
CA GLY D 65 -11.02 -17.19 54.42
C GLY D 65 -10.38 -15.83 54.25
N LEU D 66 -10.66 -14.89 55.15
CA LEU D 66 -10.22 -13.51 55.00
C LEU D 66 -10.13 -12.86 56.37
N ALA D 67 -9.01 -12.21 56.66
CA ALA D 67 -8.80 -11.55 57.93
C ALA D 67 -8.24 -10.16 57.70
N LYS D 68 -8.59 -9.23 58.59
CA LYS D 68 -8.12 -7.85 58.50
C LYS D 68 -7.21 -7.58 59.68
N VAL D 69 -6.07 -6.94 59.42
CA VAL D 69 -5.12 -6.64 60.50
C VAL D 69 -4.83 -5.15 60.47
N VAL D 70 -5.13 -4.47 61.56
CA VAL D 70 -4.86 -3.03 61.70
C VAL D 70 -3.51 -2.88 62.38
N PRO D 71 -2.52 -2.27 61.74
CA PRO D 71 -1.21 -2.12 62.38
C PRO D 71 -1.24 -1.04 63.45
N PRO D 72 -0.34 -1.11 64.43
CA PRO D 72 -0.30 -0.06 65.46
C PRO D 72 -0.10 1.34 64.88
N LYS D 73 -0.57 2.34 65.62
CA LYS D 73 -0.44 3.72 65.18
C LYS D 73 1.01 4.10 64.94
N GLU D 74 1.92 3.58 65.75
CA GLU D 74 3.32 3.97 65.70
C GLU D 74 4.03 3.45 64.47
N TRP D 75 3.38 2.62 63.66
CA TRP D 75 4.04 1.94 62.56
C TRP D 75 3.71 2.60 61.22
N LYS D 76 4.75 2.94 60.48
CA LYS D 76 4.66 3.50 59.14
C LYS D 76 5.64 2.73 58.26
N PRO D 77 5.21 2.19 57.11
CA PRO D 77 6.17 1.50 56.24
C PRO D 77 6.99 2.43 55.36
N ARG D 78 6.64 3.72 55.33
CA ARG D 78 7.31 4.66 54.45
C ARG D 78 7.10 6.06 55.04
N ALA D 79 8.15 6.88 55.00
CA ALA D 79 8.03 8.22 55.57
C ALA D 79 7.03 9.07 54.78
N SER D 80 7.05 8.97 53.45
CA SER D 80 6.16 9.76 52.64
C SER D 80 6.03 9.09 51.27
N TYR D 81 4.86 9.30 50.65
CA TYR D 81 4.60 8.84 49.28
C TYR D 81 4.78 9.97 48.28
N ASP D 82 5.55 11.00 48.63
CA ASP D 82 5.74 12.15 47.76
C ASP D 82 6.58 11.83 46.53
N ASP D 83 7.40 10.78 46.58
CA ASP D 83 8.31 10.50 45.48
C ASP D 83 7.88 9.30 44.66
N ILE D 84 6.61 9.24 44.26
CA ILE D 84 6.15 8.15 43.42
C ILE D 84 5.43 8.66 42.18
N ASP D 85 5.15 9.98 42.14
CA ASP D 85 4.38 10.54 41.04
C ASP D 85 5.07 10.28 39.70
N ASP D 86 6.40 10.18 39.69
CA ASP D 86 7.15 9.92 38.48
C ASP D 86 7.21 8.42 38.15
N LEU D 87 6.54 7.58 38.93
CA LEU D 87 6.66 6.15 38.74
C LEU D 87 5.84 5.67 37.56
N VAL D 88 6.32 4.60 36.92
CA VAL D 88 5.78 4.11 35.66
C VAL D 88 4.92 2.87 35.91
N ILE D 89 3.77 2.81 35.24
CA ILE D 89 2.94 1.62 35.19
C ILE D 89 3.13 1.02 33.79
N PRO D 90 3.90 -0.06 33.64
CA PRO D 90 4.28 -0.48 32.28
C PRO D 90 3.14 -1.05 31.45
N ALA D 91 2.19 -1.75 32.05
CA ALA D 91 1.11 -2.40 31.29
C ALA D 91 -0.23 -2.19 31.99
N PRO D 92 -0.71 -0.95 32.02
CA PRO D 92 -2.08 -0.71 32.51
C PRO D 92 -3.10 -1.50 31.71
N ILE D 93 -4.23 -1.82 32.34
CA ILE D 93 -5.29 -2.57 31.70
C ILE D 93 -6.62 -1.86 31.85
N GLN D 94 -7.41 -1.88 30.78
CA GLN D 94 -8.79 -1.42 30.79
C GLN D 94 -9.68 -2.64 30.91
N GLN D 95 -10.58 -2.61 31.89
CA GLN D 95 -11.36 -3.78 32.30
C GLN D 95 -12.74 -3.71 31.65
N LEU D 96 -12.87 -4.29 30.46
CA LEU D 96 -14.18 -4.34 29.84
C LEU D 96 -14.95 -5.53 30.40
N VAL D 97 -16.20 -5.28 30.79
CA VAL D 97 -17.01 -6.28 31.46
C VAL D 97 -18.25 -6.52 30.64
N THR D 98 -18.56 -7.78 30.38
CA THR D 98 -19.77 -8.17 29.65
C THR D 98 -20.57 -9.14 30.51
N GLY D 99 -21.88 -8.99 30.50
CA GLY D 99 -22.73 -9.91 31.23
C GLY D 99 -23.99 -9.21 31.71
N GLN D 100 -24.77 -9.96 32.48
CA GLN D 100 -26.05 -9.46 32.95
C GLN D 100 -26.55 -10.38 34.07
N SER D 101 -27.66 -9.98 34.69
CA SER D 101 -28.32 -10.81 35.69
C SER D 101 -27.34 -11.29 36.76
N GLY D 102 -26.33 -10.47 37.05
CA GLY D 102 -25.41 -10.75 38.12
C GLY D 102 -24.26 -11.69 37.78
N LEU D 103 -24.14 -12.12 36.53
CA LEU D 103 -23.02 -12.94 36.07
C LEU D 103 -22.26 -12.17 35.00
N PHE D 104 -20.93 -12.15 35.11
CA PHE D 104 -20.12 -11.31 34.23
C PHE D 104 -18.78 -11.95 33.92
N THR D 105 -18.22 -11.58 32.77
CA THR D 105 -16.89 -11.96 32.35
C THR D 105 -16.09 -10.68 32.05
N GLN D 106 -14.86 -10.64 32.58
CA GLN D 106 -14.01 -9.46 32.53
C GLN D 106 -12.82 -9.72 31.60
N TYR D 107 -12.66 -8.87 30.59
CA TYR D 107 -11.53 -8.92 29.67
C TYR D 107 -10.59 -7.78 29.98
N ASN D 108 -9.32 -8.11 30.22
CA ASN D 108 -8.28 -7.15 30.56
C ASN D 108 -7.56 -6.76 29.27
N ILE D 109 -7.68 -5.51 28.86
CA ILE D 109 -7.10 -5.02 27.61
C ILE D 109 -5.89 -4.17 27.94
N GLN D 110 -4.75 -4.48 27.31
CA GLN D 110 -3.53 -3.76 27.62
C GLN D 110 -3.58 -2.34 27.05
N LYS D 111 -3.01 -1.40 27.80
CA LYS D 111 -3.00 0.00 27.41
C LYS D 111 -1.57 0.51 27.42
N LYS D 112 -1.39 1.70 26.85
CA LYS D 112 -0.07 2.32 26.81
C LYS D 112 0.44 2.59 28.22
N ALA D 113 1.74 2.41 28.42
CA ALA D 113 2.34 2.71 29.71
C ALA D 113 2.11 4.17 30.07
N MET D 114 2.12 4.44 31.37
CA MET D 114 1.85 5.77 31.88
C MET D 114 2.45 5.86 33.28
N THR D 115 2.48 7.07 33.81
CA THR D 115 2.97 7.29 35.16
C THR D 115 1.79 7.34 36.13
N VAL D 116 2.11 7.31 37.42
CA VAL D 116 1.08 7.44 38.44
C VAL D 116 0.44 8.81 38.39
N ARG D 117 1.15 9.83 37.87
CA ARG D 117 0.56 11.15 37.69
C ARG D 117 -0.52 11.13 36.61
N GLU D 118 -0.19 10.60 35.44
CA GLU D 118 -1.19 10.46 34.38
C GLU D 118 -2.37 9.63 34.87
N PHE D 119 -2.07 8.47 35.48
CA PHE D 119 -3.12 7.60 36.00
C PHE D 119 -3.99 8.33 37.02
N ARG D 120 -3.37 9.15 37.86
CA ARG D 120 -4.13 9.92 38.84
C ARG D 120 -5.04 10.94 38.17
N LYS D 121 -4.54 11.59 37.12
CA LYS D 121 -5.37 12.51 36.35
C LYS D 121 -6.62 11.80 35.86
N ILE D 122 -6.47 10.61 35.27
CA ILE D 122 -7.64 9.89 34.80
C ILE D 122 -8.53 9.49 35.96
N ALA D 123 -7.93 9.06 37.07
CA ALA D 123 -8.69 8.48 38.16
C ALA D 123 -9.59 9.51 38.83
N ASN D 124 -9.12 10.74 38.97
CA ASN D 124 -9.95 11.79 39.57
C ASN D 124 -10.74 12.59 38.55
N SER D 125 -10.64 12.24 37.26
CA SER D 125 -11.40 12.92 36.21
C SER D 125 -12.90 12.83 36.50
N ASP D 126 -13.66 13.70 35.83
CA ASP D 126 -15.10 13.66 35.96
C ASP D 126 -15.67 12.36 35.40
N LYS D 127 -15.00 11.75 34.43
CA LYS D 127 -15.53 10.55 33.81
C LYS D 127 -15.32 9.32 34.68
N TYR D 128 -14.17 9.24 35.35
CA TYR D 128 -13.80 8.04 36.11
C TYR D 128 -13.77 8.27 37.61
N CYS D 129 -14.11 9.45 38.10
CA CYS D 129 -14.04 9.70 39.53
C CYS D 129 -15.11 8.91 40.27
N THR D 130 -14.86 8.72 41.56
CA THR D 130 -15.81 8.02 42.41
C THR D 130 -17.16 8.75 42.39
N PRO D 131 -18.27 8.03 42.31
CA PRO D 131 -19.58 8.70 42.36
C PRO D 131 -19.93 9.15 43.76
N ARG D 132 -20.83 10.13 43.85
CA ARG D 132 -21.28 10.63 45.13
C ARG D 132 -22.27 9.66 45.76
N TYR D 133 -22.08 9.40 47.05
CA TYR D 133 -22.92 8.47 47.80
C TYR D 133 -22.90 8.89 49.25
N SER D 134 -23.85 8.37 50.03
CA SER D 134 -23.94 8.67 51.44
C SER D 134 -23.47 7.55 52.35
N GLU D 135 -23.67 6.29 51.96
CA GLU D 135 -23.27 5.14 52.75
C GLU D 135 -22.62 4.10 51.85
N PHE D 136 -21.87 3.18 52.45
CA PHE D 136 -21.19 2.16 51.65
C PHE D 136 -22.17 1.37 50.78
N GLU D 137 -23.33 1.02 51.33
CA GLU D 137 -24.27 0.18 50.60
C GLU D 137 -24.69 0.84 49.29
N GLU D 138 -24.79 2.17 49.26
CA GLU D 138 -25.10 2.86 48.02
C GLU D 138 -23.98 2.69 47.00
N LEU D 139 -22.72 2.74 47.45
CA LEU D 139 -21.61 2.60 46.53
C LEU D 139 -21.53 1.17 45.99
N GLU D 140 -21.85 0.18 46.81
CA GLU D 140 -21.93 -1.20 46.34
C GLU D 140 -23.01 -1.33 45.27
N ARG D 141 -24.19 -0.78 45.55
CA ARG D 141 -25.29 -0.81 44.59
C ARG D 141 -24.84 -0.21 43.25
N LYS D 142 -24.18 0.95 43.30
CA LYS D 142 -23.70 1.56 42.06
C LYS D 142 -22.68 0.67 41.36
N TYR D 143 -21.81 0.00 42.13
CA TYR D 143 -20.81 -0.85 41.50
C TYR D 143 -21.47 -1.95 40.69
N TRP D 144 -22.38 -2.71 41.32
CA TRP D 144 -23.03 -3.78 40.57
C TRP D 144 -24.01 -3.25 39.54
N LYS D 145 -24.38 -1.97 39.62
CA LYS D 145 -25.31 -1.39 38.67
C LYS D 145 -24.62 -0.95 37.38
N ASN D 146 -23.39 -0.45 37.49
CA ASN D 146 -22.68 0.16 36.36
C ASN D 146 -21.38 -0.57 36.06
N LEU D 147 -21.34 -1.87 36.35
CA LEU D 147 -20.12 -2.63 36.18
C LEU D 147 -19.65 -2.64 34.73
N THR D 148 -20.58 -2.75 33.79
CA THR D 148 -20.25 -2.92 32.38
C THR D 148 -20.09 -1.60 31.65
N PHE D 149 -20.27 -0.47 32.32
CA PHE D 149 -20.20 0.85 31.70
C PHE D 149 -18.91 1.56 32.07
N ASN D 150 -18.43 2.39 31.14
CA ASN D 150 -17.26 3.26 31.32
C ASN D 150 -16.09 2.49 31.91
N PRO D 151 -15.49 1.57 31.16
CA PRO D 151 -14.45 0.68 31.71
C PRO D 151 -13.28 1.47 32.27
N PRO D 152 -12.86 1.16 33.50
CA PRO D 152 -11.73 1.86 34.12
C PRO D 152 -10.38 1.21 33.78
N ILE D 153 -9.32 1.99 34.03
CA ILE D 153 -7.95 1.48 33.90
C ILE D 153 -7.44 1.09 35.28
N TYR D 154 -6.84 -0.09 35.36
CA TYR D 154 -6.28 -0.62 36.61
C TYR D 154 -4.79 -0.84 36.39
N GLY D 155 -3.96 -0.12 37.15
CA GLY D 155 -2.54 -0.33 37.07
C GLY D 155 -2.08 -1.52 37.86
N ALA D 156 -2.55 -2.71 37.47
CA ALA D 156 -2.26 -3.92 38.23
C ALA D 156 -0.88 -4.48 37.90
N ASP D 157 -0.39 -5.34 38.78
CA ASP D 157 0.74 -6.20 38.50
C ASP D 157 2.04 -5.45 38.23
N VAL D 158 2.27 -4.36 38.96
CA VAL D 158 3.46 -3.54 38.76
C VAL D 158 4.54 -4.00 39.75
N ASN D 159 5.65 -4.50 39.23
CA ASN D 159 6.76 -4.90 40.07
C ASN D 159 7.26 -3.72 40.90
N GLY D 160 7.40 -3.92 42.20
CA GLY D 160 7.90 -2.88 43.07
C GLY D 160 7.32 -2.97 44.46
N THR D 161 7.97 -2.26 45.38
CA THR D 161 7.55 -2.16 46.76
C THR D 161 7.67 -0.71 47.19
N LEU D 162 6.76 -0.27 48.06
CA LEU D 162 6.85 1.06 48.64
C LEU D 162 7.41 1.05 50.05
N TYR D 163 7.64 -0.13 50.62
CA TYR D 163 8.32 -0.23 51.90
C TYR D 163 9.74 0.35 51.79
N GLU D 164 10.20 0.93 52.89
CA GLU D 164 11.62 1.26 53.01
C GLU D 164 12.39 -0.01 53.35
N LYS D 165 13.59 -0.14 52.78
CA LYS D 165 14.28 -1.42 52.81
C LYS D 165 14.60 -1.88 54.23
N HIS D 166 14.82 -0.95 55.15
CA HIS D 166 15.23 -1.32 56.50
C HIS D 166 14.06 -1.83 57.35
N VAL D 167 12.84 -1.40 57.04
CA VAL D 167 11.65 -1.77 57.82
C VAL D 167 11.54 -3.29 57.92
N ASP D 168 11.62 -3.81 59.15
CA ASP D 168 11.50 -5.25 59.38
C ASP D 168 10.09 -5.69 59.74
N GLU D 169 9.17 -4.76 59.97
CA GLU D 169 7.83 -5.10 60.41
C GLU D 169 6.93 -5.34 59.19
N TRP D 170 6.64 -6.60 58.90
CA TRP D 170 5.66 -6.99 57.88
C TRP D 170 6.05 -6.45 56.51
N ASN D 171 7.35 -6.44 56.22
CA ASN D 171 7.82 -5.97 54.92
C ASN D 171 7.44 -6.99 53.85
N ILE D 172 6.45 -6.65 53.02
CA ILE D 172 6.01 -7.56 51.97
C ILE D 172 7.18 -7.98 51.08
N GLY D 173 8.20 -7.14 50.97
CA GLY D 173 9.35 -7.46 50.14
C GLY D 173 10.16 -8.64 50.64
N ARG D 174 10.21 -8.85 51.97
CA ARG D 174 10.99 -9.92 52.59
C ARG D 174 10.21 -10.50 53.77
N LEU D 175 9.15 -11.25 53.48
CA LEU D 175 8.30 -11.77 54.53
C LEU D 175 8.91 -12.96 55.27
N ARG D 176 9.95 -13.58 54.74
CA ARG D 176 10.68 -14.63 55.43
C ARG D 176 9.73 -15.69 55.99
N THR D 177 9.18 -16.49 55.09
CA THR D 177 8.41 -17.66 55.50
C THR D 177 8.75 -18.81 54.55
N ILE D 178 8.18 -19.98 54.83
CA ILE D 178 8.61 -21.20 54.17
C ILE D 178 8.42 -21.15 52.65
N LEU D 179 7.64 -20.20 52.14
CA LEU D 179 7.54 -20.06 50.69
C LEU D 179 8.93 -19.86 50.09
N ASP D 180 9.84 -19.23 50.85
CA ASP D 180 11.18 -18.97 50.38
C ASP D 180 11.92 -20.23 49.95
N LEU D 181 11.45 -21.41 50.37
CA LEU D 181 12.08 -22.64 49.89
C LEU D 181 12.17 -22.65 48.38
N VAL D 182 11.17 -22.09 47.69
CA VAL D 182 11.19 -22.12 46.23
C VAL D 182 12.35 -21.29 45.70
N GLU D 183 12.60 -20.12 46.31
CA GLU D 183 13.69 -19.26 45.86
C GLU D 183 15.01 -19.68 46.50
N LYS D 184 14.98 -20.11 47.76
CA LYS D 184 16.20 -20.55 48.43
C LYS D 184 16.57 -21.98 48.03
N GLU D 185 15.58 -22.88 47.95
CA GLU D 185 15.89 -24.27 47.65
C GLU D 185 16.04 -24.52 46.14
N SER D 186 15.33 -23.77 45.30
CA SER D 186 15.38 -23.99 43.87
C SER D 186 15.67 -22.75 43.04
N GLY D 187 15.77 -21.57 43.66
CA GLY D 187 16.16 -20.36 42.96
C GLY D 187 15.26 -20.03 41.78
N ILE D 188 13.95 -19.98 42.03
CA ILE D 188 12.94 -19.77 40.99
C ILE D 188 12.23 -18.47 41.32
N THR D 189 12.24 -17.53 40.37
CA THR D 189 11.63 -16.23 40.58
C THR D 189 10.30 -16.17 39.85
N ILE D 190 9.23 -15.81 40.58
CA ILE D 190 7.91 -15.67 40.00
C ILE D 190 7.33 -14.34 40.48
N GLU D 191 6.93 -13.51 39.54
CA GLU D 191 6.34 -12.21 39.86
C GLU D 191 5.08 -12.37 40.71
N GLY D 192 5.00 -11.61 41.80
CA GLY D 192 3.81 -11.58 42.66
C GLY D 192 3.75 -12.59 43.79
N VAL D 193 4.18 -13.82 43.54
CA VAL D 193 4.11 -14.88 44.56
C VAL D 193 5.23 -14.73 45.58
N ASN D 194 6.47 -14.68 45.11
CA ASN D 194 7.63 -14.49 45.97
C ASN D 194 8.22 -13.10 45.79
N THR D 195 7.58 -12.25 45.00
CA THR D 195 8.03 -10.90 44.75
C THR D 195 6.86 -9.94 44.95
N PRO D 196 7.14 -8.71 45.36
CA PRO D 196 6.06 -7.76 45.63
C PRO D 196 5.44 -7.18 44.38
N TYR D 197 4.15 -6.85 44.49
CA TYR D 197 3.35 -6.36 43.36
C TYR D 197 2.57 -5.13 43.79
N LEU D 198 2.61 -4.08 42.96
CA LEU D 198 1.90 -2.84 43.23
C LEU D 198 0.64 -2.75 42.36
N TYR D 199 -0.46 -2.32 42.97
CA TYR D 199 -1.75 -2.17 42.30
C TYR D 199 -2.25 -0.74 42.48
N PHE D 200 -2.37 -0.01 41.39
CA PHE D 200 -2.89 1.35 41.41
C PHE D 200 -4.32 1.31 40.90
N GLY D 201 -5.27 1.54 41.80
CA GLY D 201 -6.67 1.42 41.46
C GLY D 201 -7.35 2.76 41.28
N MET D 202 -8.49 2.72 40.59
CA MET D 202 -9.44 3.82 40.48
C MET D 202 -10.83 3.25 40.72
N TRP D 203 -11.84 4.13 40.72
CA TRP D 203 -13.20 3.72 40.96
C TRP D 203 -13.62 2.62 39.98
N LYS D 204 -14.23 1.56 40.51
CA LYS D 204 -14.87 0.50 39.75
C LYS D 204 -13.88 -0.53 39.22
N THR D 205 -12.57 -0.35 39.41
CA THR D 205 -11.64 -1.43 39.12
C THR D 205 -11.88 -2.57 40.08
N SER D 206 -11.62 -3.79 39.64
CA SER D 206 -12.00 -4.93 40.46
C SER D 206 -11.16 -6.16 40.14
N PHE D 207 -11.29 -7.15 41.02
CA PHE D 207 -10.65 -8.45 40.88
C PHE D 207 -11.75 -9.52 40.96
N ALA D 208 -11.69 -10.49 40.06
CA ALA D 208 -12.68 -11.55 39.95
C ALA D 208 -12.54 -12.56 41.09
N TRP D 209 -13.55 -13.43 41.21
CA TRP D 209 -13.51 -14.51 42.19
C TRP D 209 -12.33 -15.43 41.93
N HIS D 210 -11.45 -15.56 42.91
CA HIS D 210 -10.27 -16.39 42.73
C HIS D 210 -9.70 -16.77 44.08
N THR D 211 -8.90 -17.83 44.06
CA THR D 211 -7.96 -18.15 45.11
C THR D 211 -6.55 -17.97 44.55
N GLU D 212 -5.60 -17.74 45.44
CA GLU D 212 -4.23 -17.57 45.01
C GLU D 212 -3.78 -18.78 44.20
N ASP D 213 -2.71 -18.57 43.42
CA ASP D 213 -2.10 -19.69 42.71
C ASP D 213 -1.54 -20.69 43.71
N MET D 214 -1.76 -21.98 43.45
CA MET D 214 -1.35 -23.06 44.34
C MET D 214 -2.10 -23.02 45.67
N ASP D 215 -3.19 -22.25 45.74
CA ASP D 215 -4.04 -22.14 46.94
C ASP D 215 -3.25 -21.62 48.15
N LEU D 216 -2.35 -20.68 47.89
CA LEU D 216 -1.45 -20.13 48.90
C LEU D 216 -2.13 -19.04 49.73
N TYR D 217 -1.41 -18.53 50.73
CA TYR D 217 -1.84 -17.34 51.47
C TYR D 217 -1.55 -16.09 50.66
N SER D 218 -2.22 -15.00 51.05
CA SER D 218 -2.00 -13.71 50.40
C SER D 218 -1.96 -12.60 51.43
N ILE D 219 -1.08 -11.63 51.22
CA ILE D 219 -0.97 -10.42 52.04
C ILE D 219 -1.13 -9.21 51.14
N ASN D 220 -2.00 -8.29 51.57
CA ASN D 220 -2.31 -7.07 50.82
C ASN D 220 -2.33 -5.90 51.79
N TYR D 221 -1.52 -4.88 51.52
CA TYR D 221 -1.46 -3.68 52.33
C TYR D 221 -1.93 -2.49 51.51
N LEU D 222 -2.77 -1.64 52.09
CA LEU D 222 -3.27 -0.47 51.38
C LEU D 222 -2.47 0.76 51.81
N HIS D 223 -1.55 1.20 50.94
CA HIS D 223 -0.63 2.28 51.32
C HIS D 223 -1.37 3.60 51.50
N PHE D 224 -2.14 4.01 50.50
CA PHE D 224 -2.80 5.31 50.54
C PHE D 224 -4.00 5.28 49.60
N GLY D 225 -4.87 6.28 49.76
CA GLY D 225 -5.98 6.46 48.85
C GLY D 225 -7.30 5.93 49.38
N GLU D 226 -8.26 5.80 48.46
CA GLU D 226 -9.62 5.38 48.77
C GLU D 226 -9.65 3.90 49.17
N PRO D 227 -10.76 3.44 49.73
CA PRO D 227 -10.83 2.06 50.23
C PRO D 227 -11.01 1.04 49.11
N LYS D 228 -10.76 -0.21 49.48
CA LYS D 228 -10.98 -1.38 48.62
C LYS D 228 -11.90 -2.33 49.36
N SER D 229 -12.98 -2.79 48.71
CA SER D 229 -13.96 -3.66 49.34
C SER D 229 -13.81 -5.10 48.85
N TRP D 230 -13.91 -6.03 49.79
CA TRP D 230 -13.67 -7.44 49.57
C TRP D 230 -14.92 -8.26 49.86
N TYR D 231 -15.14 -9.27 49.03
CA TYR D 231 -16.09 -10.34 49.25
C TYR D 231 -15.32 -11.63 49.50
N SER D 232 -15.78 -12.40 50.50
CA SER D 232 -15.11 -13.62 50.93
C SER D 232 -16.11 -14.76 51.03
N VAL D 233 -15.67 -15.94 50.57
CA VAL D 233 -16.43 -17.18 50.71
C VAL D 233 -15.59 -18.13 51.55
N PRO D 234 -16.10 -18.65 52.66
CA PRO D 234 -15.27 -19.53 53.49
C PRO D 234 -14.79 -20.73 52.70
N PRO D 235 -13.51 -21.12 52.88
CA PRO D 235 -12.99 -22.30 52.15
C PRO D 235 -13.86 -23.53 52.26
N GLU D 236 -14.54 -23.74 53.41
CA GLU D 236 -15.39 -24.91 53.58
C GLU D 236 -16.48 -24.98 52.52
N HIS D 237 -16.88 -23.83 51.97
CA HIS D 237 -17.89 -23.76 50.93
C HIS D 237 -17.31 -23.47 49.56
N GLY D 238 -15.99 -23.34 49.45
CA GLY D 238 -15.40 -22.93 48.18
C GLY D 238 -15.75 -23.87 47.05
N LYS D 239 -15.70 -25.18 47.31
CA LYS D 239 -16.06 -26.14 46.28
C LYS D 239 -17.47 -25.86 45.76
N ARG D 240 -18.41 -25.61 46.67
CA ARG D 240 -19.76 -25.28 46.24
C ARG D 240 -19.71 -24.14 45.24
N LEU D 241 -18.98 -23.08 45.57
CA LEU D 241 -18.88 -21.94 44.66
C LEU D 241 -18.42 -22.39 43.29
N GLU D 242 -17.29 -23.12 43.22
CA GLU D 242 -16.81 -23.47 41.90
C GLU D 242 -17.82 -24.37 41.19
N ARG D 243 -18.48 -25.26 41.94
CA ARG D 243 -19.56 -26.03 41.34
C ARG D 243 -20.55 -25.10 40.67
N LEU D 244 -21.08 -24.14 41.44
CA LEU D 244 -22.01 -23.18 40.87
C LEU D 244 -21.41 -22.52 39.65
N ALA D 245 -20.15 -22.06 39.76
CA ALA D 245 -19.53 -21.39 38.63
C ALA D 245 -19.53 -22.29 37.41
N LYS D 246 -19.14 -23.56 37.60
CA LYS D 246 -19.12 -24.48 36.48
C LYS D 246 -20.46 -24.50 35.77
N GLY D 247 -21.55 -24.49 36.53
CA GLY D 247 -22.87 -24.56 35.92
C GLY D 247 -23.19 -23.36 35.07
N PHE D 248 -22.75 -22.17 35.49
CA PHE D 248 -23.11 -20.94 34.80
C PHE D 248 -22.14 -20.58 33.68
N PHE D 249 -21.00 -21.24 33.59
CA PHE D 249 -20.05 -21.06 32.49
C PHE D 249 -19.59 -22.42 32.01
N PRO D 250 -20.52 -23.22 31.46
CA PRO D 250 -20.16 -24.59 31.06
C PRO D 250 -19.10 -24.65 29.97
N GLY D 251 -19.26 -23.86 28.90
CA GLY D 251 -18.27 -23.88 27.83
C GLY D 251 -16.88 -23.51 28.34
N SER D 252 -16.81 -22.63 29.33
CA SER D 252 -15.54 -22.27 29.93
C SER D 252 -15.00 -23.41 30.78
N ALA D 253 -15.88 -24.09 31.53
CA ALA D 253 -15.44 -25.17 32.39
C ALA D 253 -14.89 -26.35 31.58
N GLN D 254 -15.51 -26.65 30.43
CA GLN D 254 -15.02 -27.78 29.64
C GLN D 254 -13.61 -27.53 29.12
N SER D 255 -13.32 -26.28 28.72
CA SER D 255 -11.96 -25.97 28.25
C SER D 255 -10.93 -26.13 29.35
N CYS D 256 -11.28 -25.74 30.58
CA CYS D 256 -10.36 -25.78 31.71
C CYS D 256 -11.18 -25.93 32.98
N GLU D 257 -10.84 -26.91 33.81
CA GLU D 257 -11.63 -27.13 35.03
C GLU D 257 -11.41 -25.99 36.03
N ALA D 258 -10.19 -25.45 36.09
CA ALA D 258 -9.89 -24.35 37.00
C ALA D 258 -9.99 -23.01 36.29
N PHE D 259 -11.07 -22.80 35.52
CA PHE D 259 -11.18 -21.58 34.74
C PHE D 259 -11.23 -20.34 35.62
N LEU D 260 -11.64 -20.47 36.88
CA LEU D 260 -11.57 -19.36 37.81
C LEU D 260 -10.14 -18.84 37.98
N ARG D 261 -9.14 -19.67 37.72
CA ARG D 261 -7.75 -19.20 37.80
C ARG D 261 -7.48 -18.06 36.84
N HIS D 262 -8.23 -17.96 35.74
CA HIS D 262 -8.02 -16.88 34.79
C HIS D 262 -8.48 -15.53 35.33
N LYS D 263 -9.19 -15.50 36.45
CA LYS D 263 -9.62 -14.26 37.09
C LYS D 263 -10.40 -13.39 36.12
N MET D 264 -11.34 -14.01 35.42
CA MET D 264 -12.23 -13.31 34.50
C MET D 264 -13.70 -13.41 34.88
N THR D 265 -14.05 -14.11 35.95
CA THR D 265 -15.44 -14.38 36.30
C THR D 265 -15.86 -13.55 37.50
N LEU D 266 -16.88 -12.73 37.31
CA LEU D 266 -17.44 -11.90 38.38
C LEU D 266 -18.86 -12.38 38.69
N ILE D 267 -19.11 -12.64 39.98
CA ILE D 267 -20.40 -13.13 40.46
C ILE D 267 -20.89 -12.19 41.54
N SER D 268 -22.18 -11.82 41.46
CA SER D 268 -22.76 -10.80 42.31
C SER D 268 -23.20 -11.37 43.65
N PRO D 269 -23.14 -10.57 44.72
CA PRO D 269 -23.68 -11.02 46.02
C PRO D 269 -25.10 -11.56 45.93
N LEU D 270 -25.98 -10.87 45.21
CA LEU D 270 -27.36 -11.34 45.05
C LEU D 270 -27.38 -12.76 44.51
N MET D 271 -26.51 -13.08 43.55
CA MET D 271 -26.50 -14.43 42.99
C MET D 271 -25.97 -15.45 44.00
N LEU D 272 -25.03 -15.07 44.85
CA LEU D 272 -24.59 -15.98 45.90
C LEU D 272 -25.72 -16.28 46.88
N LYS D 273 -26.47 -15.25 47.29
CA LYS D 273 -27.58 -15.48 48.20
C LYS D 273 -28.63 -16.37 47.54
N LYS D 274 -28.88 -16.15 46.25
CA LYS D 274 -29.92 -16.94 45.56
C LYS D 274 -29.60 -18.43 45.60
N TYR D 275 -28.32 -18.79 45.48
CA TYR D 275 -27.90 -20.19 45.46
C TYR D 275 -27.33 -20.65 46.78
N GLY D 276 -27.60 -19.92 47.87
CA GLY D 276 -27.24 -20.38 49.19
C GLY D 276 -25.76 -20.56 49.41
N ILE D 277 -24.92 -19.74 48.80
CA ILE D 277 -23.49 -19.75 49.07
C ILE D 277 -23.22 -18.75 50.19
N PRO D 278 -22.59 -19.18 51.29
CA PRO D 278 -22.27 -18.23 52.37
C PRO D 278 -21.13 -17.29 51.97
N PHE D 279 -21.24 -16.03 52.37
CA PHE D 279 -20.18 -15.08 52.11
C PHE D 279 -20.25 -13.95 53.13
N ASP D 280 -19.14 -13.24 53.24
CA ASP D 280 -19.03 -12.05 54.06
C ASP D 280 -18.39 -10.96 53.22
N LYS D 281 -18.47 -9.73 53.70
CA LYS D 281 -17.83 -8.61 53.02
C LYS D 281 -17.19 -7.71 54.04
N VAL D 282 -16.16 -6.98 53.61
CA VAL D 282 -15.43 -6.07 54.49
C VAL D 282 -14.83 -4.98 53.64
N THR D 283 -14.66 -3.79 54.23
CA THR D 283 -14.03 -2.67 53.55
C THR D 283 -12.68 -2.39 54.18
N GLN D 284 -11.66 -2.25 53.34
CA GLN D 284 -10.27 -2.06 53.74
C GLN D 284 -9.89 -0.61 53.47
N GLU D 285 -9.43 0.09 54.49
CA GLU D 285 -9.03 1.48 54.38
C GLU D 285 -7.51 1.61 54.38
N ALA D 286 -7.04 2.84 54.14
CA ALA D 286 -5.61 3.08 54.05
C ALA D 286 -4.90 2.75 55.35
N GLY D 287 -3.70 2.20 55.24
CA GLY D 287 -2.94 1.79 56.41
C GLY D 287 -3.37 0.47 57.00
N GLU D 288 -4.26 -0.27 56.35
CA GLU D 288 -4.72 -1.54 56.87
C GLU D 288 -4.23 -2.70 56.01
N PHE D 289 -4.10 -3.84 56.68
CA PHE D 289 -3.67 -5.11 56.11
C PHE D 289 -4.86 -6.02 55.88
N MET D 290 -4.74 -6.85 54.86
CA MET D 290 -5.74 -7.85 54.50
C MET D 290 -5.00 -9.15 54.21
N ILE D 291 -5.49 -10.25 54.77
CA ILE D 291 -4.89 -11.56 54.62
C ILE D 291 -5.92 -12.49 54.01
N THR D 292 -5.54 -13.21 52.95
CA THR D 292 -6.37 -14.31 52.44
C THR D 292 -5.72 -15.62 52.85
N PHE D 293 -6.55 -16.57 53.21
CA PHE D 293 -6.13 -17.86 53.68
C PHE D 293 -6.29 -18.92 52.60
N PRO D 294 -5.55 -20.02 52.68
CA PRO D 294 -5.60 -21.03 51.63
C PRO D 294 -7.01 -21.42 51.25
N TYR D 295 -7.25 -21.51 49.94
CA TYR D 295 -8.51 -21.92 49.33
C TYR D 295 -9.68 -21.03 49.75
N GLY D 296 -9.41 -19.75 50.00
CA GLY D 296 -10.46 -18.81 50.32
C GLY D 296 -10.80 -17.92 49.14
N TYR D 297 -11.90 -18.24 48.44
CA TYR D 297 -12.30 -17.47 47.27
C TYR D 297 -12.64 -16.04 47.68
N HIS D 298 -12.09 -15.08 46.94
CA HIS D 298 -12.32 -13.68 47.24
C HIS D 298 -12.44 -12.88 45.95
N ALA D 299 -13.18 -11.78 46.03
CA ALA D 299 -13.29 -10.83 44.93
C ALA D 299 -13.39 -9.44 45.55
N GLY D 300 -13.41 -8.41 44.73
CA GLY D 300 -13.58 -7.08 45.29
C GLY D 300 -13.45 -5.99 44.25
N PHE D 301 -13.55 -4.75 44.74
CA PHE D 301 -13.46 -3.59 43.87
C PHE D 301 -12.89 -2.41 44.64
N ASN D 302 -12.33 -1.46 43.89
CA ASN D 302 -11.72 -0.27 44.45
C ASN D 302 -12.71 0.88 44.50
N HIS D 303 -12.71 1.62 45.61
CA HIS D 303 -13.61 2.75 45.77
C HIS D 303 -13.14 3.97 44.97
N GLY D 304 -11.85 4.13 44.79
CA GLY D 304 -11.33 5.28 44.11
C GLY D 304 -9.84 5.13 43.88
N PHE D 305 -9.17 6.27 43.69
CA PHE D 305 -7.73 6.25 43.46
C PHE D 305 -7.01 5.72 44.69
N ASN D 306 -6.22 4.65 44.53
CA ASN D 306 -5.47 4.12 45.65
C ASN D 306 -4.27 3.33 45.14
N CYS D 307 -3.46 2.85 46.08
CA CYS D 307 -2.30 2.03 45.79
C CYS D 307 -2.14 0.95 46.86
N ALA D 308 -1.92 -0.28 46.40
CA ALA D 308 -1.79 -1.44 47.27
C ALA D 308 -0.51 -2.18 46.92
N GLU D 309 -0.02 -2.95 47.90
CA GLU D 309 1.15 -3.81 47.70
C GLU D 309 0.79 -5.19 48.19
N SER D 310 1.12 -6.21 47.39
CA SER D 310 0.65 -7.55 47.66
C SER D 310 1.72 -8.58 47.33
N THR D 311 1.68 -9.69 48.07
CA THR D 311 2.46 -10.87 47.72
C THR D 311 1.76 -12.09 48.32
N ASN D 312 2.28 -13.27 48.00
CA ASN D 312 1.79 -14.52 48.58
C ASN D 312 2.71 -14.97 49.70
N PHE D 313 2.19 -15.86 50.55
CA PHE D 313 3.05 -16.46 51.58
C PHE D 313 2.46 -17.79 51.99
N ALA D 314 3.16 -18.50 52.88
CA ALA D 314 2.77 -19.85 53.28
C ALA D 314 3.07 -20.10 54.75
N THR D 315 2.38 -21.10 55.28
CA THR D 315 2.63 -21.71 56.59
C THR D 315 2.76 -23.22 56.38
N ARG D 316 3.02 -23.96 57.45
CA ARG D 316 3.07 -25.40 57.32
C ARG D 316 1.74 -25.95 56.81
N ARG D 317 0.63 -25.41 57.31
CA ARG D 317 -0.69 -25.94 56.93
C ARG D 317 -0.96 -25.79 55.44
N TRP D 318 -0.31 -24.85 54.76
CA TRP D 318 -0.53 -24.70 53.33
C TRP D 318 -0.02 -25.90 52.54
N ILE D 319 0.95 -26.66 53.06
CA ILE D 319 1.59 -27.70 52.25
C ILE D 319 0.54 -28.63 51.66
N GLU D 320 -0.32 -29.19 52.50
CA GLU D 320 -1.36 -30.09 51.99
C GLU D 320 -2.21 -29.37 50.93
N TYR D 321 -2.60 -28.13 51.19
CA TYR D 321 -3.32 -27.33 50.21
C TYR D 321 -2.59 -27.31 48.87
N GLY D 322 -1.27 -27.12 48.90
CA GLY D 322 -0.50 -27.10 47.66
C GLY D 322 -0.47 -28.44 46.96
N LYS D 323 -0.49 -29.54 47.73
CA LYS D 323 -0.43 -30.86 47.12
C LYS D 323 -1.71 -31.17 46.35
N GLN D 324 -2.85 -30.69 46.84
CA GLN D 324 -4.14 -31.01 46.25
C GLN D 324 -4.70 -29.87 45.41
N ALA D 325 -3.91 -28.83 45.15
CA ALA D 325 -4.40 -27.69 44.39
C ALA D 325 -4.75 -28.09 42.97
N VAL D 326 -5.92 -27.68 42.51
CA VAL D 326 -6.36 -27.92 41.14
C VAL D 326 -5.98 -26.71 40.30
N LEU D 327 -5.22 -26.93 39.23
CA LEU D 327 -4.63 -25.84 38.48
C LEU D 327 -5.20 -25.77 37.07
N CYS D 328 -4.97 -24.62 36.45
CA CYS D 328 -5.34 -24.41 35.05
C CYS D 328 -4.40 -25.18 34.14
N SER D 329 -4.96 -25.88 33.15
CA SER D 329 -4.18 -26.68 32.23
C SER D 329 -4.26 -26.18 30.79
N CYS D 330 -4.72 -24.95 30.57
CA CYS D 330 -4.90 -24.42 29.22
C CYS D 330 -3.96 -23.25 28.91
N ARG D 331 -2.92 -23.05 29.73
CA ARG D 331 -1.99 -21.97 29.52
C ARG D 331 -0.56 -22.44 29.72
N LYS D 332 0.35 -21.92 28.89
CA LYS D 332 1.76 -22.24 29.04
C LYS D 332 2.34 -21.64 30.33
N ASP D 333 1.97 -20.39 30.64
CA ASP D 333 2.64 -19.63 31.69
C ASP D 333 1.93 -19.74 33.04
N MET D 334 0.97 -20.64 33.19
CA MET D 334 0.28 -20.79 34.47
C MET D 334 1.26 -21.20 35.57
N VAL D 335 0.98 -20.77 36.79
CA VAL D 335 1.91 -20.95 37.90
C VAL D 335 1.74 -22.36 38.44
N LYS D 336 2.77 -23.19 38.26
CA LYS D 336 2.81 -24.54 38.79
C LYS D 336 4.08 -24.68 39.63
N ILE D 337 3.92 -24.81 40.94
CA ILE D 337 5.03 -24.91 41.87
C ILE D 337 5.21 -26.37 42.25
N SER D 338 6.47 -26.79 42.37
CA SER D 338 6.78 -28.15 42.78
C SER D 338 6.70 -28.25 44.31
N MET D 339 5.92 -29.22 44.78
CA MET D 339 5.74 -29.45 46.21
C MET D 339 6.70 -30.49 46.76
N ASP D 340 7.64 -30.98 45.96
CA ASP D 340 8.54 -32.04 46.41
C ASP D 340 9.30 -31.64 47.66
N VAL D 341 9.97 -30.48 47.62
CA VAL D 341 10.84 -30.10 48.72
C VAL D 341 10.05 -29.88 50.00
N PHE D 342 8.90 -29.21 49.90
CA PHE D 342 8.09 -28.98 51.10
C PHE D 342 7.74 -30.29 51.79
N VAL D 343 7.30 -31.27 51.00
CA VAL D 343 6.94 -32.56 51.56
C VAL D 343 8.15 -33.21 52.20
N ARG D 344 9.28 -33.20 51.49
CA ARG D 344 10.49 -33.86 52.02
C ARG D 344 10.94 -33.22 53.32
N LYS D 345 10.81 -31.90 53.44
CA LYS D 345 11.26 -31.22 54.65
C LYS D 345 10.25 -31.30 55.78
N PHE D 346 8.96 -31.40 55.48
CA PHE D 346 7.92 -31.31 56.49
C PHE D 346 7.03 -32.54 56.62
N GLN D 347 6.87 -33.35 55.56
CA GLN D 347 6.09 -34.58 55.65
C GLN D 347 6.90 -35.78 55.13
N PRO D 348 8.12 -35.98 55.66
CA PRO D 348 8.91 -37.13 55.20
C PRO D 348 8.18 -38.46 55.31
N GLU D 349 7.50 -38.70 56.44
CA GLU D 349 6.80 -39.97 56.62
C GLU D 349 5.78 -40.21 55.51
N ARG D 350 5.30 -39.14 54.89
CA ARG D 350 4.36 -39.26 53.78
C ARG D 350 5.00 -39.03 52.42
N TYR D 351 6.27 -38.61 52.36
CA TYR D 351 6.86 -38.24 51.09
C TYR D 351 6.79 -39.37 50.08
N LYS D 352 7.51 -40.47 50.32
CA LYS D 352 7.58 -41.54 49.33
C LYS D 352 6.20 -42.02 48.92
N LEU D 353 5.24 -42.03 49.85
CA LEU D 353 3.87 -42.42 49.51
C LEU D 353 3.23 -41.41 48.57
N TRP D 354 3.47 -40.12 48.81
CA TRP D 354 2.91 -39.08 47.94
C TRP D 354 3.54 -39.13 46.56
N LYS D 355 4.88 -39.12 46.50
CA LYS D 355 5.58 -39.30 45.22
C LYS D 355 5.11 -40.58 44.53
N ALA D 356 4.72 -41.59 45.31
CA ALA D 356 4.06 -42.76 44.74
C ALA D 356 2.66 -42.42 44.23
N GLY D 357 2.02 -41.40 44.81
CA GLY D 357 0.74 -40.93 44.35
C GLY D 357 -0.46 -41.53 45.03
N LYS D 358 -0.26 -42.27 46.13
CA LYS D 358 -1.36 -42.93 46.84
C LYS D 358 -1.78 -42.16 48.09
N ASP D 359 -1.51 -40.87 48.16
CA ASP D 359 -1.80 -40.06 49.35
C ASP D 359 -3.19 -39.45 49.20
N ASN D 360 -4.15 -39.92 50.00
CA ASN D 360 -5.54 -39.49 49.94
C ASN D 360 -5.99 -38.81 51.22
N THR D 361 -5.08 -38.11 51.90
CA THR D 361 -5.48 -37.34 53.07
C THR D 361 -6.47 -36.25 52.67
N VAL D 362 -7.50 -36.08 53.48
CA VAL D 362 -8.58 -35.14 53.20
C VAL D 362 -8.47 -33.97 54.16
N ILE D 363 -8.49 -32.75 53.62
CA ILE D 363 -8.18 -31.56 54.39
C ILE D 363 -9.40 -31.13 55.22
N ASP D 364 -9.14 -30.66 56.43
CA ASP D 364 -10.15 -30.10 57.32
C ASP D 364 -9.87 -28.61 57.42
N HIS D 365 -10.72 -27.80 56.77
CA HIS D 365 -10.44 -26.37 56.67
C HIS D 365 -10.50 -25.65 58.01
N THR D 366 -11.15 -26.24 59.03
CA THR D 366 -11.26 -25.57 60.31
C THR D 366 -9.96 -25.59 61.12
N LEU D 367 -9.04 -26.50 60.80
CA LEU D 367 -7.89 -26.72 61.67
C LEU D 367 -6.91 -25.56 61.59
N PRO D 368 -6.50 -24.96 62.72
CA PRO D 368 -5.45 -23.94 62.68
C PRO D 368 -4.11 -24.54 62.28
N THR D 369 -3.17 -23.66 61.96
CA THR D 369 -1.86 -24.11 61.51
C THR D 369 -1.08 -24.72 62.68
N PRO D 370 -0.28 -25.76 62.43
CA PRO D 370 0.52 -26.35 63.51
C PRO D 370 1.48 -25.40 64.22
N GLU D 371 1.81 -24.24 63.64
CA GLU D 371 2.71 -23.30 64.30
C GLU D 371 2.03 -22.52 65.41
N ALA D 372 0.79 -22.87 65.78
CA ALA D 372 0.08 -22.28 66.90
C ALA D 372 0.22 -23.13 68.16
N ALA D 373 1.29 -23.91 68.27
CA ALA D 373 1.51 -24.75 69.44
C ALA D 373 1.60 -23.90 70.70
N GLU D 374 2.44 -22.86 70.66
CA GLU D 374 2.51 -21.86 71.72
C GLU D 374 1.13 -21.42 72.16
N PHE D 375 0.24 -21.15 71.20
CA PHE D 375 -1.15 -20.83 71.51
C PHE D 375 -1.95 -22.12 71.66
N LEU D 376 -3.27 -22.01 71.68
CA LEU D 376 -4.14 -23.18 71.81
C LEU D 376 -3.76 -24.01 73.04
O10 48V E 1 -1.73 2.93 -25.07
N01 48V E 1 0.47 2.64 -20.45
C02 48V E 1 -0.66 2.29 -19.79
C03 48V E 1 -0.85 0.80 -19.93
O04 48V E 1 0.09 0.10 -19.43
N05 48V E 1 -1.91 0.20 -20.54
C06 48V E 1 -1.88 3.01 -20.43
S07 48V E 1 -2.14 2.52 -22.09
C08 48V E 1 -1.12 3.72 -22.84
C09 48V E 1 -0.90 3.52 -24.39
N DTY E 2 0.43 4.12 -24.91
CA DTY E 2 0.06 4.34 -26.30
C DTY E 2 0.77 5.57 -26.86
O DTY E 2 1.88 5.87 -26.40
CB DTY E 2 0.44 3.03 -26.98
CG DTY E 2 0.41 3.12 -28.46
CD1 DTY E 2 -0.74 2.85 -29.15
CD2 DTY E 2 1.54 3.44 -29.16
CE1 DTY E 2 -0.74 2.94 -30.52
CE2 DTY E 2 1.56 3.52 -30.52
CZ DTY E 2 0.41 3.27 -31.20
OH DTY E 2 0.39 3.33 -32.52
N VAL E 3 0.19 6.29 -27.81
CA VAL E 3 0.85 7.48 -28.30
C VAL E 3 -0.10 8.64 -28.39
N TYR E 4 0.36 9.83 -28.08
CA TYR E 4 -0.45 11.03 -28.09
C TYR E 4 0.30 12.08 -28.90
N ASN E 5 -0.30 12.63 -29.95
CA ASN E 5 0.44 13.61 -30.76
C ASN E 5 0.29 15.10 -30.47
N THR E 6 1.24 15.57 -29.66
CA THR E 6 1.41 16.98 -29.25
C THR E 6 2.20 17.80 -30.29
N M3L E 7 2.23 19.12 -30.10
CA M3L E 7 2.91 20.05 -31.01
CB M3L E 7 2.69 21.50 -30.59
CG M3L E 7 2.47 22.38 -31.80
CD M3L E 7 2.74 23.87 -31.58
CE M3L E 7 4.20 24.19 -31.66
NZ M3L E 7 4.60 25.57 -31.34
C M3L E 7 4.39 19.87 -31.15
O M3L E 7 5.00 20.44 -32.08
CM1 M3L E 7 4.14 26.52 -32.33
CM2 M3L E 7 6.05 25.58 -31.27
CM3 M3L E 7 4.05 25.95 -30.07
N SER E 8 4.96 19.10 -30.21
CA SER E 8 6.35 18.72 -30.13
C SER E 8 6.52 17.30 -30.64
N GLY E 9 5.44 16.70 -31.12
CA GLY E 9 5.52 15.39 -31.70
C GLY E 9 4.84 14.29 -30.97
N TRP E 10 5.13 13.11 -31.41
CA TRP E 10 4.56 11.95 -30.82
C TRP E 10 5.11 11.82 -29.43
N ARG E 11 4.21 11.69 -28.46
CA ARG E 11 4.56 11.53 -27.06
C ARG E 11 4.15 10.16 -26.69
N TRP E 12 5.04 9.40 -26.09
CA TRP E 12 4.72 8.04 -25.75
C TRP E 12 4.49 7.91 -24.26
N TYR E 13 3.31 7.43 -23.94
CA TYR E 13 2.90 7.22 -22.59
C TYR E 13 2.54 5.80 -22.41
N THR E 14 2.83 5.29 -21.26
CA THR E 14 2.58 3.89 -20.91
C THR E 14 1.31 3.70 -20.06
N TYR F 4 3.62 1.48 -15.74
CA TYR F 4 3.04 0.21 -15.31
C TYR F 4 4.13 -0.73 -14.86
N ASN F 5 4.00 -1.28 -13.66
CA ASN F 5 5.02 -2.18 -13.17
C ASN F 5 4.75 -3.56 -13.72
N THR F 6 5.68 -4.01 -14.55
CA THR F 6 5.72 -5.27 -15.29
C THR F 6 6.97 -6.02 -14.97
N M3L F 7 6.88 -7.31 -15.11
CA M3L F 7 7.96 -8.33 -14.84
CB M3L F 7 7.41 -9.76 -15.09
CG M3L F 7 8.23 -10.92 -14.48
CD M3L F 7 8.32 -12.19 -15.33
CE M3L F 7 8.42 -13.44 -14.46
NZ M3L F 7 8.89 -14.60 -15.22
C M3L F 7 9.23 -8.21 -15.66
O M3L F 7 10.32 -8.62 -15.25
CM1 M3L F 7 10.24 -14.34 -15.71
CM2 M3L F 7 7.98 -14.88 -16.31
CM3 M3L F 7 8.95 -15.79 -14.39
N SER F 8 8.99 -7.83 -16.90
CA SER F 8 10.03 -7.60 -17.88
C SER F 8 10.60 -6.21 -17.71
N GLY F 9 10.15 -5.46 -16.72
CA GLY F 9 10.69 -4.15 -16.44
C GLY F 9 9.66 -3.08 -16.38
N TRP F 10 10.14 -1.87 -16.20
CA TRP F 10 9.26 -0.76 -16.09
C TRP F 10 8.85 -0.46 -17.51
N ARG F 11 7.57 -0.58 -17.77
CA ARG F 11 7.04 -0.37 -19.08
C ARG F 11 6.65 1.07 -19.18
O10 48V G 1 1.78 -3.32 23.49
N01 48V G 1 0.60 -8.30 24.55
C02 48V G 1 1.90 -8.67 24.38
C03 48V G 1 2.23 -9.68 25.41
O04 48V G 1 1.64 -9.52 26.45
N05 48V G 1 3.17 -10.66 25.27
C06 48V G 1 2.86 -7.52 24.76
S07 48V G 1 2.92 -6.18 23.64
C08 48V G 1 1.25 -5.68 23.86
C09 48V G 1 0.93 -4.19 23.57
N DTY G 2 -0.58 -3.93 23.44
CA DTY G 2 -0.76 -2.63 22.85
C DTY G 2 -1.84 -2.56 21.76
O DTY G 2 -2.76 -3.38 21.70
CB DTY G 2 -0.96 -1.67 24.04
CG DTY G 2 -1.12 -0.22 23.72
CD1 DTY G 2 -0.04 0.54 23.39
CD2 DTY G 2 -2.36 0.38 23.71
CE1 DTY G 2 -0.19 1.87 23.07
CE2 DTY G 2 -2.50 1.72 23.41
CZ DTY G 2 -1.40 2.46 23.09
OH DTY G 2 -1.52 3.77 22.78
N VAL G 3 -1.70 -1.55 20.89
CA VAL G 3 -2.61 -1.29 19.78
C VAL G 3 -1.91 -1.13 18.42
N TYR G 4 -2.66 -1.45 17.37
CA TYR G 4 -2.27 -1.38 15.98
C TYR G 4 -3.39 -0.65 15.23
N ASN G 5 -3.06 0.14 14.23
CA ASN G 5 -4.12 0.75 13.47
C ASN G 5 -4.34 -0.15 12.28
N THR G 6 -5.36 -0.98 12.43
CA THR G 6 -5.83 -1.86 11.38
C THR G 6 -6.94 -1.12 10.60
N M3L G 7 -7.41 -1.72 9.54
CA M3L G 7 -8.46 -1.08 8.73
CB M3L G 7 -8.72 -1.77 7.40
CG M3L G 7 -9.38 -0.82 6.40
CD M3L G 7 -10.56 -1.44 5.65
CE M3L G 7 -10.70 -0.89 4.24
NZ M3L G 7 -11.81 -1.49 3.48
C M3L G 7 -9.79 -0.88 9.40
O M3L G 7 -10.44 0.16 9.17
CM1 M3L G 7 -12.40 -0.49 2.58
CM2 M3L G 7 -12.87 -1.99 4.37
CM3 M3L G 7 -11.32 -2.61 2.67
N SER G 8 -10.22 -1.86 10.17
CA SER G 8 -11.47 -1.87 10.87
C SER G 8 -11.36 -1.13 12.20
N GLY G 9 -10.33 -0.32 12.36
CA GLY G 9 -10.13 0.41 13.57
C GLY G 9 -9.06 -0.17 14.45
N TRP G 10 -8.86 0.44 15.60
CA TRP G 10 -7.83 0.02 16.50
C TRP G 10 -8.02 -1.41 16.94
N ARG G 11 -6.95 -2.18 16.86
CA ARG G 11 -6.96 -3.58 17.21
C ARG G 11 -6.14 -3.74 18.45
N TRP G 12 -6.75 -4.34 19.46
CA TRP G 12 -6.05 -4.53 20.71
C TRP G 12 -5.44 -5.94 20.80
N TYR G 13 -4.13 -6.00 20.90
CA TYR G 13 -3.39 -7.22 21.00
C TYR G 13 -2.61 -7.23 22.29
N THR G 14 -2.58 -8.34 23.01
CA THR G 14 -1.85 -8.39 24.27
C THR G 14 -0.48 -8.94 23.96
N TYR H 4 -1.29 -12.82 27.32
CA TYR H 4 -0.25 -12.84 28.33
C TYR H 4 -0.75 -13.47 29.59
N ASN H 5 0.11 -14.12 30.34
CA ASN H 5 -0.37 -14.66 31.56
C ASN H 5 0.32 -13.86 32.66
N THR H 6 -0.51 -13.19 33.46
CA THR H 6 -0.11 -12.34 34.57
C THR H 6 -1.07 -12.62 35.74
N M3L H 7 -0.70 -12.34 36.97
CA M3L H 7 -1.55 -12.66 38.13
CB M3L H 7 -0.84 -12.85 39.47
CG M3L H 7 -0.47 -11.65 40.30
CD M3L H 7 -1.24 -11.65 41.60
CE M3L H 7 -0.37 -12.05 42.79
NZ M3L H 7 -0.55 -11.20 43.97
C M3L H 7 -2.90 -11.98 38.21
O M3L H 7 -3.84 -12.57 38.79
CM1 M3L H 7 -1.78 -10.42 43.94
CM2 M3L H 7 0.57 -10.27 44.09
CM3 M3L H 7 -0.53 -12.02 45.17
N SER H 8 -3.03 -10.75 37.72
CA SER H 8 -4.34 -10.10 37.70
C SER H 8 -5.28 -10.94 36.84
N GLY H 9 -4.75 -11.81 36.00
CA GLY H 9 -5.53 -12.66 35.17
C GLY H 9 -5.09 -12.61 33.76
N TRP H 10 -5.80 -13.34 32.93
CA TRP H 10 -5.52 -13.44 31.53
C TRP H 10 -5.51 -12.03 30.94
N ARG H 11 -4.46 -11.68 30.22
CA ARG H 11 -4.38 -10.35 29.66
C ARG H 11 -4.77 -10.31 28.20
NI NI I . 8.70 24.57 -34.95
ZN ZN J . 1.86 10.15 -39.88
C1 OGA K . 9.09 26.53 -32.85
C2 OGA K . 9.65 25.25 -32.42
C4 OGA K . 10.45 23.86 -30.60
C5 OGA K . 10.95 23.97 -29.18
O1 OGA K . 8.66 26.65 -34.02
O2 OGA K . 9.05 27.47 -32.03
O2' OGA K . 9.69 24.30 -33.19
O3 OGA K . 11.01 25.10 -28.63
N1 OGA K . 10.10 25.14 -31.17
O4 OGA K . 11.27 22.91 -28.57
C1 GOL L . -4.52 14.72 -28.87
O1 GOL L . -4.25 13.37 -29.20
C2 GOL L . -5.92 15.11 -29.33
O2 GOL L . -6.86 14.18 -28.86
C3 GOL L . -6.28 16.49 -28.82
O3 GOL L . -7.63 16.77 -29.13
C1 GOL M . 14.47 30.58 -12.74
O1 GOL M . 13.20 30.16 -12.27
C2 GOL M . 14.39 32.05 -13.15
O2 GOL M . 13.96 32.83 -12.06
C3 GOL M . 15.78 32.52 -13.60
O3 GOL M . 15.71 33.87 -13.98
CL CL N . 12.91 3.35 -41.59
NI NI O . 14.28 -13.91 -15.23
ZN ZN P . 13.11 0.68 -7.35
CL CL Q . 22.99 6.84 -12.81
C1 OGA R . 13.27 -15.81 -17.04
C2 OGA R . 13.48 -14.64 -17.89
C4 OGA R . 13.04 -13.47 -19.97
C5 OGA R . 12.51 -13.73 -21.36
O1 OGA R . 13.69 -15.82 -15.87
O2 OGA R . 12.65 -16.79 -17.52
O2' OGA R . 14.04 -13.65 -17.43
O3 OGA R . 12.29 -14.90 -21.73
N1 OGA R . 13.05 -14.66 -19.15
O4 OGA R . 12.32 -12.75 -22.12
C1 GOL S . -4.37 -20.41 -25.56
O1 GOL S . -3.65 -20.33 -26.77
C2 GOL S . -3.85 -19.39 -24.55
O2 GOL S . -4.31 -18.11 -24.90
C3 GOL S . -4.35 -19.74 -23.15
O3 GOL S . -3.89 -18.80 -22.23
C1 GOL T . 9.83 -3.28 -9.53
O1 GOL T . 11.14 -2.76 -9.56
C2 GOL T . 9.88 -4.80 -9.61
O2 GOL T . 10.58 -5.30 -8.49
C3 GOL T . 8.46 -5.36 -9.61
O3 GOL T . 8.46 -6.77 -9.65
C1 GOL U . 10.15 5.37 -17.43
O1 GOL U . 10.83 5.81 -16.27
C2 GOL U . 11.02 4.38 -18.17
O2 GOL U . 11.55 3.41 -17.28
C3 GOL U . 10.23 3.68 -19.28
O3 GOL U . 10.97 2.59 -19.77
NI NI V . -16.46 1.50 5.36
ZN ZN W . -7.24 9.67 16.79
CL CL X . -19.40 -21.81 1.65
C1 OGA Y . -17.13 -0.98 3.86
C2 OGA Y . -17.13 -1.33 5.27
C4 OGA Y . -17.18 -3.05 6.98
C5 OGA Y . -17.51 -4.52 7.16
O1 OGA Y . -16.93 0.20 3.50
O2 OGA Y . -17.34 -1.89 3.02
O2' OGA Y . -16.92 -0.47 6.12
O3 OGA Y . -17.38 -5.03 8.29
N1 OGA Y . -17.36 -2.59 5.63
O4 OGA Y . -17.91 -5.17 6.18
CL CL Z . -16.16 9.98 26.38
NI NI AA . -6.16 -12.63 45.58
ZN ZN BA . -7.34 -22.59 32.03
CL CL CA . -19.67 -20.55 28.93
C1 OGA DA . -4.84 -10.09 46.71
C2 OGA DA . -5.68 -9.71 45.57
C4 OGA DA . -6.29 -8.04 43.92
C5 OGA DA . -6.13 -6.58 43.62
O1 OGA DA . -4.15 -9.21 47.28
O2 OGA DA . -4.83 -11.27 47.11
O2' OGA DA . -6.38 -10.54 45.02
O3 OGA DA . -6.64 -6.12 42.58
N1 OGA DA . -5.64 -8.45 45.15
O4 OGA DA . -5.48 -5.86 44.42
#